data_4UW2
#
_entry.id   4UW2
#
_cell.length_a   57.894
_cell.length_b   158.292
_cell.length_c   299.275
_cell.angle_alpha   90.00
_cell.angle_beta   89.97
_cell.angle_gamma   90.00
#
_symmetry.space_group_name_H-M   'C 1 2 1'
#
loop_
_entity.id
_entity.type
_entity.pdbx_description
1 polymer CSM1
2 water water
#
_entity_poly.entity_id   1
_entity_poly.type   'polypeptide(L)'
_entity_poly.pdbx_seq_one_letter_code
;A(MSE)(MSE)EIDELTALGGLLHDIGKPVQRAGLYSGDHSTQGARFLRDLAENTGRAEYELLSLFSEFHHKGH(MSE)K
NDEL(MSE)IRRIKELSPERFGLT(MSE)EDVLNALWIVYEADNLASGEREEGQPQASRPLYSVFNPGKAYPWAELDFEK
ELPVPGDVFSIRSQDYRELVKRLWEELSKAKLRSDRLLPVLEKYLTFVSSVTSEGNIISLYDH(MSE)R(MSE)TSAIAL
A(MSE)LRAGCTAEDVRSGRCRKEKRFLLIEGDFSGIQDFIYRVSGKGTLKYLRARSAYLELIGWDVVLEILSRLGLTRA
NVVFNAGGHF(MSE)IIAQNTPDAVKELEEIRAKAVEWLYREFESDLYLAIEWEPVSGREFGREGGKNLFAEARKRLKHK
LTVRKLKRFGEIKGLFEHGHTERLAECPVCGRELPEGKLEPSASDPETKVCPTCNRLVSLGGNLPKLLGFGRTAKNDAGV
LVEGPFSGFVPYLQGGRPVGEQILVKNTLNPGEIPESAQFVPYFVADYFKKDPKGGVATFEELS(MSE)ASTGTRRLGV
(MSE)KGDVDRLGEFFSS(MSE)DSPSKLATASRF(MSE)DYFFKGYIGAIIEGKFGYIIGDVPSLRDWPEEPDIVVVYA
GGDDFFIVGAWDQIFELAFRVRRAFNAYTGGKLTLSVGLGYFDERTPIYR(MSE)ADVVSERLDTAKDEGRNRVFVVGRS
RPLDGKHKLSYEWNHYEELWRTYAPRIYAGNGRLKGKLESKKGLLWKLLEIRELYVRDPNDVRWAYLTAYLLGRHGLSDL
FPELVGIDTKAVERKEPQPVYWVDGVLKIVL(MSE)AVRR
;
_entity_poly.pdbx_strand_id   A,B,C,D
#
# COMPACT_ATOMS: atom_id res chain seq x y z
N ALA A 1 -47.30 -44.68 -22.34
CA ALA A 1 -46.53 -44.66 -21.11
C ALA A 1 -45.09 -45.11 -21.35
N GLU A 4 -39.92 -44.58 -25.21
CA GLU A 4 -39.21 -43.89 -26.28
C GLU A 4 -37.75 -44.31 -26.36
N ILE A 5 -37.06 -43.89 -27.41
CA ILE A 5 -35.64 -44.19 -27.57
C ILE A 5 -34.78 -43.14 -26.88
N ASP A 6 -35.34 -41.94 -26.70
CA ASP A 6 -34.64 -40.87 -26.00
C ASP A 6 -34.96 -40.91 -24.51
N GLU A 7 -35.29 -42.11 -24.03
CA GLU A 7 -35.57 -42.32 -22.61
C GLU A 7 -35.12 -43.73 -22.23
N LEU A 8 -34.79 -44.53 -23.23
CA LEU A 8 -34.27 -45.86 -23.01
C LEU A 8 -32.74 -45.85 -22.94
N THR A 9 -32.13 -45.11 -23.86
CA THR A 9 -30.68 -44.96 -23.89
C THR A 9 -30.21 -44.12 -22.70
N ALA A 10 -30.96 -43.09 -22.37
CA ALA A 10 -30.63 -42.20 -21.26
C ALA A 10 -30.69 -42.96 -19.92
N LEU A 11 -31.89 -43.42 -19.57
CA LEU A 11 -32.10 -44.14 -18.31
C LEU A 11 -31.27 -45.42 -18.25
N GLY A 12 -30.95 -45.96 -19.42
CA GLY A 12 -30.11 -47.15 -19.49
C GLY A 12 -28.68 -46.86 -19.06
N GLY A 13 -28.15 -45.75 -19.58
CA GLY A 13 -26.82 -45.31 -19.19
C GLY A 13 -26.84 -44.70 -17.80
N LEU A 14 -28.03 -44.32 -17.36
CA LEU A 14 -28.21 -43.75 -16.03
C LEU A 14 -28.20 -44.85 -14.98
N LEU A 15 -28.45 -46.08 -15.41
CA LEU A 15 -28.52 -47.22 -14.49
C LEU A 15 -27.57 -48.34 -14.87
N HIS A 16 -26.59 -48.05 -15.73
CA HIS A 16 -25.68 -49.07 -16.22
C HIS A 16 -24.73 -49.58 -15.13
N ASP A 17 -24.48 -48.75 -14.13
CA ASP A 17 -23.59 -49.13 -13.03
C ASP A 17 -24.30 -49.09 -11.69
N ILE A 18 -25.59 -49.42 -11.69
CA ILE A 18 -26.39 -49.46 -10.47
C ILE A 18 -26.09 -50.74 -9.70
N GLY A 19 -25.34 -51.64 -10.32
CA GLY A 19 -25.00 -52.90 -9.69
C GLY A 19 -23.82 -52.81 -8.75
N LYS A 20 -23.09 -51.70 -8.82
CA LYS A 20 -21.93 -51.51 -7.94
C LYS A 20 -22.31 -51.35 -6.47
N PRO A 21 -23.25 -50.43 -6.15
CA PRO A 21 -23.52 -50.24 -4.72
C PRO A 21 -24.19 -51.45 -4.07
N VAL A 22 -24.91 -52.24 -4.85
CA VAL A 22 -25.57 -53.42 -4.32
C VAL A 22 -24.58 -54.59 -4.23
N GLN A 23 -23.54 -54.55 -5.07
CA GLN A 23 -22.47 -55.54 -5.00
C GLN A 23 -21.65 -55.28 -3.75
N ARG A 24 -21.51 -54.00 -3.40
CA ARG A 24 -20.80 -53.60 -2.20
C ARG A 24 -21.66 -53.86 -0.98
N ALA A 25 -22.88 -54.33 -1.22
CA ALA A 25 -23.75 -54.81 -0.16
C ALA A 25 -23.79 -56.33 -0.18
N GLY A 26 -24.55 -56.92 0.73
CA GLY A 26 -24.69 -58.37 0.79
C GLY A 26 -25.88 -59.07 0.15
N LEU A 27 -26.42 -58.46 -0.90
CA LEU A 27 -27.62 -58.97 -1.55
C LEU A 27 -27.56 -60.15 -2.51
N TYR A 28 -26.83 -59.97 -3.62
CA TYR A 28 -26.71 -61.03 -4.62
C TYR A 28 -25.27 -61.53 -4.71
N SER A 29 -24.93 -62.14 -5.83
CA SER A 29 -23.57 -62.65 -6.04
C SER A 29 -23.11 -62.40 -7.48
N GLY A 30 -21.81 -62.58 -7.71
CA GLY A 30 -21.23 -62.33 -9.02
C GLY A 30 -20.76 -60.90 -9.14
N ASP A 31 -20.45 -60.48 -10.37
CA ASP A 31 -20.01 -59.11 -10.62
C ASP A 31 -21.18 -58.13 -10.49
N HIS A 32 -20.88 -56.85 -10.61
CA HIS A 32 -21.91 -55.82 -10.47
C HIS A 32 -22.89 -55.90 -11.64
N SER A 33 -22.45 -56.51 -12.74
CA SER A 33 -23.30 -56.70 -13.91
C SER A 33 -24.51 -57.56 -13.59
N THR A 34 -24.26 -58.71 -12.96
CA THR A 34 -25.32 -59.63 -12.61
C THR A 34 -26.27 -59.04 -11.57
N GLN A 35 -25.69 -58.48 -10.52
CA GLN A 35 -26.48 -57.98 -9.39
C GLN A 35 -27.31 -56.75 -9.76
N GLY A 36 -26.82 -55.97 -10.72
CA GLY A 36 -27.53 -54.79 -11.17
C GLY A 36 -28.79 -55.12 -11.95
N ALA A 37 -28.65 -56.04 -12.89
CA ALA A 37 -29.79 -56.51 -13.67
C ALA A 37 -30.76 -57.29 -12.78
N ARG A 38 -30.19 -58.00 -11.81
CA ARG A 38 -30.98 -58.75 -10.85
C ARG A 38 -31.77 -57.80 -9.96
N PHE A 39 -31.22 -56.61 -9.77
CA PHE A 39 -31.86 -55.58 -8.96
C PHE A 39 -32.99 -54.90 -9.73
N LEU A 40 -32.77 -54.68 -11.03
CA LEU A 40 -33.74 -54.00 -11.87
C LEU A 40 -34.84 -54.94 -12.34
N ARG A 41 -34.51 -56.21 -12.55
CA ARG A 41 -35.50 -57.20 -12.93
C ARG A 41 -36.47 -57.47 -11.78
N ASP A 42 -35.99 -57.26 -10.55
CA ASP A 42 -36.83 -57.42 -9.38
C ASP A 42 -37.64 -56.15 -9.12
N LEU A 43 -37.06 -55.01 -9.47
CA LEU A 43 -37.75 -53.73 -9.29
C LEU A 43 -38.93 -53.57 -10.24
N ALA A 44 -38.91 -54.33 -11.33
CA ALA A 44 -40.02 -54.35 -12.27
C ALA A 44 -41.24 -55.01 -11.64
N GLU A 45 -40.99 -55.92 -10.71
CA GLU A 45 -42.06 -56.61 -10.01
C GLU A 45 -42.55 -55.81 -8.81
N ASN A 46 -41.79 -54.78 -8.46
CA ASN A 46 -42.04 -54.01 -7.24
C ASN A 46 -42.87 -52.75 -7.47
N THR A 47 -44.16 -52.83 -7.14
CA THR A 47 -45.09 -51.69 -7.21
C THR A 47 -44.97 -50.94 -8.54
N GLY A 48 -45.17 -51.66 -9.64
CA GLY A 48 -45.05 -51.05 -10.95
C GLY A 48 -45.16 -52.07 -12.07
N ARG A 49 -45.11 -51.59 -13.31
CA ARG A 49 -45.22 -52.45 -14.46
C ARG A 49 -43.93 -53.22 -14.69
N ALA A 50 -43.89 -54.06 -15.71
CA ALA A 50 -42.66 -54.74 -16.09
C ALA A 50 -41.77 -53.79 -16.89
N GLU A 51 -41.29 -52.75 -16.22
CA GLU A 51 -40.56 -51.68 -16.88
C GLU A 51 -39.05 -51.92 -16.87
N TYR A 52 -38.48 -51.97 -15.68
CA TYR A 52 -37.03 -52.07 -15.49
C TYR A 52 -36.48 -53.41 -15.95
N GLU A 53 -37.39 -54.31 -16.33
CA GLU A 53 -37.04 -55.60 -16.91
C GLU A 53 -36.15 -55.43 -18.13
N LEU A 54 -36.50 -54.45 -18.96
CA LEU A 54 -35.73 -54.16 -20.17
C LEU A 54 -34.56 -53.25 -19.84
N LEU A 55 -34.76 -52.35 -18.87
CA LEU A 55 -33.72 -51.42 -18.44
C LEU A 55 -32.55 -52.15 -17.79
N SER A 56 -32.79 -53.38 -17.34
CA SER A 56 -31.77 -54.16 -16.66
C SER A 56 -30.68 -54.65 -17.61
N LEU A 57 -30.98 -54.62 -18.90
CA LEU A 57 -30.04 -55.09 -19.92
C LEU A 57 -28.78 -54.24 -19.98
N PHE A 58 -28.93 -52.95 -19.73
CA PHE A 58 -27.81 -52.01 -19.83
C PHE A 58 -26.79 -52.24 -18.71
N SER A 59 -27.26 -52.74 -17.58
CA SER A 59 -26.37 -53.06 -16.47
C SER A 59 -26.01 -54.55 -16.48
N GLU A 60 -26.58 -55.28 -17.44
CA GLU A 60 -26.41 -56.73 -17.49
C GLU A 60 -25.09 -57.14 -18.15
N PHE A 61 -24.54 -56.25 -18.96
CA PHE A 61 -23.29 -56.54 -19.66
C PHE A 61 -22.19 -55.57 -19.24
N ASN A 69 -19.71 -63.13 -25.80
CA ASN A 69 -20.64 -62.14 -25.28
C ASN A 69 -21.71 -61.80 -26.31
N ASP A 70 -21.29 -61.60 -27.56
CA ASP A 70 -22.19 -61.16 -28.61
C ASP A 70 -23.25 -62.20 -28.95
N GLU A 71 -22.96 -63.46 -28.65
CA GLU A 71 -23.97 -64.51 -28.82
C GLU A 71 -24.98 -64.42 -27.67
N LEU A 72 -24.48 -64.05 -26.50
CA LEU A 72 -25.31 -63.97 -25.31
C LEU A 72 -26.32 -62.83 -25.39
N ILE A 74 -27.54 -61.17 -28.24
CA ILE A 74 -28.50 -61.17 -29.35
C ILE A 74 -29.64 -62.15 -29.13
N ARG A 75 -29.41 -63.16 -28.29
CA ARG A 75 -30.44 -64.16 -28.02
C ARG A 75 -31.03 -63.99 -26.62
N ARG A 76 -30.93 -62.77 -26.09
CA ARG A 76 -31.47 -62.45 -24.77
C ARG A 76 -32.47 -61.30 -24.83
N ILE A 77 -32.37 -60.50 -25.90
CA ILE A 77 -33.28 -59.39 -26.08
C ILE A 77 -34.63 -59.88 -26.61
N LYS A 78 -34.60 -60.95 -27.39
CA LYS A 78 -35.82 -61.51 -27.97
C LYS A 78 -36.83 -61.84 -26.87
N GLU A 79 -36.38 -62.53 -25.84
CA GLU A 79 -37.25 -62.91 -24.72
C GLU A 79 -38.10 -61.74 -24.28
N LEU A 80 -37.60 -60.53 -24.49
CA LEU A 80 -38.33 -59.32 -24.10
C LEU A 80 -38.56 -58.41 -25.31
N SER A 81 -39.52 -57.50 -25.18
CA SER A 81 -39.84 -56.57 -26.25
C SER A 81 -38.62 -55.72 -26.63
N GLY A 86 -43.21 -49.68 -28.19
CA GLY A 86 -42.37 -50.82 -28.52
C GLY A 86 -41.04 -50.41 -29.11
N LEU A 87 -40.08 -51.32 -29.08
CA LEU A 87 -38.75 -51.05 -29.62
C LEU A 87 -38.56 -51.73 -30.98
N THR A 88 -39.22 -52.87 -31.16
CA THR A 88 -39.14 -53.62 -32.41
C THR A 88 -37.82 -54.41 -32.48
N GLU A 90 -35.21 -53.61 -32.26
CA GLU A 90 -34.24 -52.83 -33.02
C GLU A 90 -33.52 -51.78 -32.18
N ASP A 91 -34.28 -51.04 -31.38
CA ASP A 91 -33.73 -49.91 -30.64
C ASP A 91 -33.09 -50.32 -29.32
N VAL A 92 -32.79 -51.61 -29.18
CA VAL A 92 -32.18 -52.11 -27.94
C VAL A 92 -30.70 -52.43 -28.12
N LEU A 93 -30.38 -53.22 -29.14
CA LEU A 93 -29.00 -53.59 -29.41
C LEU A 93 -28.16 -52.36 -29.76
N ASN A 94 -28.78 -51.39 -30.42
CA ASN A 94 -28.09 -50.16 -30.77
C ASN A 94 -27.91 -49.25 -29.56
N ALA A 95 -28.89 -49.24 -28.67
CA ALA A 95 -28.82 -48.45 -27.45
C ALA A 95 -27.95 -49.14 -26.41
N LEU A 96 -27.55 -50.36 -26.71
CA LEU A 96 -26.76 -51.16 -25.78
C LEU A 96 -25.28 -50.80 -25.84
N TRP A 97 -24.71 -50.90 -27.04
CA TRP A 97 -23.28 -50.63 -27.24
C TRP A 97 -22.95 -49.16 -27.01
N ILE A 98 -23.94 -48.30 -27.21
CA ILE A 98 -23.79 -46.86 -27.01
C ILE A 98 -23.43 -46.54 -25.55
N VAL A 99 -24.12 -47.21 -24.62
CA VAL A 99 -23.91 -46.97 -23.20
C VAL A 99 -22.50 -47.36 -22.74
N TYR A 100 -22.01 -48.49 -23.23
CA TYR A 100 -20.69 -48.99 -22.83
C TYR A 100 -19.58 -48.03 -23.25
N GLU A 101 -19.76 -47.37 -24.39
CA GLU A 101 -18.77 -46.42 -24.89
C GLU A 101 -18.80 -45.12 -24.08
N ALA A 102 -19.99 -44.75 -23.62
CA ALA A 102 -20.16 -43.51 -22.86
C ALA A 102 -19.35 -43.53 -21.56
N ASP A 103 -19.19 -44.72 -20.97
CA ASP A 103 -18.42 -44.87 -19.74
C ASP A 103 -16.95 -44.54 -19.98
N ASN A 104 -16.40 -45.07 -21.07
CA ASN A 104 -15.02 -44.79 -21.43
C ASN A 104 -14.84 -43.31 -21.76
N LEU A 105 -15.87 -42.70 -22.32
CA LEU A 105 -15.87 -41.28 -22.62
C LEU A 105 -16.05 -40.48 -21.33
N ALA A 106 -16.82 -41.02 -20.40
CA ALA A 106 -17.00 -40.41 -19.10
C ALA A 106 -15.70 -40.41 -18.32
N SER A 107 -15.06 -41.57 -18.26
CA SER A 107 -13.78 -41.72 -17.59
C SER A 107 -13.08 -43.01 -18.05
N GLY A 108 -11.85 -42.87 -18.52
CA GLY A 108 -11.08 -44.01 -18.99
C GLY A 108 -9.59 -43.82 -18.85
N GLN A 114 -6.58 -56.20 -8.37
CA GLN A 114 -8.02 -56.25 -8.19
C GLN A 114 -8.49 -55.11 -7.28
N PRO A 115 -9.33 -54.17 -7.90
CA PRO A 115 -9.77 -53.10 -6.98
C PRO A 115 -10.42 -53.66 -5.72
N GLN A 116 -10.70 -52.79 -4.76
CA GLN A 116 -11.33 -53.21 -3.50
C GLN A 116 -12.85 -53.10 -3.58
N ALA A 117 -13.49 -52.99 -2.43
CA ALA A 117 -14.94 -52.89 -2.36
C ALA A 117 -15.37 -52.01 -1.18
N SER A 118 -14.51 -51.91 -0.17
CA SER A 118 -14.80 -51.11 1.00
C SER A 118 -14.09 -49.77 0.95
N ARG A 119 -13.52 -49.45 -0.20
CA ARG A 119 -12.81 -48.20 -0.40
C ARG A 119 -13.77 -47.02 -0.51
N PRO A 120 -13.56 -46.00 0.32
CA PRO A 120 -14.41 -44.81 0.32
C PRO A 120 -14.11 -43.85 -0.81
N LEU A 121 -15.06 -42.96 -1.10
CA LEU A 121 -14.87 -41.92 -2.09
C LEU A 121 -13.84 -40.91 -1.59
N TYR A 122 -12.87 -40.58 -2.44
CA TYR A 122 -11.84 -39.61 -2.08
C TYR A 122 -12.23 -38.22 -2.57
N SER A 123 -11.64 -37.20 -1.97
CA SER A 123 -12.01 -35.82 -2.26
C SER A 123 -11.36 -35.33 -3.56
N VAL A 124 -12.16 -34.65 -4.38
CA VAL A 124 -11.67 -34.03 -5.60
C VAL A 124 -10.78 -32.84 -5.24
N PHE A 125 -11.01 -32.28 -4.07
CA PHE A 125 -10.19 -31.19 -3.55
C PHE A 125 -8.87 -31.73 -2.99
N ASN A 126 -8.94 -32.86 -2.32
CA ASN A 126 -7.76 -33.49 -1.73
C ASN A 126 -7.78 -35.00 -1.92
N PRO A 127 -7.06 -35.49 -2.93
CA PRO A 127 -7.03 -36.91 -3.29
C PRO A 127 -6.51 -37.81 -2.17
N GLY A 128 -5.71 -37.24 -1.26
CA GLY A 128 -5.16 -38.00 -0.15
C GLY A 128 -6.18 -38.28 0.94
N LYS A 129 -7.27 -37.52 0.93
CA LYS A 129 -8.32 -37.67 1.95
C LYS A 129 -9.59 -38.28 1.36
N ALA A 130 -10.37 -38.95 2.22
CA ALA A 130 -11.59 -39.62 1.78
C ALA A 130 -12.80 -39.17 2.60
N TYR A 131 -13.99 -39.44 2.07
CA TYR A 131 -15.24 -39.02 2.74
C TYR A 131 -15.80 -40.10 3.65
N PRO A 132 -15.89 -39.81 4.96
CA PRO A 132 -16.45 -40.73 5.95
C PRO A 132 -17.93 -41.00 5.71
N TRP A 133 -18.39 -42.19 6.10
CA TRP A 133 -19.75 -42.63 5.83
C TRP A 133 -20.80 -41.77 6.53
N ALA A 134 -21.32 -40.79 5.81
CA ALA A 134 -22.38 -39.92 6.33
C ALA A 134 -23.39 -39.61 5.23
N GLU A 135 -24.65 -39.45 5.62
CA GLU A 135 -25.72 -39.18 4.66
C GLU A 135 -25.64 -37.74 4.13
N LEU A 136 -26.28 -37.51 3.00
CA LEU A 136 -26.31 -36.18 2.38
C LEU A 136 -27.37 -35.29 3.00
N ASP A 137 -26.92 -34.26 3.71
CA ASP A 137 -27.82 -33.29 4.29
C ASP A 137 -27.16 -31.93 4.34
N PHE A 138 -27.80 -30.93 3.75
CA PHE A 138 -27.28 -29.57 3.74
C PHE A 138 -27.38 -28.96 5.13
N GLU A 139 -28.11 -29.65 6.00
CA GLU A 139 -28.24 -29.25 7.39
C GLU A 139 -27.59 -30.28 8.32
N LYS A 140 -26.73 -29.80 9.21
CA LYS A 140 -26.10 -30.63 10.24
C LYS A 140 -25.23 -31.75 9.69
N GLU A 141 -24.79 -31.63 8.44
CA GLU A 141 -23.93 -32.64 7.83
C GLU A 141 -22.90 -32.03 6.88
N LEU A 142 -21.96 -31.27 7.42
CA LEU A 142 -20.89 -30.68 6.61
C LEU A 142 -19.85 -31.75 6.28
N PRO A 143 -19.70 -32.06 4.98
CA PRO A 143 -18.76 -33.09 4.52
C PRO A 143 -17.31 -32.70 4.78
N VAL A 144 -16.60 -33.53 5.54
CA VAL A 144 -15.19 -33.28 5.84
C VAL A 144 -14.34 -34.49 5.48
N PRO A 145 -13.48 -34.33 4.46
CA PRO A 145 -12.56 -35.40 4.05
C PRO A 145 -11.53 -35.71 5.14
N GLY A 146 -11.57 -36.91 5.68
CA GLY A 146 -10.67 -37.30 6.75
C GLY A 146 -9.83 -38.51 6.39
N ASP A 147 -9.32 -39.18 7.41
CA ASP A 147 -8.50 -40.38 7.20
C ASP A 147 -9.32 -41.47 6.50
N VAL A 148 -8.62 -42.37 5.81
CA VAL A 148 -9.28 -43.40 5.02
C VAL A 148 -9.84 -44.51 5.90
N PHE A 149 -11.17 -44.62 5.92
CA PHE A 149 -11.85 -45.66 6.70
C PHE A 149 -12.76 -46.49 5.80
N SER A 150 -12.54 -47.80 5.79
CA SER A 150 -13.28 -48.71 4.92
C SER A 150 -14.75 -48.79 5.28
N ILE A 151 -15.58 -49.08 4.27
CA ILE A 151 -17.03 -49.09 4.45
C ILE A 151 -17.58 -50.51 4.53
N ARG A 152 -18.43 -50.76 5.53
CA ARG A 152 -19.02 -52.08 5.71
C ARG A 152 -20.24 -52.28 4.82
N SER A 153 -20.45 -53.52 4.39
CA SER A 153 -21.54 -53.85 3.48
C SER A 153 -22.91 -53.60 4.11
N GLN A 154 -22.96 -53.67 5.44
CA GLN A 154 -24.21 -53.46 6.16
C GLN A 154 -24.70 -52.03 5.98
N ASP A 155 -23.77 -51.11 5.78
CA ASP A 155 -24.10 -49.72 5.55
C ASP A 155 -24.59 -49.50 4.13
N TYR A 156 -24.08 -50.31 3.20
CA TYR A 156 -24.55 -50.30 1.83
C TYR A 156 -25.94 -50.91 1.72
N ARG A 157 -26.19 -51.95 2.51
CA ARG A 157 -27.49 -52.62 2.52
C ARG A 157 -28.60 -51.67 2.95
N GLU A 158 -28.37 -50.95 4.04
CA GLU A 158 -29.36 -49.99 4.53
C GLU A 158 -29.38 -48.76 3.63
N LEU A 159 -28.33 -48.59 2.84
CA LEU A 159 -28.30 -47.57 1.80
C LEU A 159 -29.23 -47.97 0.65
N VAL A 160 -29.07 -49.21 0.19
CA VAL A 160 -29.93 -49.76 -0.85
C VAL A 160 -31.37 -49.86 -0.35
N LYS A 161 -31.52 -50.13 0.94
CA LYS A 161 -32.82 -50.20 1.59
C LYS A 161 -33.65 -48.95 1.30
N ARG A 162 -33.00 -47.80 1.31
CA ARG A 162 -33.66 -46.55 0.94
C ARG A 162 -33.68 -46.37 -0.58
N LEU A 163 -32.61 -46.83 -1.22
CA LEU A 163 -32.49 -46.73 -2.68
C LEU A 163 -33.49 -47.65 -3.36
N TRP A 164 -33.97 -48.65 -2.63
CA TRP A 164 -34.97 -49.58 -3.12
C TRP A 164 -36.36 -48.97 -3.08
N GLU A 165 -36.67 -48.28 -1.99
CA GLU A 165 -38.00 -47.75 -1.76
C GLU A 165 -38.26 -46.44 -2.48
N GLU A 166 -37.19 -45.72 -2.83
CA GLU A 166 -37.32 -44.44 -3.49
C GLU A 166 -37.38 -44.59 -5.01
N LEU A 167 -36.61 -45.53 -5.54
CA LEU A 167 -36.63 -45.82 -6.97
C LEU A 167 -37.98 -46.41 -7.38
N SER A 168 -38.63 -47.07 -6.43
CA SER A 168 -39.96 -47.64 -6.66
C SER A 168 -41.04 -46.57 -6.53
N LYS A 169 -40.88 -45.71 -5.52
CA LYS A 169 -41.84 -44.65 -5.27
C LYS A 169 -41.81 -43.61 -6.39
N ALA A 170 -40.61 -43.17 -6.75
CA ALA A 170 -40.45 -42.19 -7.83
C ALA A 170 -40.86 -42.79 -9.17
N LYS A 171 -41.25 -41.93 -10.10
CA LYS A 171 -41.72 -42.37 -11.39
C LYS A 171 -40.55 -42.77 -12.28
N LEU A 172 -40.86 -43.39 -13.42
CA LEU A 172 -39.81 -43.79 -14.36
C LEU A 172 -39.60 -42.70 -15.41
N ARG A 173 -38.79 -41.71 -15.06
CA ARG A 173 -38.43 -40.63 -15.96
C ARG A 173 -37.17 -39.95 -15.44
N SER A 174 -36.46 -39.25 -16.33
CA SER A 174 -35.19 -38.62 -15.96
C SER A 174 -35.34 -37.63 -14.81
N ASP A 175 -36.41 -36.84 -14.85
CA ASP A 175 -36.63 -35.83 -13.82
C ASP A 175 -36.99 -36.44 -12.47
N ARG A 176 -37.15 -37.76 -12.44
CA ARG A 176 -37.50 -38.46 -11.21
C ARG A 176 -36.36 -39.32 -10.68
N LEU A 177 -35.63 -39.97 -11.58
CA LEU A 177 -34.56 -40.87 -11.17
C LEU A 177 -33.24 -40.14 -10.93
N LEU A 178 -33.02 -39.05 -11.65
CA LEU A 178 -31.82 -38.23 -11.46
C LEU A 178 -31.65 -37.71 -10.02
N PRO A 179 -32.72 -37.15 -9.41
CA PRO A 179 -32.50 -36.66 -8.05
C PRO A 179 -32.37 -37.78 -7.02
N VAL A 180 -32.98 -38.93 -7.28
CA VAL A 180 -32.91 -40.05 -6.35
C VAL A 180 -31.53 -40.72 -6.40
N LEU A 181 -30.97 -40.81 -7.60
CA LEU A 181 -29.62 -41.35 -7.77
C LEU A 181 -28.59 -40.35 -7.26
N GLU A 182 -29.02 -39.11 -7.06
CA GLU A 182 -28.14 -38.06 -6.54
C GLU A 182 -28.26 -37.95 -5.04
N LYS A 183 -29.45 -38.20 -4.52
CA LYS A 183 -29.73 -38.02 -3.10
C LYS A 183 -29.05 -39.09 -2.25
N TYR A 184 -28.72 -40.23 -2.87
CA TYR A 184 -28.17 -41.35 -2.12
C TYR A 184 -26.79 -41.78 -2.61
N LEU A 185 -26.53 -41.64 -3.91
CA LEU A 185 -25.28 -42.10 -4.48
C LEU A 185 -24.29 -40.95 -4.73
N THR A 186 -24.25 -40.00 -3.80
CA THR A 186 -23.36 -38.85 -3.94
C THR A 186 -21.99 -39.11 -3.32
N PHE A 187 -21.98 -39.44 -2.04
CA PHE A 187 -20.72 -39.65 -1.32
C PHE A 187 -20.30 -41.11 -1.36
N VAL A 188 -20.37 -41.70 -2.55
CA VAL A 188 -19.91 -43.07 -2.76
C VAL A 188 -19.06 -43.11 -4.03
N SER A 189 -17.90 -43.76 -3.94
CA SER A 189 -16.96 -43.81 -5.04
C SER A 189 -17.56 -44.50 -6.26
N SER A 190 -17.17 -44.05 -7.45
CA SER A 190 -17.62 -44.66 -8.68
C SER A 190 -16.76 -45.88 -9.02
N VAL A 191 -15.46 -45.74 -8.76
CA VAL A 191 -14.52 -46.84 -8.93
C VAL A 191 -13.67 -46.98 -7.67
N THR A 192 -13.84 -48.10 -6.97
CA THR A 192 -13.14 -48.33 -5.71
C THR A 192 -11.63 -48.49 -5.92
N SER A 193 -10.95 -47.36 -6.11
CA SER A 193 -9.49 -47.36 -6.26
C SER A 193 -8.90 -46.24 -5.42
N GLU A 194 -7.64 -46.38 -5.05
CA GLU A 194 -6.98 -45.39 -4.19
C GLU A 194 -6.78 -44.07 -4.91
N GLY A 195 -7.60 -43.08 -4.58
CA GLY A 195 -7.48 -41.75 -5.14
C GLY A 195 -8.63 -41.36 -6.05
N ASN A 196 -9.62 -42.24 -6.17
CA ASN A 196 -10.76 -41.97 -7.02
C ASN A 196 -11.63 -40.84 -6.48
N ILE A 197 -11.78 -39.79 -7.27
CA ILE A 197 -12.50 -38.59 -6.85
C ILE A 197 -13.84 -38.49 -7.56
N ILE A 198 -14.06 -39.38 -8.51
CA ILE A 198 -15.29 -39.40 -9.30
C ILE A 198 -16.47 -39.94 -8.50
N SER A 199 -17.45 -39.09 -8.28
CA SER A 199 -18.66 -39.48 -7.56
C SER A 199 -19.44 -40.53 -8.36
N LEU A 200 -20.18 -41.37 -7.65
CA LEU A 200 -20.98 -42.40 -8.29
C LEU A 200 -22.07 -41.78 -9.16
N TYR A 201 -22.78 -40.81 -8.60
CA TYR A 201 -23.87 -40.15 -9.31
C TYR A 201 -23.39 -39.45 -10.57
N ASP A 202 -22.30 -38.69 -10.44
CA ASP A 202 -21.74 -37.97 -11.56
C ASP A 202 -21.26 -38.92 -12.66
N HIS A 203 -20.73 -40.06 -12.26
CA HIS A 203 -20.29 -41.09 -13.19
C HIS A 203 -21.46 -41.54 -14.07
N ARG A 205 -24.17 -40.13 -14.43
CA ARG A 205 -24.94 -38.97 -14.88
C ARG A 205 -24.69 -38.68 -16.36
N THR A 207 -23.11 -40.59 -18.43
CA THR A 207 -23.31 -41.80 -19.20
C THR A 207 -24.70 -41.75 -19.83
N SER A 208 -25.63 -41.11 -19.13
CA SER A 208 -26.94 -40.83 -19.69
C SER A 208 -26.86 -39.67 -20.68
N ALA A 209 -26.10 -38.65 -20.32
CA ALA A 209 -25.98 -37.44 -21.12
C ALA A 209 -25.28 -37.70 -22.45
N ILE A 210 -24.10 -38.30 -22.38
CA ILE A 210 -23.28 -38.55 -23.55
C ILE A 210 -23.95 -39.56 -24.50
N ALA A 211 -24.59 -40.57 -23.92
CA ALA A 211 -25.28 -41.59 -24.71
C ALA A 211 -26.45 -40.98 -25.48
N LEU A 212 -27.28 -40.21 -24.77
CA LEU A 212 -28.41 -39.54 -25.38
C LEU A 212 -27.96 -38.59 -26.47
N ALA A 213 -26.82 -37.93 -26.23
CA ALA A 213 -26.27 -36.99 -27.19
C ALA A 213 -25.87 -37.68 -28.50
N LEU A 215 -26.61 -40.49 -29.72
CA LEU A 215 -27.76 -41.09 -30.40
C LEU A 215 -28.43 -40.06 -31.30
N ARG A 216 -28.46 -38.81 -30.83
CA ARG A 216 -29.00 -37.71 -31.60
C ARG A 216 -28.05 -37.34 -32.74
N ALA A 217 -26.78 -37.67 -32.58
CA ALA A 217 -25.77 -37.41 -33.60
C ALA A 217 -25.80 -38.49 -34.68
N GLY A 218 -26.66 -39.49 -34.47
CA GLY A 218 -26.79 -40.58 -35.43
C GLY A 218 -25.75 -41.67 -35.21
N CYS A 219 -25.40 -41.89 -33.95
CA CYS A 219 -24.42 -42.92 -33.62
C CYS A 219 -25.10 -44.26 -33.36
N THR A 220 -25.79 -44.77 -34.38
CA THR A 220 -26.40 -46.08 -34.30
C THR A 220 -25.31 -47.14 -34.43
N ALA A 221 -25.40 -48.18 -33.59
CA ALA A 221 -24.34 -49.19 -33.48
C ALA A 221 -23.90 -49.78 -34.80
N GLU A 222 -22.60 -50.02 -34.94
CA GLU A 222 -22.03 -50.59 -36.16
C GLU A 222 -21.87 -52.10 -36.03
N ARG A 230 -14.07 -44.81 -35.69
CA ARG A 230 -14.99 -44.75 -34.57
C ARG A 230 -15.02 -43.35 -33.95
N LYS A 231 -13.88 -42.65 -34.04
CA LYS A 231 -13.75 -41.32 -33.45
C LYS A 231 -14.15 -40.24 -34.45
N GLU A 232 -15.15 -39.43 -34.10
CA GLU A 232 -15.63 -38.39 -35.00
C GLU A 232 -15.95 -37.07 -34.32
N LYS A 233 -16.37 -36.09 -35.11
CA LYS A 233 -16.71 -34.77 -34.59
C LYS A 233 -18.19 -34.66 -34.29
N ARG A 234 -18.82 -35.79 -33.99
CA ARG A 234 -20.25 -35.83 -33.67
C ARG A 234 -20.48 -35.60 -32.19
N PHE A 235 -19.95 -34.50 -31.66
CA PHE A 235 -20.11 -34.17 -30.24
C PHE A 235 -19.97 -32.66 -30.03
N LEU A 236 -20.88 -32.08 -29.25
CA LEU A 236 -20.82 -30.65 -28.96
C LEU A 236 -20.57 -30.38 -27.48
N LEU A 237 -19.98 -29.22 -27.21
CA LEU A 237 -19.73 -28.78 -25.84
C LEU A 237 -20.08 -27.30 -25.71
N ILE A 238 -21.29 -27.02 -25.25
CA ILE A 238 -21.80 -25.66 -25.18
C ILE A 238 -21.68 -25.06 -23.78
N GLU A 239 -21.26 -23.81 -23.72
CA GLU A 239 -21.22 -23.07 -22.47
C GLU A 239 -21.86 -21.69 -22.64
N GLY A 240 -22.67 -21.29 -21.67
CA GLY A 240 -23.34 -20.00 -21.72
C GLY A 240 -23.22 -19.25 -20.41
N ASP A 241 -22.92 -17.96 -20.50
CA ASP A 241 -22.79 -17.12 -19.32
C ASP A 241 -23.03 -15.66 -19.66
N PHE A 242 -23.24 -14.84 -18.64
CA PHE A 242 -23.49 -13.42 -18.85
C PHE A 242 -22.22 -12.60 -18.65
N SER A 243 -22.36 -11.28 -18.62
CA SER A 243 -21.20 -10.40 -18.49
C SER A 243 -21.29 -9.51 -17.26
N GLY A 244 -22.05 -8.42 -17.37
CA GLY A 244 -22.19 -7.47 -16.28
C GLY A 244 -23.16 -7.94 -15.21
N ILE A 245 -22.82 -9.05 -14.57
CA ILE A 245 -23.66 -9.61 -13.52
C ILE A 245 -23.65 -8.75 -12.26
N GLN A 246 -22.45 -8.41 -11.80
CA GLN A 246 -22.29 -7.62 -10.59
C GLN A 246 -22.82 -6.20 -10.77
N ASP A 247 -22.58 -5.62 -11.94
CA ASP A 247 -23.02 -4.27 -12.24
C ASP A 247 -24.52 -4.19 -12.49
N PHE A 248 -25.17 -5.35 -12.48
CA PHE A 248 -26.61 -5.43 -12.69
C PHE A 248 -27.36 -5.55 -11.37
N ILE A 249 -26.70 -6.13 -10.38
CA ILE A 249 -27.35 -6.41 -9.10
C ILE A 249 -27.30 -5.23 -8.14
N TYR A 250 -26.11 -4.80 -7.75
CA TYR A 250 -25.99 -3.77 -6.72
C TYR A 250 -25.53 -2.41 -7.25
N ARG A 251 -25.65 -2.21 -8.56
CA ARG A 251 -25.24 -0.96 -9.18
C ARG A 251 -26.34 -0.41 -10.09
N VAL A 252 -27.57 -0.44 -9.60
CA VAL A 252 -28.71 0.05 -10.36
C VAL A 252 -28.96 1.53 -10.10
N SER A 253 -28.90 1.93 -8.83
CA SER A 253 -29.11 3.31 -8.45
C SER A 253 -30.60 3.67 -8.47
N GLY A 254 -31.43 2.75 -7.98
CA GLY A 254 -32.86 2.97 -7.95
C GLY A 254 -33.52 2.27 -6.78
N LYS A 255 -34.10 3.05 -5.87
CA LYS A 255 -34.77 2.51 -4.70
C LYS A 255 -35.78 1.43 -5.09
N GLY A 256 -35.60 0.23 -4.55
CA GLY A 256 -34.50 -0.04 -3.63
C GLY A 256 -34.99 -0.51 -2.28
N THR A 257 -34.10 -1.14 -1.49
CA THR A 257 -32.72 -1.40 -1.89
C THR A 257 -32.36 -2.88 -1.70
N LEU A 258 -32.08 -3.26 -0.46
CA LEU A 258 -31.72 -4.64 -0.15
C LEU A 258 -32.68 -5.62 -0.81
N LYS A 259 -33.98 -5.44 -0.56
CA LYS A 259 -35.00 -6.31 -1.14
C LYS A 259 -34.81 -6.46 -2.64
N TYR A 260 -34.43 -5.37 -3.30
CA TYR A 260 -34.21 -5.39 -4.74
C TYR A 260 -32.97 -6.20 -5.10
N LEU A 261 -31.91 -6.03 -4.32
CA LEU A 261 -30.66 -6.75 -4.55
C LEU A 261 -30.97 -8.24 -4.66
N ARG A 262 -31.85 -8.71 -3.79
CA ARG A 262 -32.25 -10.11 -3.78
C ARG A 262 -33.16 -10.42 -4.97
N ALA A 263 -34.00 -9.46 -5.34
CA ALA A 263 -34.94 -9.63 -6.44
C ALA A 263 -34.21 -9.86 -7.76
N ARG A 264 -33.24 -9.00 -8.05
CA ARG A 264 -32.46 -9.11 -9.28
C ARG A 264 -31.51 -10.31 -9.22
N SER A 265 -31.27 -10.79 -8.00
CA SER A 265 -30.48 -12.00 -7.80
C SER A 265 -31.34 -13.24 -8.00
N ALA A 266 -32.59 -13.17 -7.54
CA ALA A 266 -33.53 -14.27 -7.70
C ALA A 266 -34.19 -14.23 -9.07
N TYR A 267 -33.72 -13.31 -9.91
CA TYR A 267 -34.20 -13.21 -11.28
C TYR A 267 -33.21 -13.90 -12.21
N LEU A 268 -31.93 -13.68 -11.96
CA LEU A 268 -30.86 -14.26 -12.76
C LEU A 268 -30.92 -15.78 -12.77
N GLU A 269 -31.37 -16.36 -11.66
CA GLU A 269 -31.53 -17.81 -11.55
C GLU A 269 -32.61 -18.31 -12.50
N LEU A 270 -33.64 -17.50 -12.71
CA LEU A 270 -34.74 -17.85 -13.59
C LEU A 270 -34.34 -17.68 -15.05
N ILE A 271 -33.69 -16.56 -15.35
CA ILE A 271 -33.22 -16.29 -16.70
C ILE A 271 -32.23 -17.36 -17.15
N GLY A 272 -31.38 -17.81 -16.23
CA GLY A 272 -30.42 -18.85 -16.50
C GLY A 272 -31.06 -20.16 -16.94
N TRP A 273 -31.82 -20.78 -16.04
CA TRP A 273 -32.51 -22.02 -16.35
C TRP A 273 -33.42 -21.85 -17.55
N ASP A 274 -34.16 -20.74 -17.58
CA ASP A 274 -35.06 -20.44 -18.69
C ASP A 274 -34.36 -20.65 -20.03
N VAL A 275 -33.17 -20.08 -20.16
CA VAL A 275 -32.38 -20.23 -21.37
C VAL A 275 -31.90 -21.67 -21.53
N VAL A 276 -31.65 -22.32 -20.39
CA VAL A 276 -31.20 -23.72 -20.39
C VAL A 276 -32.35 -24.69 -20.64
N LEU A 277 -33.48 -24.48 -19.95
CA LEU A 277 -34.63 -25.37 -20.09
C LEU A 277 -35.27 -25.25 -21.48
N GLU A 278 -34.92 -24.20 -22.20
CA GLU A 278 -35.38 -24.03 -23.58
C GLU A 278 -34.46 -24.81 -24.51
N ILE A 279 -33.21 -24.99 -24.09
CA ILE A 279 -32.26 -25.79 -24.85
C ILE A 279 -32.56 -27.27 -24.67
N LEU A 280 -32.93 -27.65 -23.46
CA LEU A 280 -33.22 -29.05 -23.14
C LEU A 280 -34.48 -29.54 -23.86
N SER A 281 -35.42 -28.64 -24.07
CA SER A 281 -36.69 -28.99 -24.71
C SER A 281 -36.54 -29.09 -26.22
N ARG A 282 -36.07 -28.01 -26.84
CA ARG A 282 -35.94 -27.93 -28.29
C ARG A 282 -35.00 -29.00 -28.85
N LEU A 283 -33.87 -29.19 -28.17
CA LEU A 283 -32.90 -30.19 -28.60
C LEU A 283 -33.26 -31.57 -28.07
N GLY A 284 -34.24 -31.61 -27.17
CA GLY A 284 -34.73 -32.86 -26.62
C GLY A 284 -33.71 -33.55 -25.73
N LEU A 285 -33.09 -32.79 -24.84
CA LEU A 285 -32.10 -33.33 -23.92
C LEU A 285 -32.69 -33.55 -22.52
N THR A 286 -31.82 -33.89 -21.57
CA THR A 286 -32.23 -34.08 -20.19
C THR A 286 -31.37 -33.23 -19.27
N ARG A 287 -31.69 -33.25 -17.98
CA ARG A 287 -30.93 -32.49 -16.98
C ARG A 287 -29.57 -33.13 -16.74
N ALA A 288 -29.40 -34.36 -17.22
CA ALA A 288 -28.13 -35.06 -17.13
C ALA A 288 -27.09 -34.40 -18.02
N ASN A 289 -27.53 -33.81 -19.12
CA ASN A 289 -26.64 -33.09 -20.03
C ASN A 289 -26.14 -31.79 -19.41
N VAL A 290 -26.96 -31.21 -18.53
CA VAL A 290 -26.57 -30.01 -17.81
C VAL A 290 -25.54 -30.35 -16.73
N VAL A 291 -24.28 -30.02 -17.01
CA VAL A 291 -23.21 -30.26 -16.04
C VAL A 291 -23.49 -29.47 -14.76
N PHE A 292 -23.85 -28.19 -14.94
CA PHE A 292 -24.29 -27.35 -13.83
C PHE A 292 -24.97 -26.09 -14.37
N ASN A 293 -25.66 -25.39 -13.50
CA ASN A 293 -26.30 -24.12 -13.85
C ASN A 293 -26.65 -23.32 -12.60
N ALA A 294 -25.85 -22.31 -12.30
CA ALA A 294 -26.05 -21.52 -11.10
C ALA A 294 -25.49 -20.11 -11.26
N GLY A 295 -26.30 -19.12 -10.91
CA GLY A 295 -25.88 -17.73 -10.94
C GLY A 295 -25.60 -17.22 -12.35
N GLY A 296 -26.16 -17.91 -13.34
CA GLY A 296 -26.01 -17.49 -14.72
C GLY A 296 -24.91 -18.22 -15.48
N HIS A 297 -24.11 -18.99 -14.77
CA HIS A 297 -23.03 -19.74 -15.39
C HIS A 297 -23.41 -21.21 -15.55
N PHE A 298 -23.43 -21.68 -16.80
CA PHE A 298 -23.78 -23.07 -17.08
C PHE A 298 -23.00 -23.63 -18.26
N ILE A 300 -23.37 -27.26 -20.97
CA ILE A 300 -24.12 -28.46 -21.31
C ILE A 300 -23.33 -29.28 -22.33
N ILE A 301 -23.58 -30.59 -22.33
CA ILE A 301 -23.00 -31.47 -23.34
C ILE A 301 -24.07 -31.86 -24.36
N ALA A 302 -23.81 -31.57 -25.63
CA ALA A 302 -24.75 -31.89 -26.70
C ALA A 302 -24.06 -32.62 -27.84
N GLN A 303 -24.75 -32.73 -28.96
CA GLN A 303 -24.21 -33.43 -30.12
C GLN A 303 -23.97 -32.48 -31.29
N ASN A 304 -22.98 -32.80 -32.12
CA ASN A 304 -22.64 -31.97 -33.26
C ASN A 304 -23.44 -32.34 -34.51
N THR A 305 -24.56 -31.66 -34.69
CA THR A 305 -25.38 -31.84 -35.88
C THR A 305 -25.83 -30.48 -36.41
N PRO A 306 -26.02 -30.36 -37.73
CA PRO A 306 -26.53 -29.12 -38.34
C PRO A 306 -27.89 -28.71 -37.80
N ASP A 307 -28.66 -29.68 -37.29
CA ASP A 307 -29.94 -29.41 -36.65
C ASP A 307 -29.70 -28.67 -35.33
N ALA A 308 -28.77 -29.20 -34.54
CA ALA A 308 -28.46 -28.63 -33.22
C ALA A 308 -28.00 -27.18 -33.34
N VAL A 309 -26.99 -26.95 -34.16
CA VAL A 309 -26.43 -25.62 -34.37
C VAL A 309 -27.49 -24.63 -34.82
N LYS A 310 -28.40 -25.09 -35.67
CA LYS A 310 -29.45 -24.24 -36.24
C LYS A 310 -30.35 -23.64 -35.17
N GLU A 311 -30.61 -24.41 -34.11
CA GLU A 311 -31.46 -23.93 -33.03
C GLU A 311 -30.63 -23.40 -31.86
N LEU A 312 -29.36 -23.77 -31.83
CA LEU A 312 -28.43 -23.16 -30.87
C LEU A 312 -28.23 -21.71 -31.26
N GLU A 313 -28.21 -21.44 -32.56
CA GLU A 313 -28.13 -20.08 -33.07
C GLU A 313 -29.48 -19.39 -32.92
N GLU A 314 -30.56 -20.15 -33.08
CA GLU A 314 -31.91 -19.61 -32.95
C GLU A 314 -32.17 -19.14 -31.53
N ILE A 315 -31.86 -20.00 -30.56
CA ILE A 315 -32.03 -19.66 -29.15
C ILE A 315 -31.15 -18.48 -28.77
N ARG A 316 -29.89 -18.52 -29.19
CA ARG A 316 -28.94 -17.45 -28.89
C ARG A 316 -29.39 -16.11 -29.45
N ALA A 317 -29.72 -16.09 -30.74
CA ALA A 317 -30.09 -14.85 -31.43
C ALA A 317 -31.25 -14.14 -30.74
N LYS A 318 -32.19 -14.91 -30.21
CA LYS A 318 -33.35 -14.33 -29.53
C LYS A 318 -33.03 -14.03 -28.07
N ALA A 319 -32.13 -14.82 -27.49
CA ALA A 319 -31.70 -14.59 -26.12
C ALA A 319 -30.92 -13.29 -26.02
N VAL A 320 -30.17 -12.98 -27.07
CA VAL A 320 -29.40 -11.74 -27.13
C VAL A 320 -30.33 -10.58 -27.47
N GLU A 321 -31.51 -10.89 -28.00
CA GLU A 321 -32.47 -9.86 -28.40
C GLU A 321 -33.46 -9.50 -27.28
N TRP A 322 -33.57 -10.32 -26.26
CA TRP A 322 -34.56 -10.10 -25.21
C TRP A 322 -34.05 -9.19 -24.08
N LEU A 323 -32.82 -9.41 -23.65
CA LEU A 323 -32.22 -8.61 -22.59
C LEU A 323 -32.02 -7.16 -23.04
N TYR A 324 -31.99 -6.96 -24.35
CA TYR A 324 -31.86 -5.62 -24.93
C TYR A 324 -33.14 -4.82 -24.73
N ARG A 325 -34.28 -5.47 -24.91
CA ARG A 325 -35.57 -4.80 -24.85
C ARG A 325 -36.14 -4.76 -23.44
N GLU A 326 -35.35 -5.20 -22.47
CA GLU A 326 -35.77 -5.22 -21.07
C GLU A 326 -34.73 -4.56 -20.17
N PHE A 327 -33.50 -5.04 -20.26
CA PHE A 327 -32.40 -4.52 -19.45
C PHE A 327 -31.56 -3.52 -20.24
N GLU A 328 -31.30 -3.85 -21.50
CA GLU A 328 -30.51 -2.99 -22.37
C GLU A 328 -30.86 -1.51 -22.18
N SER A 329 -29.88 -0.68 -21.86
CA SER A 329 -28.49 -1.09 -21.70
C SER A 329 -28.10 -1.46 -20.27
N ASP A 330 -28.22 -2.73 -19.94
CA ASP A 330 -27.87 -3.20 -18.61
C ASP A 330 -26.92 -4.41 -18.59
N LEU A 331 -27.43 -5.57 -18.95
CA LEU A 331 -26.62 -6.77 -18.99
C LEU A 331 -26.83 -7.52 -20.30
N TYR A 332 -25.91 -8.43 -20.61
CA TYR A 332 -25.99 -9.21 -21.85
C TYR A 332 -25.63 -10.67 -21.61
N LEU A 333 -26.07 -11.54 -22.51
CA LEU A 333 -25.80 -12.97 -22.40
C LEU A 333 -24.86 -13.43 -23.51
N ALA A 334 -23.93 -14.33 -23.14
CA ALA A 334 -22.97 -14.86 -24.10
C ALA A 334 -22.98 -16.39 -24.11
N ILE A 335 -23.45 -16.97 -25.20
CA ILE A 335 -23.50 -18.42 -25.33
C ILE A 335 -22.69 -18.90 -26.53
N GLU A 336 -21.74 -19.80 -26.27
CA GLU A 336 -20.90 -20.35 -27.33
C GLU A 336 -20.80 -21.87 -27.22
N TRP A 337 -20.51 -22.52 -28.33
CA TRP A 337 -20.35 -23.97 -28.34
C TRP A 337 -19.21 -24.39 -29.26
N GLU A 338 -18.40 -25.34 -28.80
CA GLU A 338 -17.27 -25.83 -29.57
C GLU A 338 -17.44 -27.30 -29.92
N PRO A 339 -17.36 -27.62 -31.22
CA PRO A 339 -17.44 -29.02 -31.66
C PRO A 339 -16.23 -29.82 -31.18
N VAL A 340 -16.46 -30.78 -30.30
CA VAL A 340 -15.39 -31.59 -29.74
C VAL A 340 -15.54 -33.04 -30.21
N SER A 341 -14.47 -33.83 -30.05
CA SER A 341 -14.51 -35.22 -30.46
C SER A 341 -14.67 -36.14 -29.26
N GLY A 342 -15.07 -37.39 -29.53
CA GLY A 342 -15.32 -38.36 -28.48
C GLY A 342 -14.07 -38.75 -27.72
N ARG A 343 -12.92 -38.74 -28.39
CA ARG A 343 -11.67 -39.12 -27.77
C ARG A 343 -11.09 -37.98 -26.95
N GLU A 344 -11.59 -36.78 -27.18
CA GLU A 344 -11.14 -35.61 -26.42
C GLU A 344 -11.89 -35.50 -25.10
N PHE A 345 -11.85 -36.58 -24.31
CA PHE A 345 -12.55 -36.63 -23.03
C PHE A 345 -11.67 -37.16 -21.91
N GLY A 346 -10.39 -37.37 -22.21
CA GLY A 346 -9.46 -37.92 -21.25
C GLY A 346 -8.00 -37.61 -21.52
N ARG A 347 -7.15 -38.58 -21.24
CA ARG A 347 -5.70 -38.40 -21.40
C ARG A 347 -5.12 -39.35 -22.44
N GLU A 348 -4.29 -38.81 -23.32
CA GLU A 348 -3.51 -39.62 -24.25
C GLU A 348 -2.05 -39.20 -24.23
N GLY A 349 -1.22 -39.99 -23.57
CA GLY A 349 0.20 -39.69 -23.48
C GLY A 349 0.48 -38.45 -22.66
N GLY A 350 -0.21 -38.32 -21.54
CA GLY A 350 -0.02 -37.19 -20.64
C GLY A 350 -0.49 -35.88 -21.23
N LYS A 351 -1.60 -35.93 -21.96
CA LYS A 351 -2.16 -34.74 -22.58
C LYS A 351 -3.63 -34.57 -22.21
N ASN A 352 -3.93 -33.50 -21.47
CA ASN A 352 -5.28 -33.23 -21.03
C ASN A 352 -6.18 -32.75 -22.17
N LEU A 353 -6.62 -33.68 -23.00
CA LEU A 353 -7.42 -33.35 -24.19
C LEU A 353 -8.72 -32.64 -23.85
N PHE A 354 -9.26 -32.93 -22.67
CA PHE A 354 -10.55 -32.36 -22.26
C PHE A 354 -10.44 -30.90 -21.86
N ALA A 355 -9.52 -30.60 -20.95
CA ALA A 355 -9.31 -29.24 -20.48
C ALA A 355 -8.82 -28.34 -21.61
N GLU A 356 -8.08 -28.93 -22.55
CA GLU A 356 -7.61 -28.21 -23.73
C GLU A 356 -8.78 -27.84 -24.63
N ALA A 357 -9.81 -28.68 -24.64
CA ALA A 357 -11.03 -28.38 -25.36
C ALA A 357 -11.87 -27.39 -24.56
N ARG A 358 -11.84 -27.54 -23.24
CA ARG A 358 -12.53 -26.62 -22.34
C ARG A 358 -11.85 -25.25 -22.36
N LYS A 359 -10.56 -25.24 -22.67
CA LYS A 359 -9.79 -24.01 -22.76
C LYS A 359 -10.27 -23.16 -23.93
N ARG A 360 -10.46 -23.81 -25.08
CA ARG A 360 -10.91 -23.12 -26.29
C ARG A 360 -12.30 -22.54 -26.11
N LEU A 361 -13.15 -23.28 -25.42
CA LEU A 361 -14.53 -22.86 -25.18
C LEU A 361 -14.59 -21.63 -24.30
N LYS A 362 -13.68 -21.56 -23.33
CA LYS A 362 -13.61 -20.42 -22.41
C LYS A 362 -13.14 -19.16 -23.12
N HIS A 363 -12.40 -19.34 -24.21
CA HIS A 363 -11.85 -18.22 -24.96
C HIS A 363 -12.94 -17.42 -25.67
N LYS A 364 -13.90 -18.12 -26.25
CA LYS A 364 -14.98 -17.48 -27.00
C LYS A 364 -15.82 -16.59 -26.12
N LEU A 365 -16.03 -17.00 -24.87
CA LEU A 365 -16.83 -16.23 -23.92
C LEU A 365 -16.16 -14.90 -23.61
N THR A 366 -14.92 -14.96 -23.14
CA THR A 366 -14.17 -13.77 -22.77
C THR A 366 -14.02 -12.78 -23.94
N VAL A 367 -13.86 -13.32 -25.14
CA VAL A 367 -13.72 -12.49 -26.33
C VAL A 367 -15.01 -11.72 -26.61
N ARG A 368 -16.15 -12.42 -26.54
CA ARG A 368 -17.42 -11.78 -26.79
C ARG A 368 -17.90 -10.99 -25.58
N LYS A 369 -17.26 -11.21 -24.43
CA LYS A 369 -17.53 -10.40 -23.24
C LYS A 369 -17.04 -8.98 -23.48
N LEU A 370 -15.99 -8.85 -24.28
CA LEU A 370 -15.47 -7.55 -24.68
C LEU A 370 -16.48 -6.84 -25.56
N LYS A 371 -17.08 -7.58 -26.48
CA LYS A 371 -18.02 -7.04 -27.45
C LYS A 371 -19.44 -7.02 -26.89
N ASN A 427 -40.97 -12.48 -2.97
CA ASN A 427 -39.67 -12.27 -2.37
C ASN A 427 -39.77 -12.89 -0.97
N LEU A 428 -40.69 -12.37 -0.17
CA LEU A 428 -40.91 -12.90 1.19
C LEU A 428 -41.98 -13.99 1.46
N PRO A 429 -43.08 -14.05 0.66
CA PRO A 429 -44.04 -15.06 1.10
C PRO A 429 -43.68 -16.49 0.75
N LYS A 430 -44.63 -17.40 0.90
CA LYS A 430 -44.40 -18.83 0.68
C LYS A 430 -43.99 -19.13 -0.76
N LEU A 431 -42.69 -19.25 -0.99
CA LEU A 431 -42.16 -19.51 -2.32
C LEU A 431 -41.32 -20.78 -2.32
N LEU A 432 -41.97 -21.92 -2.54
CA LEU A 432 -41.28 -23.19 -2.56
C LEU A 432 -40.59 -23.44 -3.90
N GLY A 433 -40.89 -22.59 -4.88
CA GLY A 433 -40.29 -22.71 -6.19
C GLY A 433 -41.07 -22.00 -7.28
N PHE A 434 -40.68 -22.24 -8.52
CA PHE A 434 -41.32 -21.61 -9.67
C PHE A 434 -41.83 -22.64 -10.68
N GLY A 435 -42.89 -22.30 -11.39
CA GLY A 435 -43.44 -23.16 -12.42
C GLY A 435 -43.32 -22.53 -13.79
N ARG A 436 -42.66 -23.22 -14.70
CA ARG A 436 -42.46 -22.71 -16.05
C ARG A 436 -43.74 -22.85 -16.87
N THR A 437 -44.31 -21.71 -17.25
CA THR A 437 -45.59 -21.67 -17.94
C THR A 437 -45.45 -21.16 -19.37
N ALA A 438 -46.58 -20.94 -20.02
CA ALA A 438 -46.61 -20.32 -21.34
C ALA A 438 -46.52 -18.80 -21.17
N LYS A 439 -45.84 -18.15 -22.10
CA LYS A 439 -45.52 -16.73 -21.98
C LYS A 439 -46.76 -15.84 -22.08
N ASN A 440 -47.83 -16.37 -22.70
CA ASN A 440 -49.06 -15.60 -22.85
C ASN A 440 -49.96 -15.69 -21.63
N ASP A 441 -49.76 -16.74 -20.83
CA ASP A 441 -50.56 -16.96 -19.64
C ASP A 441 -50.25 -15.93 -18.55
N ALA A 442 -51.27 -15.56 -17.79
CA ALA A 442 -51.11 -14.58 -16.72
C ALA A 442 -50.95 -15.27 -15.36
N GLY A 443 -51.11 -14.51 -14.29
CA GLY A 443 -50.99 -15.05 -12.95
C GLY A 443 -49.55 -15.25 -12.53
N VAL A 444 -48.62 -14.92 -13.42
CA VAL A 444 -47.20 -15.06 -13.15
C VAL A 444 -46.69 -13.92 -12.27
N LEU A 445 -45.40 -13.94 -11.99
CA LEU A 445 -44.78 -12.90 -11.17
C LEU A 445 -43.78 -12.08 -11.97
N VAL A 446 -43.19 -12.71 -12.99
CA VAL A 446 -42.21 -12.03 -13.84
C VAL A 446 -42.04 -12.78 -15.16
N GLU A 447 -41.74 -12.05 -16.22
CA GLU A 447 -41.55 -12.64 -17.53
C GLU A 447 -40.12 -13.12 -17.74
N GLY A 448 -39.89 -13.85 -18.82
CA GLY A 448 -38.56 -14.35 -19.16
C GLY A 448 -38.29 -14.27 -20.64
N PRO A 449 -37.18 -14.88 -21.09
CA PRO A 449 -36.80 -14.86 -22.50
C PRO A 449 -37.70 -15.77 -23.35
N PHE A 450 -38.06 -16.93 -22.83
CA PHE A 450 -38.84 -17.90 -23.58
C PHE A 450 -40.11 -18.33 -22.85
N SER A 451 -40.15 -18.10 -21.54
CA SER A 451 -41.28 -18.54 -20.73
C SER A 451 -41.53 -17.64 -19.53
N GLY A 452 -42.68 -17.84 -18.87
CA GLY A 452 -43.01 -17.12 -17.66
C GLY A 452 -42.87 -18.02 -16.44
N PHE A 453 -43.05 -17.46 -15.25
CA PHE A 453 -42.90 -18.23 -14.03
C PHE A 453 -43.92 -17.84 -12.96
N VAL A 454 -44.58 -18.83 -12.40
CA VAL A 454 -45.59 -18.61 -11.36
C VAL A 454 -45.04 -18.95 -9.98
N PRO A 455 -45.15 -18.01 -9.03
CA PRO A 455 -44.68 -18.22 -7.66
C PRO A 455 -45.51 -19.25 -6.91
N TYR A 456 -44.88 -20.34 -6.48
CA TYR A 456 -45.56 -21.40 -5.76
C TYR A 456 -45.09 -21.49 -4.32
N PRO A 462 -49.02 -25.55 -8.52
CA PRO A 462 -48.35 -26.52 -9.39
C PRO A 462 -48.78 -26.37 -10.85
N VAL A 463 -47.87 -25.87 -11.69
CA VAL A 463 -48.16 -25.69 -13.11
C VAL A 463 -46.93 -25.18 -13.85
N GLY A 464 -46.60 -25.80 -15.00
CA GLY A 464 -47.36 -26.92 -15.55
C GLY A 464 -46.51 -28.15 -15.75
N GLU A 465 -45.63 -28.10 -16.75
CA GLU A 465 -44.75 -29.23 -17.05
C GLU A 465 -43.47 -29.16 -16.22
N GLN A 466 -42.69 -28.10 -16.45
CA GLN A 466 -41.43 -27.91 -15.73
C GLN A 466 -41.62 -26.97 -14.55
N ILE A 467 -41.19 -27.41 -13.37
CA ILE A 467 -41.30 -26.61 -12.16
C ILE A 467 -39.97 -26.53 -11.41
N LEU A 468 -39.43 -25.33 -11.33
CA LEU A 468 -38.15 -25.11 -10.65
C LEU A 468 -38.33 -25.11 -9.13
N VAL A 469 -38.25 -26.29 -8.54
CA VAL A 469 -38.41 -26.43 -7.09
C VAL A 469 -37.10 -26.09 -6.38
N LYS A 470 -37.21 -25.39 -5.26
CA LYS A 470 -36.06 -24.79 -4.60
C LYS A 470 -35.54 -25.57 -3.40
N ASN A 471 -34.22 -25.81 -3.39
CA ASN A 471 -33.52 -26.39 -2.25
C ASN A 471 -34.09 -27.69 -1.72
N THR A 472 -34.28 -28.67 -2.61
CA THR A 472 -34.79 -29.97 -2.21
C THR A 472 -34.52 -31.03 -3.27
N LEU A 473 -34.76 -32.29 -2.94
CA LEU A 473 -34.55 -33.39 -3.86
C LEU A 473 -35.82 -34.22 -4.03
N ASN A 474 -36.89 -33.78 -3.39
CA ASN A 474 -38.18 -34.47 -3.45
C ASN A 474 -39.36 -33.83 -4.14
N PRO A 475 -39.79 -34.43 -5.33
CA PRO A 475 -40.98 -33.74 -5.91
C PRO A 475 -42.42 -33.75 -5.51
N GLY A 476 -43.02 -34.93 -5.40
CA GLY A 476 -44.42 -35.04 -4.99
C GLY A 476 -45.48 -34.20 -5.64
N GLU A 477 -45.55 -34.25 -6.97
CA GLU A 477 -46.54 -33.48 -7.71
C GLU A 477 -47.23 -34.28 -8.81
N ILE A 478 -48.22 -33.67 -9.45
CA ILE A 478 -48.95 -34.32 -10.53
C ILE A 478 -48.01 -35.09 -11.45
N PRO A 479 -48.44 -36.27 -11.88
CA PRO A 479 -47.63 -37.11 -12.77
C PRO A 479 -47.86 -36.86 -14.26
N GLU A 480 -48.41 -35.70 -14.60
CA GLU A 480 -48.68 -35.35 -15.99
C GLU A 480 -47.40 -34.93 -16.70
N SER A 481 -46.38 -35.78 -16.63
CA SER A 481 -45.09 -35.51 -17.27
C SER A 481 -44.48 -34.22 -16.73
N ALA A 482 -44.80 -33.89 -15.48
CA ALA A 482 -44.27 -32.69 -14.85
C ALA A 482 -42.77 -32.81 -14.63
N GLN A 483 -42.00 -32.09 -15.44
CA GLN A 483 -40.54 -32.15 -15.38
C GLN A 483 -40.01 -31.49 -14.11
N PHE A 484 -39.63 -32.31 -13.15
CA PHE A 484 -39.08 -31.85 -11.88
C PHE A 484 -37.70 -31.26 -12.05
N VAL A 485 -37.59 -29.95 -11.85
CA VAL A 485 -36.33 -29.25 -12.00
C VAL A 485 -35.88 -28.63 -10.67
N PRO A 486 -35.06 -29.36 -9.90
CA PRO A 486 -34.56 -28.88 -8.61
C PRO A 486 -33.40 -27.90 -8.77
N TYR A 487 -33.39 -26.84 -7.97
CA TYR A 487 -32.28 -25.90 -7.98
C TYR A 487 -31.96 -25.42 -6.57
N PHE A 488 -30.67 -25.37 -6.25
CA PHE A 488 -30.22 -24.91 -4.95
C PHE A 488 -29.72 -23.47 -5.03
N VAL A 489 -29.99 -22.70 -4.00
CA VAL A 489 -29.60 -21.29 -3.97
C VAL A 489 -29.47 -20.78 -2.54
N ALA A 490 -28.40 -20.03 -2.30
CA ALA A 490 -28.21 -19.38 -1.00
C ALA A 490 -29.10 -18.16 -0.90
N ASP A 491 -30.19 -18.29 -0.16
CA ASP A 491 -31.19 -17.22 -0.07
C ASP A 491 -31.57 -16.91 1.35
N TYR A 492 -30.65 -17.13 2.29
CA TYR A 492 -30.91 -16.83 3.69
C TYR A 492 -30.99 -15.32 3.91
N PHE A 493 -31.94 -14.92 4.75
CA PHE A 493 -32.09 -13.52 5.12
C PHE A 493 -32.65 -13.42 6.54
N LYS A 494 -32.20 -12.41 7.28
CA LYS A 494 -32.78 -12.13 8.59
C LYS A 494 -34.24 -11.73 8.39
N LYS A 495 -35.15 -12.45 9.02
CA LYS A 495 -36.58 -12.25 8.80
C LYS A 495 -37.11 -11.02 9.54
N ASP A 496 -37.57 -10.04 8.76
CA ASP A 496 -38.25 -8.88 9.29
C ASP A 496 -39.60 -9.30 9.87
N PRO A 497 -40.03 -8.64 10.97
CA PRO A 497 -41.33 -8.87 11.61
C PRO A 497 -42.51 -8.91 10.62
N LYS A 498 -43.57 -9.60 11.02
CA LYS A 498 -44.73 -9.83 10.15
C LYS A 498 -44.34 -10.56 8.87
N GLY A 499 -43.34 -11.45 8.97
CA GLY A 499 -42.91 -12.27 7.86
C GLY A 499 -42.23 -11.79 6.59
N GLY A 500 -41.30 -10.84 6.75
CA GLY A 500 -40.57 -10.31 5.62
C GLY A 500 -39.06 -10.38 5.60
N VAL A 501 -38.44 -9.51 4.82
CA VAL A 501 -36.98 -9.45 4.74
C VAL A 501 -36.46 -8.19 5.41
N ALA A 502 -35.44 -8.35 6.25
CA ALA A 502 -34.85 -7.21 6.95
C ALA A 502 -34.14 -6.27 5.99
N THR A 503 -34.18 -4.98 6.29
CA THR A 503 -33.55 -3.98 5.46
C THR A 503 -32.15 -3.64 5.97
N PHE A 504 -31.48 -2.72 5.29
CA PHE A 504 -30.14 -2.28 5.66
C PHE A 504 -30.10 -1.74 7.09
N GLU A 505 -31.15 -1.04 7.47
CA GLU A 505 -31.23 -0.43 8.80
C GLU A 505 -31.56 -1.47 9.87
N GLU A 506 -32.26 -2.53 9.46
CA GLU A 506 -32.63 -3.59 10.40
C GLU A 506 -31.44 -4.46 10.76
N LEU A 507 -30.48 -4.55 9.84
CA LEU A 507 -29.26 -5.33 10.08
C LEU A 507 -28.29 -4.56 10.94
N SER A 508 -28.24 -3.24 10.76
CA SER A 508 -27.29 -2.40 11.45
C SER A 508 -27.74 -2.05 12.87
N ALA A 510 -29.05 -4.06 14.86
CA ALA A 510 -28.78 -5.23 15.69
C ALA A 510 -27.28 -5.41 15.90
N SER A 511 -26.49 -4.46 15.41
CA SER A 511 -25.04 -4.50 15.56
C SER A 511 -24.64 -4.40 17.03
N THR A 512 -23.40 -4.81 17.33
CA THR A 512 -22.86 -4.71 18.68
C THR A 512 -21.94 -3.50 18.75
N GLY A 513 -22.06 -2.73 19.82
CA GLY A 513 -21.29 -1.49 19.96
C GLY A 513 -21.83 -0.44 19.00
N THR A 514 -20.98 0.01 18.08
CA THR A 514 -21.43 0.95 17.06
C THR A 514 -22.40 0.23 16.13
N ARG A 515 -23.30 0.99 15.52
CA ARG A 515 -24.33 0.42 14.66
C ARG A 515 -24.03 0.69 13.19
N ARG A 516 -23.00 0.01 12.68
CA ARG A 516 -22.64 0.12 11.28
C ARG A 516 -23.06 -1.13 10.51
N LEU A 517 -23.35 -0.97 9.23
CA LEU A 517 -23.70 -2.10 8.38
C LEU A 517 -22.45 -2.86 7.99
N GLY A 518 -22.53 -4.18 7.98
CA GLY A 518 -21.42 -5.02 7.57
C GLY A 518 -21.60 -5.58 6.18
N VAL A 519 -20.54 -5.53 5.38
CA VAL A 519 -20.57 -6.08 4.02
C VAL A 519 -19.35 -6.92 3.74
N LYS A 521 -17.43 -9.62 0.89
CA LYS A 521 -17.36 -10.06 -0.50
C LYS A 521 -16.07 -10.82 -0.75
N GLY A 522 -16.14 -11.85 -1.59
CA GLY A 522 -14.95 -12.61 -1.94
C GLY A 522 -15.19 -13.73 -2.93
N ASP A 523 -14.13 -14.48 -3.21
CA ASP A 523 -14.22 -15.63 -4.10
C ASP A 523 -13.23 -16.70 -3.70
N VAL A 524 -13.08 -17.70 -4.55
CA VAL A 524 -12.13 -18.78 -4.30
C VAL A 524 -10.84 -18.51 -5.06
N ASP A 525 -9.72 -18.59 -4.33
CA ASP A 525 -8.42 -18.34 -4.93
C ASP A 525 -8.09 -19.31 -6.04
N ARG A 526 -7.94 -18.78 -7.26
CA ARG A 526 -7.60 -19.56 -8.44
C ARG A 526 -8.56 -20.74 -8.63
N LEU A 527 -9.85 -20.44 -8.67
CA LEU A 527 -10.87 -21.46 -8.89
C LEU A 527 -10.85 -21.98 -10.32
N GLY A 528 -10.43 -21.11 -11.25
CA GLY A 528 -10.37 -21.48 -12.65
C GLY A 528 -9.28 -22.48 -12.97
N GLU A 529 -8.14 -22.34 -12.31
CA GLU A 529 -7.01 -23.24 -12.52
C GLU A 529 -7.30 -24.62 -11.94
N PHE A 530 -8.31 -24.68 -11.09
CA PHE A 530 -8.74 -25.96 -10.53
C PHE A 530 -9.55 -26.75 -11.56
N PHE A 531 -10.08 -26.05 -12.55
CA PHE A 531 -10.86 -26.68 -13.60
C PHE A 531 -9.99 -27.16 -14.76
N SER A 532 -8.68 -26.97 -14.61
CA SER A 532 -7.73 -27.41 -15.64
C SER A 532 -6.93 -28.61 -15.17
N SER A 533 -6.96 -28.87 -13.87
CA SER A 533 -6.26 -30.02 -13.29
C SER A 533 -6.97 -31.32 -13.64
N ASP A 535 -9.34 -34.01 -16.02
CA ASP A 535 -9.07 -34.59 -17.34
C ASP A 535 -10.28 -35.28 -17.94
N SER A 536 -11.31 -35.50 -17.13
CA SER A 536 -12.52 -36.17 -17.60
C SER A 536 -13.75 -35.37 -17.22
N PRO A 537 -14.85 -35.54 -17.99
CA PRO A 537 -16.12 -34.89 -17.65
C PRO A 537 -16.63 -35.33 -16.28
N SER A 538 -16.22 -36.51 -15.85
CA SER A 538 -16.63 -37.07 -14.56
C SER A 538 -16.11 -36.22 -13.41
N LYS A 539 -14.82 -35.92 -13.44
CA LYS A 539 -14.19 -35.09 -12.42
C LYS A 539 -14.75 -33.67 -12.47
N LEU A 540 -15.14 -33.24 -13.66
CA LEU A 540 -15.74 -31.92 -13.85
C LEU A 540 -17.06 -31.81 -13.10
N ALA A 541 -17.93 -32.80 -13.29
CA ALA A 541 -19.25 -32.79 -12.67
C ALA A 541 -19.15 -32.91 -11.15
N THR A 542 -18.16 -33.65 -10.67
CA THR A 542 -17.98 -33.85 -9.23
C THR A 542 -17.45 -32.57 -8.57
N ALA A 543 -16.39 -32.03 -9.13
CA ALA A 543 -15.76 -30.83 -8.60
C ALA A 543 -16.69 -29.62 -8.65
N SER A 544 -17.47 -29.52 -9.71
CA SER A 544 -18.39 -28.40 -9.87
C SER A 544 -19.58 -28.51 -8.92
N ARG A 545 -20.08 -29.73 -8.73
CA ARG A 545 -21.26 -29.94 -7.89
C ARG A 545 -20.93 -29.81 -6.41
N PHE A 546 -19.81 -30.40 -5.98
CA PHE A 546 -19.35 -30.25 -4.61
C PHE A 546 -19.13 -28.78 -4.30
N ASP A 548 -20.65 -26.22 -5.62
CA ASP A 548 -21.95 -25.56 -5.51
C ASP A 548 -22.69 -25.96 -4.24
N TYR A 549 -22.36 -27.13 -3.70
CA TYR A 549 -22.99 -27.62 -2.48
C TYR A 549 -22.64 -26.74 -1.29
N PHE A 550 -21.46 -26.11 -1.33
CA PHE A 550 -21.01 -25.30 -0.21
C PHE A 550 -21.69 -23.93 -0.19
N PHE A 551 -21.46 -23.14 -1.23
CA PHE A 551 -21.93 -21.76 -1.28
C PHE A 551 -23.44 -21.65 -1.50
N LYS A 552 -24.09 -22.75 -1.84
CA LYS A 552 -25.53 -22.72 -2.11
C LYS A 552 -26.30 -23.62 -1.17
N GLY A 553 -25.62 -24.59 -0.59
CA GLY A 553 -26.27 -25.50 0.37
C GLY A 553 -25.77 -25.29 1.78
N TYR A 554 -24.52 -25.65 2.04
CA TYR A 554 -23.99 -25.72 3.38
C TYR A 554 -23.71 -24.34 3.97
N ILE A 555 -23.77 -23.31 3.13
CA ILE A 555 -23.53 -21.96 3.57
C ILE A 555 -24.66 -21.51 4.51
N GLY A 556 -25.84 -22.09 4.34
CA GLY A 556 -27.00 -21.74 5.13
C GLY A 556 -26.89 -22.28 6.55
N ALA A 557 -26.38 -23.50 6.67
CA ALA A 557 -26.19 -24.11 7.98
C ALA A 557 -25.02 -23.45 8.70
N ILE A 558 -24.09 -22.90 7.94
CA ILE A 558 -22.99 -22.13 8.50
C ILE A 558 -23.50 -20.80 9.06
N ILE A 559 -24.26 -20.09 8.24
CA ILE A 559 -24.80 -18.79 8.62
C ILE A 559 -25.73 -18.90 9.83
N GLU A 560 -26.58 -19.92 9.83
CA GLU A 560 -27.49 -20.14 10.95
C GLU A 560 -26.72 -20.56 12.20
N GLY A 561 -25.45 -20.94 12.02
CA GLY A 561 -24.56 -21.18 13.13
C GLY A 561 -24.44 -22.62 13.56
N LYS A 562 -23.92 -23.45 12.67
CA LYS A 562 -23.71 -24.86 12.98
C LYS A 562 -22.32 -25.31 12.58
N PHE A 563 -22.11 -26.63 12.61
CA PHE A 563 -20.80 -27.23 12.30
C PHE A 563 -19.73 -26.69 13.26
N GLY A 564 -20.14 -26.42 14.50
CA GLY A 564 -19.29 -25.77 15.47
C GLY A 564 -18.01 -26.51 15.81
N TYR A 565 -18.06 -27.84 15.83
CA TYR A 565 -16.88 -28.64 16.14
C TYR A 565 -15.82 -28.49 15.06
N ILE A 566 -16.25 -28.58 13.80
CA ILE A 566 -15.34 -28.46 12.67
C ILE A 566 -14.75 -27.06 12.58
N ILE A 567 -15.61 -26.05 12.65
CA ILE A 567 -15.19 -24.66 12.57
C ILE A 567 -14.37 -24.25 13.79
N GLY A 568 -14.79 -24.71 14.96
CA GLY A 568 -14.10 -24.42 16.20
C GLY A 568 -14.26 -22.96 16.62
N ASP A 569 -13.49 -22.56 17.62
CA ASP A 569 -13.54 -21.18 18.10
C ASP A 569 -13.00 -20.23 17.04
N VAL A 570 -13.73 -19.14 16.82
CA VAL A 570 -13.38 -18.15 15.80
C VAL A 570 -13.46 -16.76 16.41
N PRO A 571 -12.77 -15.78 15.78
CA PRO A 571 -12.93 -14.38 16.18
C PRO A 571 -14.40 -13.98 16.30
N SER A 572 -14.79 -13.42 17.45
CA SER A 572 -16.19 -13.16 17.72
C SER A 572 -16.40 -11.96 18.64
N LEU A 573 -17.42 -11.15 18.32
CA LEU A 573 -17.80 -10.05 19.18
C LEU A 573 -18.91 -10.48 20.13
N ARG A 574 -19.59 -11.57 19.78
CA ARG A 574 -20.68 -12.09 20.59
C ARG A 574 -20.95 -13.56 20.29
N ASP A 575 -21.83 -14.16 21.09
CA ASP A 575 -22.31 -15.51 20.81
C ASP A 575 -23.29 -15.44 19.65
N TRP A 576 -23.38 -16.52 18.88
CA TRP A 576 -24.21 -16.52 17.68
C TRP A 576 -25.69 -16.54 18.04
N PRO A 577 -26.45 -15.56 17.52
CA PRO A 577 -27.87 -15.31 17.83
C PRO A 577 -28.79 -16.50 17.54
N GLU A 578 -30.04 -16.37 17.97
CA GLU A 578 -31.05 -17.37 17.67
C GLU A 578 -31.31 -17.41 16.17
N GLU A 579 -31.55 -16.24 15.58
CA GLU A 579 -31.68 -16.10 14.15
C GLU A 579 -30.79 -14.96 13.66
N PRO A 580 -29.60 -15.31 13.17
CA PRO A 580 -28.52 -14.38 12.77
C PRO A 580 -29.01 -13.24 11.88
N ASP A 581 -28.49 -12.04 12.14
CA ASP A 581 -28.84 -10.87 11.35
C ASP A 581 -27.95 -10.80 10.12
N ILE A 582 -28.14 -11.76 9.22
CA ILE A 582 -27.29 -11.91 8.04
C ILE A 582 -28.14 -12.10 6.78
N VAL A 583 -27.84 -11.35 5.73
CA VAL A 583 -28.56 -11.47 4.48
C VAL A 583 -27.62 -11.70 3.30
N VAL A 584 -27.87 -12.77 2.54
CA VAL A 584 -27.07 -13.08 1.37
C VAL A 584 -27.70 -12.54 0.09
N VAL A 585 -27.05 -11.57 -0.53
CA VAL A 585 -27.47 -11.07 -1.83
C VAL A 585 -27.32 -12.19 -2.85
N TYR A 586 -26.13 -12.75 -2.92
CA TYR A 586 -25.86 -13.93 -3.75
C TYR A 586 -24.57 -14.62 -3.28
N ALA A 587 -24.53 -15.93 -3.43
CA ALA A 587 -23.36 -16.68 -3.00
C ALA A 587 -22.93 -17.71 -4.04
N GLY A 588 -21.66 -17.70 -4.37
CA GLY A 588 -21.10 -18.65 -5.34
C GLY A 588 -19.58 -18.64 -5.26
N GLY A 589 -18.97 -19.71 -5.76
CA GLY A 589 -17.52 -19.84 -5.74
C GLY A 589 -16.84 -18.70 -6.50
N ASP A 590 -17.48 -18.27 -7.59
CA ASP A 590 -16.95 -17.19 -8.40
C ASP A 590 -17.03 -15.85 -7.66
N ASP A 591 -18.05 -15.69 -6.83
CA ASP A 591 -18.26 -14.47 -6.05
C ASP A 591 -19.45 -14.60 -5.11
N PHE A 592 -19.28 -14.18 -3.87
CA PHE A 592 -20.40 -14.13 -2.93
C PHE A 592 -20.51 -12.76 -2.27
N PHE A 593 -21.73 -12.24 -2.21
CA PHE A 593 -21.99 -10.94 -1.62
C PHE A 593 -22.95 -11.12 -0.46
N ILE A 594 -22.44 -10.94 0.75
CA ILE A 594 -23.24 -11.12 1.96
C ILE A 594 -23.21 -9.88 2.84
N VAL A 595 -24.37 -9.46 3.33
CA VAL A 595 -24.47 -8.31 4.21
C VAL A 595 -25.18 -8.68 5.51
N GLY A 596 -25.03 -7.83 6.53
CA GLY A 596 -25.65 -8.05 7.82
C GLY A 596 -25.03 -7.17 8.89
N ALA A 597 -25.31 -7.48 10.15
CA ALA A 597 -24.70 -6.77 11.27
C ALA A 597 -23.18 -6.92 11.22
N TRP A 598 -22.47 -5.82 11.41
CA TRP A 598 -21.02 -5.80 11.17
C TRP A 598 -20.26 -6.82 12.02
N ASP A 599 -20.74 -7.04 13.25
CA ASP A 599 -20.08 -7.97 14.15
C ASP A 599 -20.48 -9.41 13.80
N GLN A 600 -21.61 -9.54 13.12
CA GLN A 600 -22.07 -10.85 12.65
C GLN A 600 -21.54 -11.11 11.25
N ILE A 601 -20.98 -10.08 10.63
CA ILE A 601 -20.31 -10.21 9.35
C ILE A 601 -18.85 -10.60 9.57
N PHE A 602 -18.25 -9.96 10.57
CA PHE A 602 -16.86 -10.20 10.96
C PHE A 602 -16.62 -11.67 11.29
N GLU A 603 -17.35 -12.18 12.29
CA GLU A 603 -17.21 -13.56 12.73
C GLU A 603 -17.54 -14.55 11.62
N LEU A 604 -18.60 -14.24 10.86
CA LEU A 604 -19.03 -15.11 9.77
C LEU A 604 -17.95 -15.31 8.73
N ALA A 605 -17.11 -14.30 8.54
CA ALA A 605 -16.03 -14.35 7.57
C ALA A 605 -15.03 -15.45 7.90
N PHE A 606 -14.92 -15.78 9.19
CA PHE A 606 -13.98 -16.79 9.64
C PHE A 606 -14.65 -18.16 9.73
N ARG A 607 -15.95 -18.16 9.99
CA ARG A 607 -16.73 -19.40 10.04
C ARG A 607 -16.76 -20.04 8.66
N VAL A 608 -16.88 -19.21 7.64
CA VAL A 608 -16.91 -19.68 6.26
C VAL A 608 -15.53 -20.23 5.86
N ARG A 609 -14.48 -19.52 6.25
CA ARG A 609 -13.12 -19.91 5.90
C ARG A 609 -12.73 -21.27 6.47
N ARG A 610 -12.86 -21.42 7.79
CA ARG A 610 -12.48 -22.66 8.46
C ARG A 610 -13.31 -23.83 7.99
N ALA A 611 -14.56 -23.56 7.62
CA ALA A 611 -15.41 -24.60 7.06
C ALA A 611 -14.95 -24.94 5.65
N PHE A 612 -14.73 -23.91 4.83
CA PHE A 612 -14.29 -24.08 3.46
C PHE A 612 -12.92 -24.73 3.40
N ASN A 613 -12.09 -24.46 4.41
CA ASN A 613 -10.79 -25.10 4.51
C ASN A 613 -10.94 -26.58 4.80
N ALA A 614 -11.87 -26.91 5.71
CA ALA A 614 -12.13 -28.30 6.05
C ALA A 614 -12.89 -29.01 4.95
N TYR A 615 -13.79 -28.28 4.29
CA TYR A 615 -14.60 -28.83 3.21
C TYR A 615 -13.72 -29.23 2.03
N THR A 616 -12.66 -28.47 1.79
CA THR A 616 -11.75 -28.73 0.67
C THR A 616 -10.46 -29.40 1.13
N GLY A 617 -10.42 -29.78 2.40
CA GLY A 617 -9.26 -30.45 2.96
C GLY A 617 -8.08 -29.54 3.21
N GLY A 618 -8.31 -28.24 3.07
CA GLY A 618 -7.26 -27.26 3.23
C GLY A 618 -6.48 -27.05 1.95
N LYS A 619 -7.11 -27.39 0.82
CA LYS A 619 -6.46 -27.29 -0.48
C LYS A 619 -6.94 -26.07 -1.25
N LEU A 620 -8.16 -25.65 -0.99
CA LEU A 620 -8.73 -24.47 -1.65
C LEU A 620 -8.98 -23.37 -0.62
N THR A 621 -8.62 -22.14 -0.97
CA THR A 621 -8.73 -21.03 -0.04
C THR A 621 -9.67 -19.93 -0.51
N LEU A 622 -9.82 -18.91 0.32
CA LEU A 622 -10.72 -17.79 0.02
C LEU A 622 -10.03 -16.44 0.25
N SER A 623 -10.49 -15.43 -0.48
CA SER A 623 -10.10 -14.06 -0.22
C SER A 623 -11.36 -13.28 0.15
N VAL A 624 -11.28 -12.48 1.21
CA VAL A 624 -12.46 -11.74 1.66
C VAL A 624 -12.12 -10.31 2.05
N GLY A 625 -12.88 -9.36 1.49
CA GLY A 625 -12.81 -7.99 1.92
C GLY A 625 -13.96 -7.69 2.85
N LEU A 626 -13.68 -6.99 3.96
CA LEU A 626 -14.72 -6.66 4.92
C LEU A 626 -14.89 -5.15 5.03
N GLY A 627 -16.13 -4.69 4.86
CA GLY A 627 -16.43 -3.27 4.99
C GLY A 627 -17.43 -2.99 6.09
N TYR A 628 -17.24 -1.86 6.77
CA TYR A 628 -18.17 -1.44 7.82
C TYR A 628 -18.58 0.00 7.59
N PHE A 629 -19.64 0.18 6.81
CA PHE A 629 -20.05 1.51 6.36
C PHE A 629 -21.24 2.04 7.15
N ASP A 630 -21.76 3.18 6.70
CA ASP A 630 -22.94 3.78 7.31
C ASP A 630 -24.21 3.12 6.79
N GLU A 631 -25.25 3.11 7.62
CA GLU A 631 -26.53 2.52 7.25
C GLU A 631 -27.12 3.22 6.02
N ARG A 632 -27.25 4.53 6.10
CA ARG A 632 -27.82 5.33 5.03
C ARG A 632 -26.76 5.73 4.01
N THR A 633 -26.31 4.76 3.22
CA THR A 633 -25.27 4.96 2.24
C THR A 633 -25.56 4.08 1.03
N PRO A 634 -25.38 4.62 -0.19
CA PRO A 634 -25.63 3.85 -1.42
C PRO A 634 -24.85 2.54 -1.46
N ILE A 635 -25.50 1.46 -1.87
CA ILE A 635 -24.91 0.13 -1.88
C ILE A 635 -23.72 0.03 -2.83
N TYR A 636 -23.85 0.60 -4.02
CA TYR A 636 -22.78 0.52 -5.02
C TYR A 636 -21.53 1.23 -4.55
N ARG A 637 -21.72 2.31 -3.80
CA ARG A 637 -20.60 3.08 -3.27
C ARG A 637 -19.85 2.25 -2.23
N ALA A 639 -19.92 -0.97 -2.23
CA ALA A 639 -19.60 -2.23 -2.87
C ALA A 639 -18.25 -2.14 -3.58
N ASP A 640 -17.96 -0.97 -4.15
CA ASP A 640 -16.70 -0.73 -4.84
C ASP A 640 -15.54 -0.80 -3.85
N VAL A 641 -15.77 -0.32 -2.63
CA VAL A 641 -14.77 -0.33 -1.58
C VAL A 641 -14.38 -1.75 -1.19
N VAL A 642 -15.37 -2.56 -0.87
CA VAL A 642 -15.15 -3.94 -0.48
C VAL A 642 -14.53 -4.74 -1.63
N SER A 643 -14.97 -4.45 -2.85
CA SER A 643 -14.44 -5.12 -4.04
C SER A 643 -12.98 -4.75 -4.26
N GLU A 644 -12.62 -3.54 -3.88
CA GLU A 644 -11.24 -3.07 -4.03
C GLU A 644 -10.39 -3.57 -2.87
N ARG A 645 -11.00 -3.69 -1.70
CA ARG A 645 -10.34 -4.31 -0.55
C ARG A 645 -10.10 -5.79 -0.84
N LEU A 646 -11.03 -6.39 -1.58
CA LEU A 646 -10.89 -7.78 -2.00
C LEU A 646 -9.71 -7.95 -2.95
N ASP A 647 -9.61 -7.04 -3.92
CA ASP A 647 -8.53 -7.06 -4.89
C ASP A 647 -7.17 -6.95 -4.22
N THR A 648 -7.10 -6.18 -3.14
CA THR A 648 -5.86 -5.98 -2.40
C THR A 648 -5.42 -7.27 -1.72
N ALA A 649 -6.37 -8.01 -1.16
CA ALA A 649 -6.08 -9.30 -0.53
C ALA A 649 -5.53 -10.28 -1.56
N LYS A 650 -6.11 -10.28 -2.74
CA LYS A 650 -5.63 -11.11 -3.84
C LYS A 650 -4.25 -10.63 -4.30
N ASP A 651 -4.09 -9.32 -4.37
CA ASP A 651 -2.84 -8.72 -4.81
C ASP A 651 -1.71 -9.03 -3.84
N GLU A 652 -2.06 -9.22 -2.57
CA GLU A 652 -1.06 -9.49 -1.55
C GLU A 652 -0.83 -10.99 -1.35
N GLY A 653 -1.32 -11.80 -2.28
CA GLY A 653 -0.95 -13.20 -2.33
C GLY A 653 -2.03 -14.24 -2.09
N ARG A 654 -3.30 -13.85 -2.08
CA ARG A 654 -4.45 -14.80 -2.04
C ARG A 654 -5.32 -15.80 -1.22
N ASN A 655 -5.26 -15.65 0.10
CA ASN A 655 -5.72 -16.68 1.05
C ASN A 655 -6.18 -15.67 2.10
N ARG A 656 -5.76 -14.43 1.94
CA ARG A 656 -6.08 -13.39 2.91
C ARG A 656 -7.43 -12.78 3.25
N VAL A 657 -7.48 -12.05 4.35
CA VAL A 657 -8.70 -11.38 4.77
C VAL A 657 -8.42 -9.90 5.02
N PHE A 658 -9.24 -9.04 4.42
CA PHE A 658 -9.14 -7.61 4.67
C PHE A 658 -10.17 -7.22 5.71
N VAL A 659 -9.75 -7.29 6.99
CA VAL A 659 -10.65 -7.02 8.10
C VAL A 659 -11.16 -5.59 8.07
N VAL A 660 -10.26 -4.63 8.18
CA VAL A 660 -10.62 -3.22 8.20
C VAL A 660 -9.49 -2.38 7.60
N GLY A 661 -9.86 -1.28 6.94
CA GLY A 661 -8.88 -0.36 6.40
C GLY A 661 -8.09 0.29 7.52
N ARG A 662 -6.80 0.50 7.28
CA ARG A 662 -5.93 1.07 8.32
C ARG A 662 -4.68 1.71 7.73
N SER A 663 -4.05 2.56 8.54
CA SER A 663 -2.83 3.24 8.11
C SER A 663 -1.63 2.29 8.15
N ARG A 664 -0.58 2.65 7.41
CA ARG A 664 0.60 1.80 7.28
C ARG A 664 1.78 2.61 6.76
N PRO A 665 3.01 2.15 7.04
CA PRO A 665 4.18 2.77 6.41
C PRO A 665 4.33 2.31 4.96
N LEU A 666 4.67 3.23 4.07
CA LEU A 666 4.75 2.93 2.65
C LEU A 666 6.18 2.62 2.21
N ASP A 667 6.56 1.35 2.35
CA ASP A 667 7.90 0.92 1.96
C ASP A 667 7.85 -0.43 1.24
N GLY A 668 6.65 -0.89 0.92
CA GLY A 668 6.48 -2.15 0.22
C GLY A 668 6.77 -3.36 1.09
N LYS A 669 6.66 -3.17 2.41
CA LYS A 669 6.94 -4.25 3.36
C LYS A 669 5.73 -4.52 4.24
N HIS A 670 4.89 -3.51 4.44
CA HIS A 670 3.72 -3.64 5.28
C HIS A 670 2.45 -3.82 4.45
N LYS A 671 1.79 -4.96 4.62
CA LYS A 671 0.59 -5.26 3.86
C LYS A 671 -0.66 -4.91 4.66
N LEU A 672 -1.76 -4.67 3.95
CA LEU A 672 -3.02 -4.28 4.58
C LEU A 672 -3.85 -5.49 4.99
N SER A 673 -4.12 -6.38 4.04
CA SER A 673 -4.90 -7.57 4.33
C SER A 673 -4.16 -8.49 5.29
N TYR A 674 -4.92 -9.25 6.08
CA TYR A 674 -4.34 -10.20 7.01
C TYR A 674 -4.37 -11.61 6.44
N GLU A 675 -3.39 -12.42 6.79
CA GLU A 675 -3.43 -13.84 6.49
C GLU A 675 -4.40 -14.49 7.47
N TRP A 676 -5.17 -15.47 6.99
CA TRP A 676 -6.22 -16.08 7.80
C TRP A 676 -5.71 -16.60 9.14
N ASN A 677 -4.74 -17.50 9.10
CA ASN A 677 -4.17 -18.06 10.32
C ASN A 677 -3.49 -16.99 11.17
N HIS A 678 -2.92 -16.00 10.50
CA HIS A 678 -2.22 -14.91 11.19
C HIS A 678 -3.16 -14.08 12.05
N TYR A 679 -4.23 -13.57 11.45
CA TYR A 679 -5.16 -12.72 12.16
C TYR A 679 -5.88 -13.47 13.29
N GLU A 680 -6.23 -14.72 13.03
CA GLU A 680 -6.94 -15.52 14.01
C GLU A 680 -6.08 -15.80 15.24
N GLU A 681 -4.77 -15.84 15.04
CA GLU A 681 -3.84 -16.00 16.15
C GLU A 681 -3.70 -14.68 16.92
N LEU A 682 -3.71 -13.58 16.18
CA LEU A 682 -3.65 -12.25 16.80
C LEU A 682 -4.87 -11.98 17.66
N TRP A 683 -6.04 -12.35 17.16
CA TRP A 683 -7.27 -12.21 17.93
C TRP A 683 -7.24 -13.06 19.18
N ARG A 684 -7.00 -14.36 18.98
CA ARG A 684 -6.97 -15.33 20.08
C ARG A 684 -6.00 -14.94 21.20
N THR A 685 -4.92 -14.25 20.84
CA THR A 685 -3.88 -13.90 21.80
C THR A 685 -4.13 -12.54 22.46
N TYR A 686 -4.63 -11.58 21.69
CA TYR A 686 -4.77 -10.21 22.19
C TYR A 686 -6.18 -9.86 22.69
N ALA A 687 -7.21 -10.31 21.97
CA ALA A 687 -8.59 -9.94 22.32
C ALA A 687 -9.02 -10.34 23.75
N PRO A 688 -8.64 -11.55 24.23
CA PRO A 688 -9.04 -11.86 25.60
C PRO A 688 -8.41 -10.97 26.66
N ARG A 689 -7.32 -10.27 26.30
CA ARG A 689 -6.65 -9.38 27.24
C ARG A 689 -7.52 -8.16 27.56
N ILE A 690 -8.36 -7.77 26.60
CA ILE A 690 -9.15 -6.55 26.74
C ILE A 690 -10.65 -6.79 26.68
N TYR A 691 -11.07 -7.75 25.86
CA TYR A 691 -12.48 -7.97 25.60
C TYR A 691 -13.05 -9.09 26.47
N ALA A 692 -14.24 -8.86 27.02
CA ALA A 692 -14.87 -9.84 27.89
C ALA A 692 -16.13 -10.44 27.27
N GLY A 693 -16.38 -10.11 26.01
CA GLY A 693 -17.53 -10.65 25.31
C GLY A 693 -18.78 -9.82 25.45
N ASN A 694 -19.59 -9.79 24.38
CA ASN A 694 -20.89 -9.11 24.38
C ASN A 694 -20.82 -7.64 24.80
N GLY A 695 -19.99 -6.87 24.10
CA GLY A 695 -19.90 -5.44 24.32
C GLY A 695 -19.26 -5.03 25.62
N ARG A 696 -18.58 -5.96 26.27
CA ARG A 696 -17.93 -5.69 27.56
C ARG A 696 -16.43 -5.91 27.52
N LEU A 697 -15.71 -5.07 28.24
CA LEU A 697 -14.27 -5.22 28.38
C LEU A 697 -13.96 -5.98 29.67
N LYS A 698 -12.74 -6.48 29.78
CA LYS A 698 -12.32 -7.20 30.99
C LYS A 698 -12.34 -6.26 32.19
N GLY A 699 -12.53 -6.84 33.37
CA GLY A 699 -12.66 -6.07 34.60
C GLY A 699 -11.47 -5.15 34.86
N LYS A 700 -10.28 -5.61 34.48
CA LYS A 700 -9.06 -4.83 34.67
C LYS A 700 -9.02 -3.63 33.74
N LEU A 701 -9.93 -3.59 32.78
CA LEU A 701 -10.00 -2.49 31.83
C LEU A 701 -11.18 -1.57 32.15
N GLU A 702 -11.39 -1.32 33.44
CA GLU A 702 -12.45 -0.44 33.89
C GLU A 702 -11.93 0.99 34.10
N SER A 703 -12.69 1.97 33.61
CA SER A 703 -12.32 3.38 33.69
C SER A 703 -10.99 3.65 32.98
N LYS A 704 -10.63 2.76 32.06
CA LYS A 704 -9.38 2.87 31.32
C LYS A 704 -9.65 2.66 29.83
N LYS A 705 -10.84 3.06 29.41
CA LYS A 705 -11.23 2.97 28.01
C LYS A 705 -10.33 3.84 27.13
N GLY A 706 -9.81 4.91 27.72
CA GLY A 706 -8.92 5.81 27.02
C GLY A 706 -7.60 5.17 26.64
N LEU A 707 -7.20 4.15 27.39
CA LEU A 707 -5.94 3.46 27.15
C LEU A 707 -5.91 2.81 25.77
N LEU A 708 -7.04 2.26 25.35
CA LEU A 708 -7.11 1.49 24.11
C LEU A 708 -6.78 2.33 22.87
N TRP A 709 -7.54 3.40 22.64
CA TRP A 709 -7.31 4.22 21.46
C TRP A 709 -6.05 5.07 21.61
N LYS A 710 -5.61 5.27 22.84
CA LYS A 710 -4.36 6.01 23.06
C LYS A 710 -3.17 5.09 22.80
N LEU A 711 -3.41 3.78 22.79
CA LEU A 711 -2.39 2.84 22.36
C LEU A 711 -2.40 2.72 20.84
N LEU A 712 -3.51 3.13 20.25
CA LEU A 712 -3.64 3.13 18.79
C LEU A 712 -2.91 4.32 18.18
N GLU A 713 -3.01 5.48 18.83
CA GLU A 713 -2.33 6.68 18.35
C GLU A 713 -0.82 6.49 18.46
N ILE A 714 -0.39 5.67 19.42
CA ILE A 714 1.02 5.36 19.59
C ILE A 714 1.50 4.51 18.42
N ARG A 715 0.61 3.67 17.90
CA ARG A 715 0.91 2.87 16.72
C ARG A 715 1.03 3.76 15.49
N GLU A 716 0.27 4.85 15.47
CA GLU A 716 0.30 5.80 14.36
C GLU A 716 1.68 6.45 14.24
N LEU A 717 2.41 6.47 15.35
CA LEU A 717 3.78 6.95 15.35
C LEU A 717 4.68 5.95 14.63
N TYR A 718 4.41 4.67 14.83
CA TYR A 718 5.14 3.61 14.15
C TYR A 718 4.89 3.69 12.65
N VAL A 719 3.66 4.05 12.29
CA VAL A 719 3.25 4.17 10.89
C VAL A 719 4.13 5.17 10.14
N ARG A 720 4.49 6.26 10.81
CA ARG A 720 5.27 7.31 10.18
C ARG A 720 6.77 7.01 10.16
N ASP A 721 7.23 6.19 11.11
CA ASP A 721 8.64 5.77 11.13
C ASP A 721 8.83 4.49 11.93
N PRO A 722 8.81 3.35 11.23
CA PRO A 722 9.02 2.02 11.84
C PRO A 722 10.35 1.91 12.59
N ASN A 723 11.46 2.20 11.93
CA ASN A 723 12.78 2.08 12.55
C ASN A 723 13.03 3.18 13.59
N ASP A 724 12.18 3.23 14.60
CA ASP A 724 12.30 4.20 15.67
C ASP A 724 11.43 3.62 16.81
N VAL A 725 12.01 3.60 18.01
CA VAL A 725 11.36 3.00 19.16
C VAL A 725 10.68 4.23 19.78
N ARG A 726 9.62 4.71 19.12
CA ARG A 726 8.85 5.83 19.63
C ARG A 726 7.55 5.18 20.11
N TRP A 727 7.25 4.01 19.56
CA TRP A 727 6.04 3.29 19.91
C TRP A 727 6.23 2.40 21.13
N ALA A 728 7.41 1.81 21.26
CA ALA A 728 7.70 0.90 22.37
C ALA A 728 7.80 1.64 23.70
N TYR A 729 8.52 2.76 23.70
CA TYR A 729 8.71 3.56 24.91
C TYR A 729 7.39 4.06 25.48
N LEU A 730 6.44 4.36 24.60
CA LEU A 730 5.15 4.89 25.04
C LEU A 730 4.17 3.78 25.38
N THR A 731 4.40 2.60 24.81
CA THR A 731 3.60 1.42 25.13
C THR A 731 4.29 0.64 26.26
N ALA A 732 4.80 1.39 27.24
CA ALA A 732 5.57 0.79 28.32
C ALA A 732 5.18 1.38 29.67
N TYR A 733 5.11 2.70 29.73
CA TYR A 733 4.83 3.40 30.99
C TYR A 733 3.37 3.79 31.10
N LEU A 734 2.69 3.91 29.95
CA LEU A 734 1.27 4.23 29.93
C LEU A 734 0.48 3.11 30.60
N LEU A 735 0.99 1.89 30.47
CA LEU A 735 0.40 0.75 31.15
C LEU A 735 0.67 0.83 32.65
N GLY A 736 1.84 1.34 33.01
CA GLY A 736 2.22 1.50 34.40
C GLY A 736 1.39 2.55 35.11
N ARG A 737 0.97 3.57 34.36
CA ARG A 737 0.10 4.61 34.90
C ARG A 737 -1.26 4.03 35.29
N HIS A 738 -1.72 3.06 34.52
CA HIS A 738 -3.01 2.43 34.77
C HIS A 738 -2.87 1.13 35.57
N GLY A 739 -1.63 0.73 35.80
CA GLY A 739 -1.35 -0.47 36.58
C GLY A 739 -1.61 -1.76 35.83
N LEU A 740 -1.20 -1.80 34.57
CA LEU A 740 -1.36 -3.01 33.75
C LEU A 740 -0.09 -3.29 32.96
N SER A 741 1.04 -3.34 33.66
CA SER A 741 2.34 -3.52 33.02
C SER A 741 2.59 -4.95 32.57
N ASP A 742 1.60 -5.81 32.78
CA ASP A 742 1.74 -7.23 32.46
C ASP A 742 1.35 -7.56 31.02
N LEU A 743 0.32 -6.90 30.51
CA LEU A 743 -0.19 -7.20 29.18
C LEU A 743 0.63 -6.53 28.09
N PHE A 744 0.39 -6.96 26.85
CA PHE A 744 1.10 -6.46 25.67
C PHE A 744 2.63 -6.49 25.83
N PRO A 745 3.21 -7.70 25.96
CA PRO A 745 4.67 -7.78 26.10
C PRO A 745 5.40 -7.63 24.77
N GLU A 746 4.66 -7.72 23.67
CA GLU A 746 5.25 -7.65 22.34
C GLU A 746 5.29 -6.20 21.83
N LEU A 747 4.43 -5.37 22.39
CA LEU A 747 4.34 -3.97 21.97
C LEU A 747 5.26 -3.07 22.78
N VAL A 748 5.76 -3.60 23.89
CA VAL A 748 6.64 -2.83 24.78
C VAL A 748 8.11 -3.09 24.45
N GLY A 749 8.43 -4.32 24.08
CA GLY A 749 9.81 -4.71 23.81
C GLY A 749 10.17 -4.52 22.35
N ILE A 750 11.46 -4.36 22.07
CA ILE A 750 11.95 -4.26 20.71
C ILE A 750 12.09 -5.66 20.12
N ASP A 751 11.84 -5.78 18.82
CA ASP A 751 11.88 -7.09 18.15
C ASP A 751 12.73 -7.05 16.89
N THR A 752 14.05 -7.20 17.08
CA THR A 752 14.98 -7.27 15.95
C THR A 752 14.87 -8.63 15.27
N LYS A 753 14.42 -9.61 16.04
CA LYS A 753 14.28 -10.99 15.58
C LYS A 753 13.40 -11.10 14.33
N ALA A 754 12.47 -10.15 14.18
CA ALA A 754 11.57 -10.14 13.03
C ALA A 754 12.09 -9.24 11.92
N VAL A 755 12.97 -8.31 12.29
CA VAL A 755 13.55 -7.38 11.32
C VAL A 755 14.38 -8.12 10.27
N GLU A 756 15.15 -9.10 10.71
CA GLU A 756 15.99 -9.89 9.82
C GLU A 756 15.14 -10.76 8.88
N ARG A 757 13.84 -10.81 9.16
CA ARG A 757 12.92 -11.60 8.36
C ARG A 757 12.19 -10.73 7.33
N LYS A 758 12.50 -9.44 7.34
CA LYS A 758 11.88 -8.50 6.41
C LYS A 758 10.45 -8.17 6.83
N GLU A 759 9.96 -8.89 7.84
CA GLU A 759 8.60 -8.67 8.34
C GLU A 759 8.51 -7.42 9.20
N PRO A 760 7.23 -7.03 9.58
CA PRO A 760 7.20 -5.82 10.41
C PRO A 760 6.93 -6.15 11.88
N GLN A 761 6.83 -5.12 12.70
CA GLN A 761 6.57 -5.30 14.13
C GLN A 761 5.16 -5.72 14.52
N PRO A 762 5.01 -6.37 15.68
CA PRO A 762 3.68 -6.78 16.16
C PRO A 762 2.78 -5.59 16.45
N VAL A 763 3.38 -4.44 16.73
CA VAL A 763 2.61 -3.23 17.03
C VAL A 763 1.83 -2.77 15.78
N TYR A 764 2.33 -3.15 14.61
CA TYR A 764 1.70 -2.76 13.35
C TYR A 764 0.34 -3.41 13.15
N TRP A 765 0.23 -4.68 13.49
CA TRP A 765 -0.97 -5.45 13.22
C TRP A 765 -2.04 -5.33 14.30
N VAL A 766 -1.65 -4.80 15.46
CA VAL A 766 -2.49 -4.84 16.65
C VAL A 766 -3.74 -3.96 16.54
N ASP A 767 -3.78 -3.08 15.55
CA ASP A 767 -4.92 -2.18 15.41
C ASP A 767 -6.15 -2.90 14.85
N GLY A 768 -5.92 -3.94 14.04
CA GLY A 768 -7.00 -4.72 13.48
C GLY A 768 -7.74 -5.51 14.53
N VAL A 769 -7.19 -5.54 15.74
CA VAL A 769 -7.82 -6.21 16.87
C VAL A 769 -8.42 -5.18 17.81
N LEU A 770 -7.68 -4.08 18.03
CA LEU A 770 -8.12 -3.03 18.94
C LEU A 770 -9.34 -2.26 18.40
N LYS A 771 -9.30 -1.93 17.11
CA LYS A 771 -10.37 -1.14 16.51
C LYS A 771 -11.69 -1.90 16.45
N ILE A 772 -11.63 -3.18 16.12
CA ILE A 772 -12.82 -4.03 16.07
C ILE A 772 -13.45 -4.15 17.45
N VAL A 773 -12.62 -4.32 18.47
CA VAL A 773 -13.09 -4.38 19.85
C VAL A 773 -13.67 -3.03 20.28
N LEU A 774 -12.99 -1.96 19.88
CA LEU A 774 -13.41 -0.61 20.24
C LEU A 774 -14.76 -0.24 19.65
N ALA A 776 -16.97 -2.19 19.04
CA ALA A 776 -17.93 -3.12 19.60
C ALA A 776 -18.33 -2.73 21.02
N VAL A 777 -17.71 -1.66 21.53
CA VAL A 777 -18.00 -1.19 22.89
C VAL A 777 -18.30 0.30 22.94
N ARG A 778 -18.50 0.91 21.78
CA ARG A 778 -18.77 2.35 21.72
C ARG A 778 -20.17 2.68 22.23
N ARG A 779 -20.38 3.96 22.54
CA ARG A 779 -21.65 4.46 23.09
C ARG A 779 -21.99 3.81 24.43
N GLU B 4 20.65 52.01 20.16
CA GLU B 4 20.98 51.17 21.32
C GLU B 4 22.02 50.13 20.95
N ILE B 5 22.17 49.12 21.80
CA ILE B 5 23.18 48.07 21.60
C ILE B 5 22.59 46.86 20.88
N ASP B 6 21.27 46.68 20.99
CA ASP B 6 20.61 45.54 20.37
C ASP B 6 20.56 45.67 18.85
N GLU B 7 20.29 46.88 18.37
CA GLU B 7 20.22 47.14 16.94
C GLU B 7 21.61 47.02 16.31
N LEU B 8 22.63 47.36 17.09
CA LEU B 8 24.01 47.33 16.61
C LEU B 8 24.52 45.90 16.43
N THR B 9 24.28 45.06 17.45
CA THR B 9 24.76 43.69 17.44
C THR B 9 24.06 42.87 16.36
N ALA B 10 22.79 43.18 16.12
CA ALA B 10 22.01 42.50 15.09
C ALA B 10 22.56 42.82 13.70
N LEU B 11 22.92 44.08 13.48
CA LEU B 11 23.50 44.50 12.22
C LEU B 11 24.97 44.10 12.14
N GLY B 12 25.62 44.01 13.30
CA GLY B 12 27.01 43.64 13.37
C GLY B 12 27.26 42.22 12.92
N GLY B 13 26.36 41.32 13.30
CA GLY B 13 26.46 39.93 12.90
C GLY B 13 26.03 39.74 11.47
N LEU B 14 25.28 40.71 10.95
CA LEU B 14 24.81 40.67 9.57
C LEU B 14 25.91 41.10 8.61
N LEU B 15 26.33 42.35 8.73
CA LEU B 15 27.38 42.90 7.90
C LEU B 15 28.75 42.63 8.52
N HIS B 16 29.12 41.36 8.58
CA HIS B 16 30.40 40.95 9.15
C HIS B 16 31.27 40.33 8.07
N ASP B 17 30.62 39.74 7.07
CA ASP B 17 31.33 39.14 5.94
C ASP B 17 30.97 39.86 4.65
N ILE B 18 30.70 41.16 4.75
CA ILE B 18 30.34 41.95 3.59
C ILE B 18 31.54 42.14 2.67
N GLY B 19 32.73 41.91 3.21
CA GLY B 19 33.95 42.10 2.46
C GLY B 19 34.38 40.88 1.68
N LYS B 20 33.65 39.77 1.87
CA LYS B 20 33.96 38.55 1.13
C LYS B 20 33.86 38.76 -0.38
N PRO B 21 32.72 39.25 -0.90
CA PRO B 21 32.72 39.46 -2.35
C PRO B 21 33.62 40.62 -2.76
N VAL B 22 33.86 41.54 -1.83
CA VAL B 22 34.73 42.69 -2.08
C VAL B 22 36.16 42.23 -2.37
N GLN B 23 36.68 41.35 -1.50
CA GLN B 23 38.01 40.80 -1.69
C GLN B 23 38.10 39.99 -2.98
N ARG B 24 37.07 39.19 -3.22
CA ARG B 24 36.99 38.38 -4.43
C ARG B 24 36.92 39.26 -5.67
N ALA B 25 36.39 40.46 -5.51
CA ALA B 25 36.37 41.45 -6.57
C ALA B 25 37.70 42.19 -6.62
N GLY B 26 38.46 42.10 -5.52
CA GLY B 26 39.73 42.78 -5.41
C GLY B 26 39.58 44.28 -5.49
N LEU B 27 38.41 44.77 -5.06
CA LEU B 27 38.09 46.18 -5.16
C LEU B 27 39.04 47.05 -4.34
N TYR B 28 39.57 46.49 -3.26
CA TYR B 28 40.57 47.18 -2.47
C TYR B 28 41.82 46.31 -2.33
N SER B 29 42.57 46.49 -1.25
CA SER B 29 43.89 45.86 -1.14
C SER B 29 44.00 44.79 -0.06
N GLY B 30 43.36 45.02 1.08
CA GLY B 30 43.48 44.12 2.21
C GLY B 30 42.80 42.77 2.01
N ASP B 31 42.51 42.08 3.12
CA ASP B 31 41.80 40.81 3.04
C ASP B 31 40.29 41.03 3.16
N HIS B 32 39.53 39.94 3.13
CA HIS B 32 38.08 40.01 3.13
C HIS B 32 37.52 40.74 4.35
N SER B 33 38.26 40.71 5.45
CA SER B 33 37.85 41.38 6.68
C SER B 33 38.28 42.85 6.68
N THR B 34 39.47 43.11 6.16
CA THR B 34 40.00 44.48 6.11
C THR B 34 39.37 45.28 4.96
N GLN B 35 39.11 44.61 3.84
CA GLN B 35 38.46 45.26 2.72
C GLN B 35 36.99 45.53 3.03
N GLY B 36 36.41 44.71 3.89
CA GLY B 36 35.03 44.88 4.29
C GLY B 36 34.87 46.06 5.23
N ALA B 37 35.91 46.33 6.01
CA ALA B 37 35.90 47.48 6.92
C ALA B 37 35.82 48.78 6.12
N ARG B 38 36.77 48.96 5.21
CA ARG B 38 36.82 50.15 4.37
C ARG B 38 35.56 50.26 3.50
N PHE B 39 35.06 49.12 3.03
CA PHE B 39 33.84 49.09 2.24
C PHE B 39 32.67 49.70 3.01
N LEU B 40 32.59 49.36 4.29
CA LEU B 40 31.58 49.95 5.16
C LEU B 40 31.90 51.42 5.44
N ARG B 41 33.20 51.72 5.56
CA ARG B 41 33.63 53.09 5.78
C ARG B 41 33.31 53.98 4.58
N ASP B 42 33.49 53.44 3.38
CA ASP B 42 33.11 54.15 2.17
C ASP B 42 31.60 54.25 2.06
N LEU B 43 30.91 53.26 2.61
CA LEU B 43 29.45 53.23 2.60
C LEU B 43 28.88 54.30 3.54
N ALA B 44 29.65 54.63 4.58
CA ALA B 44 29.24 55.62 5.55
C ALA B 44 29.52 57.03 5.05
N GLU B 45 30.53 57.17 4.20
CA GLU B 45 30.89 58.46 3.64
C GLU B 45 29.98 58.84 2.47
N ASN B 46 29.21 57.87 2.00
CA ASN B 46 28.29 58.09 0.89
C ASN B 46 26.95 58.67 1.34
N THR B 47 27.02 59.66 2.23
CA THR B 47 25.82 60.30 2.74
C THR B 47 25.08 59.39 3.73
N GLY B 48 25.49 58.13 3.77
CA GLY B 48 24.88 57.16 4.66
C GLY B 48 25.28 57.37 6.10
N ARG B 49 24.52 56.80 7.02
CA ARG B 49 24.79 56.92 8.44
C ARG B 49 26.27 56.70 8.74
N ALA B 50 26.76 57.32 9.81
CA ALA B 50 28.16 57.17 10.20
C ALA B 50 28.39 56.00 11.13
N GLU B 51 27.37 55.15 11.29
CA GLU B 51 27.46 53.97 12.14
C GLU B 51 28.09 52.80 11.40
N TYR B 52 28.17 52.92 10.08
CA TYR B 52 28.86 51.94 9.25
C TYR B 52 30.35 51.92 9.60
N GLU B 53 30.82 53.05 10.10
CA GLU B 53 32.20 53.16 10.58
C GLU B 53 32.37 52.36 11.85
N LEU B 54 31.32 52.36 12.67
CA LEU B 54 31.30 51.57 13.90
C LEU B 54 31.08 50.09 13.56
N LEU B 55 30.32 49.86 12.49
CA LEU B 55 30.07 48.50 12.01
C LEU B 55 31.25 47.96 11.24
N SER B 56 32.14 48.86 10.82
CA SER B 56 33.34 48.47 10.09
C SER B 56 34.29 47.68 10.99
N LEU B 57 34.14 47.89 12.31
CA LEU B 57 34.96 47.19 13.29
C LEU B 57 34.62 45.71 13.32
N PHE B 58 33.33 45.40 13.22
CA PHE B 58 32.87 44.01 13.18
C PHE B 58 33.49 43.27 12.00
N SER B 59 33.65 43.99 10.89
CA SER B 59 34.31 43.44 9.72
C SER B 59 35.83 43.40 9.92
N GLU B 60 36.39 44.49 10.42
CA GLU B 60 37.83 44.64 10.56
C GLU B 60 38.44 43.63 11.52
N PHE B 61 37.70 43.29 12.57
CA PHE B 61 38.22 42.39 13.60
C PHE B 61 37.55 41.02 13.57
N HIS B 62 37.98 40.18 12.65
CA HIS B 62 37.49 38.81 12.56
C HIS B 62 38.65 37.84 12.41
N HIS B 63 39.42 37.66 13.48
CA HIS B 63 40.57 36.76 13.46
C HIS B 63 40.60 35.88 14.70
N ASP B 70 46.50 44.36 24.39
CA ASP B 70 45.27 44.96 23.91
C ASP B 70 45.11 46.36 24.52
N GLU B 71 45.47 47.37 23.76
CA GLU B 71 45.13 48.76 24.08
C GLU B 71 44.76 49.47 22.79
N LEU B 72 45.30 48.98 21.67
CA LEU B 72 45.01 49.51 20.35
C LEU B 72 43.62 49.08 19.89
N ILE B 74 41.04 48.28 21.74
CA ILE B 74 40.00 48.90 22.54
C ILE B 74 39.74 50.34 22.10
N ARG B 75 40.80 51.05 21.75
CA ARG B 75 40.66 52.45 21.34
C ARG B 75 40.61 52.56 19.82
N ARG B 76 40.55 51.40 19.15
CA ARG B 76 40.32 51.35 17.71
C ARG B 76 38.99 52.03 17.37
N ILE B 77 38.16 52.21 18.40
CA ILE B 77 36.99 53.08 18.34
C ILE B 77 37.36 54.45 17.78
N LYS B 78 38.60 54.86 18.02
CA LYS B 78 39.21 56.05 17.43
C LYS B 78 38.38 57.34 17.56
N GLU B 79 37.99 57.93 16.43
CA GLU B 79 37.54 59.31 16.46
C GLU B 79 36.05 59.52 16.21
N LEU B 80 35.53 58.99 15.10
CA LEU B 80 34.18 59.31 14.67
C LEU B 80 33.09 58.77 15.60
N SER B 81 32.55 59.67 16.42
CA SER B 81 31.43 59.38 17.33
C SER B 81 31.62 58.12 18.17
N PRO B 82 32.52 58.17 19.14
CA PRO B 82 32.77 57.03 20.02
C PRO B 82 31.78 56.71 21.14
N GLU B 83 31.39 57.73 21.90
CA GLU B 83 30.48 57.56 23.01
C GLU B 83 29.08 57.81 22.45
N ARG B 84 29.04 58.45 21.29
CA ARG B 84 27.79 58.65 20.56
C ARG B 84 27.18 57.29 20.20
N PHE B 85 25.87 57.26 19.95
CA PHE B 85 25.19 56.02 19.60
C PHE B 85 25.02 55.12 20.83
N GLY B 86 25.22 55.69 22.01
CA GLY B 86 25.09 54.95 23.26
C GLY B 86 26.05 53.78 23.33
N LEU B 87 27.18 53.90 22.65
CA LEU B 87 28.20 52.84 22.63
C LEU B 87 29.10 52.93 23.85
N THR B 88 29.04 51.91 24.70
CA THR B 88 29.86 51.87 25.91
C THR B 88 31.28 51.40 25.60
N GLU B 90 32.60 49.04 27.07
CA GLU B 90 32.60 47.59 27.28
C GLU B 90 31.45 46.93 26.54
N ASP B 91 30.25 47.46 26.70
CA ASP B 91 29.07 46.92 26.05
C ASP B 91 29.33 46.65 24.57
N VAL B 92 29.92 47.64 23.90
CA VAL B 92 30.22 47.51 22.48
C VAL B 92 31.32 46.49 22.23
N LEU B 93 32.25 46.39 23.19
CA LEU B 93 33.35 45.45 23.08
C LEU B 93 32.81 44.03 23.14
N ASN B 94 31.87 43.81 24.05
CA ASN B 94 31.20 42.52 24.16
C ASN B 94 30.45 42.20 22.87
N ALA B 95 29.87 43.23 22.25
CA ALA B 95 29.16 43.08 20.99
C ALA B 95 30.08 42.53 19.91
N LEU B 96 31.33 42.99 19.92
CA LEU B 96 32.34 42.47 19.00
C LEU B 96 32.66 41.03 19.33
N TRP B 97 32.54 40.66 20.60
CA TRP B 97 32.77 39.29 21.03
C TRP B 97 31.51 38.45 20.88
N ILE B 98 30.36 39.09 20.97
CA ILE B 98 29.09 38.41 20.74
C ILE B 98 28.98 37.95 19.28
N VAL B 99 29.31 38.86 18.37
CA VAL B 99 29.32 38.55 16.94
C VAL B 99 30.43 37.57 16.62
N TYR B 100 31.53 37.66 17.37
CA TYR B 100 32.68 36.77 17.19
C TYR B 100 32.28 35.30 17.29
N GLU B 101 31.72 34.91 18.43
CA GLU B 101 31.31 33.53 18.64
C GLU B 101 30.18 33.12 17.71
N ALA B 102 29.29 34.06 17.43
CA ALA B 102 28.17 33.81 16.51
C ALA B 102 28.67 33.36 15.15
N ASP B 103 29.74 33.99 14.69
CA ASP B 103 30.38 33.63 13.43
C ASP B 103 30.84 32.18 13.47
N ASN B 104 31.38 31.76 14.61
CA ASN B 104 31.84 30.39 14.78
C ASN B 104 30.68 29.42 14.92
N LEU B 105 29.64 29.84 15.63
CA LEU B 105 28.51 28.97 15.91
C LEU B 105 27.51 28.90 14.76
N ALA B 106 27.58 29.87 13.85
CA ALA B 106 26.70 29.87 12.68
C ALA B 106 26.97 28.67 11.79
N SER B 107 28.20 28.16 11.84
CA SER B 107 28.57 27.00 11.05
C SER B 107 29.65 26.17 11.74
N GLY B 108 29.28 24.96 12.16
CA GLY B 108 30.19 24.08 12.86
C GLY B 108 31.23 23.46 11.95
N GLU B 109 30.81 22.48 11.14
CA GLU B 109 31.71 21.82 10.20
C GLU B 109 32.09 22.75 9.06
N ARG B 110 33.05 23.63 9.30
CA ARG B 110 33.51 24.55 8.28
C ARG B 110 34.91 25.08 8.57
N GLU B 111 35.86 24.16 8.63
CA GLU B 111 37.26 24.51 8.88
C GLU B 111 38.15 23.96 7.79
N GLU B 112 38.27 24.72 6.70
CA GLU B 112 39.04 24.28 5.54
C GLU B 112 39.93 25.41 5.02
N PRO B 115 43.96 29.36 0.79
CA PRO B 115 43.40 30.69 0.53
C PRO B 115 43.07 30.92 -0.93
N GLN B 116 42.07 30.21 -1.43
CA GLN B 116 41.63 30.36 -2.81
C GLN B 116 40.24 30.99 -2.89
N ALA B 117 40.18 32.25 -3.29
CA ALA B 117 38.92 32.97 -3.35
C ALA B 117 38.30 32.95 -4.74
N SER B 118 38.48 31.84 -5.45
CA SER B 118 37.89 31.69 -6.78
C SER B 118 37.20 30.34 -6.94
N ARG B 119 36.13 30.14 -6.18
CA ARG B 119 35.29 28.96 -6.29
C ARG B 119 33.83 29.34 -6.09
N PRO B 120 32.94 28.81 -6.94
CA PRO B 120 31.51 29.14 -6.85
C PRO B 120 30.81 28.39 -5.72
N LEU B 121 29.51 28.61 -5.59
CA LEU B 121 28.70 27.91 -4.60
C LEU B 121 28.33 26.53 -5.13
N TYR B 122 28.49 25.51 -4.28
CA TYR B 122 28.14 24.15 -4.65
C TYR B 122 26.73 23.84 -4.17
N SER B 123 26.00 23.04 -4.95
CA SER B 123 24.61 22.72 -4.62
C SER B 123 24.50 21.91 -3.34
N VAL B 124 23.53 22.26 -2.50
CA VAL B 124 23.25 21.53 -1.28
C VAL B 124 22.54 20.23 -1.61
N PHE B 125 21.94 20.17 -2.80
CA PHE B 125 21.28 18.97 -3.27
C PHE B 125 22.30 18.00 -3.83
N ASN B 126 23.39 18.54 -4.35
CA ASN B 126 24.48 17.74 -4.89
C ASN B 126 25.81 18.46 -4.72
N PRO B 127 26.53 18.15 -3.62
CA PRO B 127 27.81 18.77 -3.27
C PRO B 127 28.92 18.57 -4.30
N GLY B 128 28.61 17.92 -5.42
CA GLY B 128 29.57 17.70 -6.48
C GLY B 128 29.27 18.54 -7.71
N LYS B 129 28.21 19.34 -7.63
CA LYS B 129 27.82 20.21 -8.74
C LYS B 129 27.57 21.64 -8.25
N ALA B 130 28.06 22.61 -9.03
CA ALA B 130 28.02 24.01 -8.63
C ALA B 130 27.06 24.84 -9.47
N TYR B 131 26.64 25.97 -8.92
CA TYR B 131 25.72 26.88 -9.59
C TYR B 131 26.43 27.77 -10.60
N PRO B 132 25.70 28.19 -11.66
CA PRO B 132 26.16 29.28 -12.52
C PRO B 132 26.20 30.59 -11.75
N TRP B 133 26.77 31.64 -12.34
CA TRP B 133 26.93 32.91 -11.62
C TRP B 133 25.59 33.50 -11.19
N ALA B 134 25.61 34.18 -10.05
CA ALA B 134 24.38 34.57 -9.36
C ALA B 134 23.66 35.79 -9.92
N GLU B 135 22.35 35.67 -10.03
CA GLU B 135 21.45 36.80 -10.23
C GLU B 135 20.02 36.37 -9.91
N LEU B 136 19.67 36.44 -8.63
CA LEU B 136 18.38 35.95 -8.16
C LEU B 136 17.24 36.90 -8.48
N ASP B 137 16.33 36.45 -9.35
CA ASP B 137 15.18 37.24 -9.76
C ASP B 137 14.00 36.34 -10.10
N PHE B 138 14.23 35.03 -10.03
CA PHE B 138 13.19 34.05 -10.34
C PHE B 138 12.58 34.31 -11.71
N GLU B 139 13.44 34.61 -12.68
CA GLU B 139 12.99 34.87 -14.05
C GLU B 139 14.13 34.69 -15.04
N LYS B 140 13.87 33.91 -16.09
CA LYS B 140 14.86 33.65 -17.13
C LYS B 140 16.16 33.13 -16.52
N GLU B 141 16.03 32.33 -15.47
CA GLU B 141 17.19 31.76 -14.79
C GLU B 141 16.82 30.49 -14.03
N LEU B 142 17.35 29.36 -14.48
CA LEU B 142 17.07 28.08 -13.85
C LEU B 142 18.31 27.59 -13.11
N PRO B 143 18.31 27.79 -11.71
CA PRO B 143 19.53 27.29 -11.06
C PRO B 143 19.73 25.81 -11.32
N VAL B 144 20.67 25.48 -12.20
CA VAL B 144 20.96 24.09 -12.54
C VAL B 144 22.41 23.74 -12.25
N PRO B 145 22.64 23.00 -11.15
CA PRO B 145 23.98 22.59 -10.70
C PRO B 145 24.66 21.67 -11.72
N GLY B 146 25.76 22.14 -12.30
CA GLY B 146 26.52 21.35 -13.25
C GLY B 146 28.01 21.42 -12.97
N ASP B 147 28.79 21.54 -14.03
CA ASP B 147 30.24 21.65 -13.90
C ASP B 147 30.63 22.91 -13.13
N VAL B 148 31.74 22.85 -12.42
CA VAL B 148 32.20 23.97 -11.62
C VAL B 148 32.92 25.00 -12.48
N PHE B 149 32.33 26.19 -12.57
CA PHE B 149 32.94 27.29 -13.32
C PHE B 149 33.30 28.43 -12.37
N SER B 150 34.59 28.74 -12.30
CA SER B 150 35.10 29.74 -11.38
C SER B 150 34.58 31.14 -11.71
N ILE B 151 34.62 32.02 -10.72
CA ILE B 151 34.12 33.38 -10.89
C ILE B 151 35.26 34.38 -10.95
N ARG B 152 35.35 35.08 -12.08
CA ARG B 152 36.39 36.09 -12.28
C ARG B 152 36.10 37.33 -11.44
N SER B 153 37.11 38.19 -11.30
CA SER B 153 36.93 39.46 -10.59
C SER B 153 35.90 40.32 -11.31
N GLN B 154 35.91 40.23 -12.64
CA GLN B 154 35.00 40.98 -13.50
C GLN B 154 33.54 40.79 -13.11
N ASP B 155 33.21 39.58 -12.65
CA ASP B 155 31.85 39.26 -12.24
C ASP B 155 31.57 39.75 -10.83
N TYR B 156 32.51 39.53 -9.92
CA TYR B 156 32.37 39.98 -8.54
C TYR B 156 32.35 41.51 -8.46
N ARG B 157 33.22 42.16 -9.23
CA ARG B 157 33.27 43.61 -9.27
C ARG B 157 31.92 44.20 -9.67
N GLU B 158 31.22 43.48 -10.55
CA GLU B 158 29.89 43.86 -10.97
C GLU B 158 28.90 43.67 -9.82
N LEU B 159 29.06 42.56 -9.09
CA LEU B 159 28.16 42.23 -8.00
C LEU B 159 28.40 43.11 -6.78
N VAL B 160 29.66 43.45 -6.54
CA VAL B 160 30.01 44.35 -5.43
C VAL B 160 29.51 45.76 -5.75
N LYS B 161 29.53 46.11 -7.03
CA LYS B 161 29.01 47.39 -7.49
C LYS B 161 27.51 47.47 -7.27
N ARG B 162 26.79 46.48 -7.79
CA ARG B 162 25.33 46.42 -7.66
C ARG B 162 24.90 46.44 -6.20
N LEU B 163 25.63 45.68 -5.38
CA LEU B 163 25.34 45.60 -3.95
C LEU B 163 25.47 46.95 -3.28
N TRP B 164 26.53 47.67 -3.60
CA TRP B 164 26.83 48.95 -2.97
C TRP B 164 25.82 50.02 -3.38
N GLU B 165 25.27 49.90 -4.59
CA GLU B 165 24.31 50.88 -5.08
C GLU B 165 22.98 50.76 -4.34
N GLU B 166 22.53 49.52 -4.10
CA GLU B 166 21.29 49.30 -3.37
C GLU B 166 21.46 49.53 -1.88
N LEU B 167 22.67 49.31 -1.37
CA LEU B 167 22.98 49.56 0.03
C LEU B 167 22.90 51.05 0.35
N SER B 168 23.35 51.88 -0.58
CA SER B 168 23.32 53.32 -0.42
C SER B 168 21.89 53.83 -0.40
N LYS B 169 21.00 53.14 -1.12
CA LYS B 169 19.61 53.55 -1.22
C LYS B 169 18.75 52.89 -0.15
N ALA B 170 19.39 52.16 0.75
CA ALA B 170 18.69 51.46 1.82
C ALA B 170 18.84 52.18 3.16
N LYS B 171 18.15 51.68 4.17
CA LYS B 171 18.27 52.22 5.52
C LYS B 171 19.35 51.46 6.29
N LEU B 172 19.55 51.85 7.54
CA LEU B 172 20.45 51.10 8.43
C LEU B 172 19.61 50.30 9.41
N ARG B 173 19.14 49.14 8.95
CA ARG B 173 18.20 48.33 9.73
C ARG B 173 18.15 46.91 9.17
N SER B 174 17.88 45.95 10.06
CA SER B 174 17.90 44.54 9.68
C SER B 174 16.89 44.20 8.59
N ASP B 175 15.65 44.66 8.77
CA ASP B 175 14.57 44.31 7.84
C ASP B 175 14.77 44.89 6.45
N ARG B 176 15.66 45.87 6.33
CA ARG B 176 15.88 46.53 5.04
C ARG B 176 17.20 46.09 4.40
N LEU B 177 18.05 45.43 5.17
CA LEU B 177 19.32 44.93 4.64
C LEU B 177 19.17 43.51 4.12
N LEU B 178 18.38 42.71 4.82
CA LEU B 178 18.16 41.30 4.45
C LEU B 178 17.73 41.11 2.99
N PRO B 179 16.72 41.85 2.51
CA PRO B 179 16.32 41.59 1.11
C PRO B 179 17.39 41.99 0.11
N VAL B 180 18.18 43.01 0.42
CA VAL B 180 19.25 43.45 -0.47
C VAL B 180 20.35 42.40 -0.56
N LEU B 181 20.81 41.94 0.60
CA LEU B 181 21.85 40.92 0.67
C LEU B 181 21.38 39.62 0.03
N GLU B 182 20.13 39.25 0.30
CA GLU B 182 19.55 38.03 -0.26
C GLU B 182 19.54 38.09 -1.78
N LYS B 183 19.36 39.29 -2.33
CA LYS B 183 19.32 39.48 -3.77
C LYS B 183 20.69 39.32 -4.41
N TYR B 184 21.73 39.71 -3.69
CA TYR B 184 23.07 39.78 -4.28
C TYR B 184 24.08 38.81 -3.68
N LEU B 185 23.67 38.05 -2.68
CA LEU B 185 24.59 37.12 -2.02
C LEU B 185 24.00 35.72 -1.87
N THR B 186 23.01 35.40 -2.69
CA THR B 186 22.35 34.10 -2.63
C THR B 186 23.29 32.98 -3.08
N PHE B 187 23.65 32.98 -4.36
CA PHE B 187 24.52 31.94 -4.90
C PHE B 187 25.99 32.36 -4.78
N VAL B 188 26.37 32.74 -3.58
CA VAL B 188 27.76 33.08 -3.27
C VAL B 188 28.22 32.25 -2.08
N SER B 189 29.37 31.59 -2.22
CA SER B 189 29.91 30.76 -1.15
C SER B 189 30.54 31.61 -0.05
N SER B 190 30.31 31.23 1.21
CA SER B 190 30.96 31.91 2.33
C SER B 190 32.44 31.59 2.45
N VAL B 191 32.73 30.33 2.74
CA VAL B 191 34.11 29.85 2.76
C VAL B 191 34.37 29.29 1.37
N THR B 192 35.18 30.00 0.60
CA THR B 192 35.46 29.64 -0.78
C THR B 192 36.31 28.38 -0.87
N SER B 193 35.67 27.23 -0.69
CA SER B 193 36.38 25.94 -0.74
C SER B 193 35.64 24.96 -1.64
N GLU B 194 36.20 23.75 -1.77
CA GLU B 194 35.61 22.73 -2.63
C GLU B 194 34.47 21.99 -1.92
N GLY B 195 33.33 21.90 -2.59
CA GLY B 195 32.19 21.19 -2.04
C GLY B 195 31.44 21.99 -1.00
N ASN B 196 31.73 23.29 -0.92
CA ASN B 196 31.04 24.16 0.02
C ASN B 196 29.59 24.38 -0.38
N ILE B 197 28.67 23.88 0.44
CA ILE B 197 27.25 23.91 0.11
C ILE B 197 26.48 24.91 0.97
N ILE B 198 27.16 25.95 1.43
CA ILE B 198 26.53 26.95 2.28
C ILE B 198 26.52 28.32 1.63
N SER B 199 25.32 28.89 1.48
CA SER B 199 25.15 30.22 0.90
C SER B 199 25.64 31.30 1.85
N LEU B 200 26.29 32.33 1.30
CA LEU B 200 26.86 33.40 2.13
C LEU B 200 25.78 34.17 2.87
N TYR B 201 24.70 34.51 2.17
CA TYR B 201 23.59 35.21 2.79
C TYR B 201 23.03 34.40 3.96
N ASP B 202 22.95 33.09 3.76
CA ASP B 202 22.38 32.19 4.76
C ASP B 202 23.29 32.06 5.98
N HIS B 203 24.55 32.46 5.83
CA HIS B 203 25.48 32.44 6.96
C HIS B 203 25.36 33.73 7.75
N ARG B 205 22.64 35.59 7.58
CA ARG B 205 21.24 35.70 7.98
C ARG B 205 21.06 35.21 9.41
N THR B 207 24.21 34.59 11.44
CA THR B 207 25.34 34.95 12.28
C THR B 207 24.82 36.12 13.11
N SER B 208 23.86 36.82 12.52
CA SER B 208 23.20 37.95 13.16
C SER B 208 22.09 37.49 14.10
N ALA B 209 21.67 36.24 13.96
CA ALA B 209 20.60 35.69 14.79
C ALA B 209 21.15 35.07 16.06
N ILE B 210 22.17 34.24 15.92
CA ILE B 210 22.80 33.59 17.06
C ILE B 210 23.47 34.63 17.96
N ALA B 211 23.92 35.72 17.35
CA ALA B 211 24.46 36.85 18.11
C ALA B 211 23.35 37.52 18.90
N LEU B 212 22.21 37.73 18.25
CA LEU B 212 21.07 38.39 18.89
C LEU B 212 20.37 37.44 19.87
N ALA B 213 20.73 36.16 19.80
CA ALA B 213 20.14 35.16 20.68
C ALA B 213 21.01 34.93 21.92
N LEU B 215 23.01 37.78 22.93
CA LEU B 215 22.97 39.13 23.47
C LEU B 215 21.81 39.28 24.44
N ARG B 216 20.65 38.76 24.03
CA ARG B 216 19.48 38.71 24.90
C ARG B 216 19.78 37.87 26.13
N ALA B 217 20.58 36.83 25.94
CA ALA B 217 20.97 35.94 27.04
C ALA B 217 21.90 36.64 28.03
N GLY B 218 22.80 37.45 27.50
CA GLY B 218 23.80 38.11 28.32
C GLY B 218 24.99 37.19 28.56
N CYS B 219 25.68 36.84 27.49
CA CYS B 219 26.83 35.94 27.57
C CYS B 219 28.13 36.71 27.77
N THR B 220 28.97 36.20 28.66
CA THR B 220 30.24 36.84 28.99
C THR B 220 31.21 35.82 29.58
N ALA B 221 32.40 35.72 29.00
CA ALA B 221 32.80 36.53 27.86
C ALA B 221 32.55 35.79 26.56
N CYS B 229 34.03 29.82 28.15
CA CYS B 229 33.38 30.08 29.43
C CYS B 229 31.91 29.68 29.39
N ARG B 230 31.23 30.03 28.30
CA ARG B 230 29.83 29.69 28.12
C ARG B 230 29.68 28.34 27.42
N LYS B 231 28.77 27.51 27.92
CA LYS B 231 28.65 26.14 27.43
C LYS B 231 27.21 25.67 27.23
N GLU B 232 26.55 25.34 28.33
CA GLU B 232 25.31 24.55 28.28
C GLU B 232 24.00 25.35 28.26
N LYS B 233 23.19 25.08 27.25
CA LYS B 233 21.80 25.54 27.15
C LYS B 233 21.60 27.04 27.38
N ARG B 234 21.89 27.83 26.36
CA ARG B 234 21.59 29.26 26.41
C ARG B 234 20.89 29.70 25.12
N PHE B 235 20.25 28.76 24.46
CA PHE B 235 19.48 29.05 23.24
C PHE B 235 18.20 28.24 23.20
N LEU B 236 17.35 28.54 22.23
CA LEU B 236 16.08 27.82 22.06
C LEU B 236 15.72 27.64 20.60
N LEU B 237 15.52 26.40 20.18
CA LEU B 237 15.00 26.09 18.86
C LEU B 237 13.48 25.98 18.92
N ILE B 238 12.80 27.02 18.45
CA ILE B 238 11.34 27.09 18.55
C ILE B 238 10.64 26.58 17.29
N GLU B 239 10.53 25.26 17.16
CA GLU B 239 9.84 24.67 16.03
C GLU B 239 8.33 24.57 16.30
N GLY B 240 7.54 25.03 15.34
CA GLY B 240 6.10 24.96 15.44
C GLY B 240 5.49 24.41 14.17
N ASP B 241 4.31 23.82 14.27
CA ASP B 241 3.66 23.22 13.11
C ASP B 241 2.15 23.22 13.25
N PHE B 242 1.45 23.25 12.11
CA PHE B 242 0.00 23.16 12.08
C PHE B 242 -0.44 21.77 11.62
N SER B 243 -1.51 21.27 12.21
CA SER B 243 -2.07 19.98 11.80
C SER B 243 -3.52 20.14 11.37
N GLY B 244 -4.01 19.19 10.58
CA GLY B 244 -5.36 19.27 10.04
C GLY B 244 -5.42 20.25 8.89
N ILE B 245 -4.26 20.54 8.32
CA ILE B 245 -4.15 21.47 7.20
C ILE B 245 -4.92 20.99 5.97
N GLN B 246 -4.71 19.71 5.63
CA GLN B 246 -5.38 19.12 4.47
C GLN B 246 -6.87 18.91 4.72
N ASP B 247 -7.28 19.10 5.96
CA ASP B 247 -8.70 19.01 6.33
C ASP B 247 -9.28 20.40 6.47
N PHE B 248 -8.42 21.36 6.79
CA PHE B 248 -8.83 22.76 6.96
C PHE B 248 -9.16 23.41 5.62
N ILE B 249 -8.50 22.95 4.56
CA ILE B 249 -8.68 23.55 3.25
C ILE B 249 -9.55 22.70 2.33
N TYR B 250 -9.28 21.40 2.29
CA TYR B 250 -9.89 20.53 1.29
C TYR B 250 -11.22 19.91 1.73
N ARG B 251 -11.18 19.10 2.77
CA ARG B 251 -12.35 18.34 3.22
C ARG B 251 -13.56 19.23 3.48
N VAL B 252 -13.50 20.04 4.54
CA VAL B 252 -14.59 20.94 4.87
C VAL B 252 -14.10 22.39 4.89
N LYS B 255 -21.37 24.71 -1.46
CA LYS B 255 -20.05 24.42 -1.99
C LYS B 255 -19.72 25.33 -3.17
N GLY B 256 -18.53 25.93 -3.13
CA GLY B 256 -18.07 26.82 -4.18
C GLY B 256 -17.31 26.12 -5.30
N THR B 257 -16.05 25.77 -5.05
CA THR B 257 -15.40 26.03 -3.77
C THR B 257 -13.94 26.45 -3.96
N LEU B 258 -13.55 26.70 -5.20
CA LEU B 258 -12.17 27.12 -5.49
C LEU B 258 -11.96 28.57 -5.05
N LYS B 259 -13.07 29.30 -4.87
CA LYS B 259 -12.99 30.65 -4.36
C LYS B 259 -12.49 30.65 -2.92
N TYR B 260 -12.78 29.57 -2.21
CA TYR B 260 -12.47 29.46 -0.80
C TYR B 260 -11.15 28.75 -0.55
N LEU B 261 -10.72 27.94 -1.51
CA LEU B 261 -9.46 27.20 -1.39
C LEU B 261 -8.27 28.15 -1.34
N ARG B 262 -8.21 29.08 -2.29
CA ARG B 262 -7.15 30.08 -2.32
C ARG B 262 -7.28 31.04 -1.14
N ALA B 263 -8.49 31.17 -0.63
CA ALA B 263 -8.77 32.06 0.49
C ALA B 263 -8.19 31.50 1.80
N ARG B 264 -8.58 30.28 2.14
CA ARG B 264 -8.14 29.65 3.39
C ARG B 264 -6.65 29.36 3.38
N SER B 265 -6.12 29.00 2.22
CA SER B 265 -4.70 28.73 2.08
C SER B 265 -3.87 29.96 2.44
N ALA B 266 -4.23 31.09 1.84
CA ALA B 266 -3.57 32.36 2.14
C ALA B 266 -3.85 32.75 3.59
N TYR B 267 -5.03 32.42 4.07
CA TYR B 267 -5.44 32.70 5.44
C TYR B 267 -4.57 31.92 6.43
N LEU B 268 -4.38 30.64 6.14
CA LEU B 268 -3.51 29.80 6.95
C LEU B 268 -2.07 30.31 6.88
N GLU B 269 -1.72 30.92 5.76
CA GLU B 269 -0.40 31.49 5.56
C GLU B 269 -0.22 32.74 6.42
N LEU B 270 -1.25 33.57 6.49
CA LEU B 270 -1.19 34.81 7.26
C LEU B 270 -1.20 34.55 8.76
N ILE B 271 -1.88 33.49 9.18
CA ILE B 271 -1.93 33.13 10.59
C ILE B 271 -0.55 32.70 11.09
N GLY B 272 0.07 31.79 10.37
CA GLY B 272 1.39 31.28 10.73
C GLY B 272 2.44 32.36 10.78
N TRP B 273 2.33 33.34 9.90
CA TRP B 273 3.27 34.45 9.88
C TRP B 273 3.10 35.33 11.11
N ASP B 274 1.87 35.39 11.62
CA ASP B 274 1.57 36.17 12.81
C ASP B 274 2.31 35.63 14.02
N VAL B 275 2.16 34.34 14.28
CA VAL B 275 2.85 33.69 15.38
C VAL B 275 4.35 33.92 15.29
N VAL B 276 4.88 33.83 14.08
CA VAL B 276 6.30 34.05 13.85
C VAL B 276 6.73 35.46 14.26
N LEU B 277 6.03 36.47 13.74
CA LEU B 277 6.36 37.86 14.02
C LEU B 277 6.06 38.25 15.46
N GLU B 278 5.20 37.48 16.12
CA GLU B 278 4.88 37.74 17.52
C GLU B 278 6.00 37.28 18.43
N ILE B 279 6.58 36.11 18.11
CA ILE B 279 7.68 35.56 18.87
C ILE B 279 8.90 36.49 18.80
N LEU B 280 9.21 36.95 17.58
CA LEU B 280 10.36 37.83 17.37
C LEU B 280 10.22 39.12 18.17
N SER B 281 9.00 39.66 18.21
CA SER B 281 8.72 40.89 18.92
C SER B 281 8.80 40.71 20.42
N ARG B 282 8.13 39.69 20.94
CA ARG B 282 8.09 39.44 22.38
C ARG B 282 9.45 39.00 22.92
N LEU B 283 10.24 38.32 22.09
CA LEU B 283 11.53 37.82 22.53
C LEU B 283 12.66 38.72 22.05
N GLY B 284 12.29 39.85 21.44
CA GLY B 284 13.26 40.84 21.02
C GLY B 284 14.24 40.33 19.98
N LEU B 285 13.72 39.89 18.84
CA LEU B 285 14.55 39.39 17.76
C LEU B 285 14.15 40.01 16.43
N THR B 286 14.98 39.80 15.41
CA THR B 286 14.66 40.25 14.06
C THR B 286 14.18 39.07 13.22
N ARG B 287 13.87 39.32 11.95
CA ARG B 287 13.43 38.26 11.05
C ARG B 287 14.60 37.33 10.71
N ALA B 288 15.80 37.77 11.07
CA ALA B 288 17.01 36.99 10.85
C ALA B 288 17.02 35.71 11.70
N ASN B 289 16.31 35.74 12.83
CA ASN B 289 16.26 34.60 13.73
C ASN B 289 15.31 33.51 13.25
N VAL B 290 14.59 33.80 12.17
CA VAL B 290 13.70 32.83 11.56
C VAL B 290 14.44 31.98 10.54
N VAL B 291 14.55 30.69 10.80
CA VAL B 291 15.21 29.79 9.86
C VAL B 291 14.35 29.65 8.60
N PHE B 292 13.10 29.26 8.79
CA PHE B 292 12.16 29.16 7.66
C PHE B 292 10.73 29.37 8.12
N ASN B 293 9.81 29.39 7.16
CA ASN B 293 8.38 29.54 7.44
C ASN B 293 7.55 29.17 6.23
N ALA B 294 7.26 27.88 6.09
CA ALA B 294 6.50 27.40 4.94
C ALA B 294 5.27 26.60 5.36
N GLY B 295 4.09 27.17 5.13
CA GLY B 295 2.84 26.49 5.38
C GLY B 295 2.56 26.23 6.85
N GLY B 296 3.17 27.01 7.72
CA GLY B 296 2.97 26.86 9.15
C GLY B 296 4.15 26.23 9.87
N HIS B 297 4.97 25.49 9.11
CA HIS B 297 6.15 24.87 9.68
C HIS B 297 7.29 25.89 9.77
N PHE B 298 7.76 26.13 10.98
CA PHE B 298 8.78 27.15 11.21
C PHE B 298 9.60 26.83 12.46
N ILE B 300 12.61 28.82 15.11
CA ILE B 300 13.27 30.08 15.43
C ILE B 300 14.40 29.88 16.43
N ILE B 301 15.56 30.47 16.13
CA ILE B 301 16.68 30.46 17.07
C ILE B 301 16.57 31.68 17.98
N ALA B 302 16.31 31.43 19.26
CA ALA B 302 16.08 32.50 20.23
C ALA B 302 16.92 32.33 21.48
N GLN B 303 16.69 33.21 22.46
CA GLN B 303 17.41 33.17 23.72
C GLN B 303 16.71 32.25 24.72
N ASN B 304 17.50 31.66 25.62
CA ASN B 304 16.97 30.77 26.64
C ASN B 304 16.91 31.45 27.99
N THR B 305 16.26 32.61 28.03
CA THR B 305 16.07 33.35 29.27
C THR B 305 14.72 32.98 29.87
N PRO B 306 14.56 33.18 31.19
CA PRO B 306 13.28 32.87 31.84
C PRO B 306 12.11 33.68 31.28
N ASP B 307 12.37 34.90 30.84
CA ASP B 307 11.32 35.75 30.29
C ASP B 307 10.95 35.35 28.86
N ALA B 308 11.92 34.76 28.15
CA ALA B 308 11.69 34.30 26.79
C ALA B 308 10.62 33.21 26.76
N VAL B 309 10.85 32.16 27.54
CA VAL B 309 9.89 31.08 27.68
C VAL B 309 8.59 31.60 28.26
N LYS B 310 8.71 32.58 29.16
CA LYS B 310 7.55 33.25 29.74
C LYS B 310 6.74 33.98 28.67
N GLU B 311 7.43 34.69 27.79
CA GLU B 311 6.77 35.42 26.71
C GLU B 311 6.44 34.51 25.53
N LEU B 312 6.79 33.22 25.67
CA LEU B 312 6.49 32.25 24.63
C LEU B 312 5.20 31.49 24.92
N GLU B 313 5.08 31.00 26.15
CA GLU B 313 3.94 30.19 26.56
C GLU B 313 2.61 30.93 26.41
N GLU B 314 2.66 32.26 26.53
CA GLU B 314 1.46 33.07 26.36
C GLU B 314 1.08 33.18 24.89
N ILE B 315 2.08 33.20 24.01
CA ILE B 315 1.84 33.25 22.58
C ILE B 315 1.11 32.00 22.12
N ARG B 316 1.58 30.84 22.57
CA ARG B 316 0.94 29.57 22.27
C ARG B 316 -0.49 29.56 22.81
N ALA B 317 -0.64 30.01 24.05
CA ALA B 317 -1.94 30.04 24.70
C ALA B 317 -2.91 30.98 23.98
N LYS B 318 -2.44 32.17 23.64
CA LYS B 318 -3.28 33.16 22.96
C LYS B 318 -3.44 32.83 21.47
N ALA B 319 -2.96 31.65 21.08
CA ALA B 319 -3.14 31.16 19.72
C ALA B 319 -3.95 29.87 19.72
N VAL B 320 -3.43 28.86 20.42
CA VAL B 320 -4.10 27.57 20.52
C VAL B 320 -5.53 27.71 21.04
N GLU B 321 -5.67 28.44 22.14
CA GLU B 321 -6.99 28.68 22.72
C GLU B 321 -7.80 29.61 21.81
N TRP B 322 -7.10 30.45 21.07
CA TRP B 322 -7.75 31.32 20.09
C TRP B 322 -8.24 30.49 18.92
N LEU B 323 -7.51 29.43 18.58
CA LEU B 323 -7.94 28.51 17.54
C LEU B 323 -9.25 27.85 17.94
N TYR B 324 -9.32 27.43 19.20
CA TYR B 324 -10.54 26.82 19.74
C TYR B 324 -11.75 27.73 19.65
N ARG B 325 -11.50 29.03 19.66
CA ARG B 325 -12.59 30.00 19.53
C ARG B 325 -13.23 29.95 18.15
N GLU B 326 -12.41 29.71 17.13
CA GLU B 326 -12.90 29.64 15.76
C GLU B 326 -12.77 28.23 15.20
N PHE B 327 -11.55 27.74 15.12
CA PHE B 327 -11.28 26.39 14.60
C PHE B 327 -11.42 25.34 15.69
N GLU B 328 -12.48 24.55 15.62
CA GLU B 328 -12.73 23.51 16.60
C GLU B 328 -12.54 22.12 15.98
N SER B 329 -11.58 21.38 16.49
CA SER B 329 -11.29 20.03 15.99
C SER B 329 -11.01 20.06 14.49
N ASP B 330 -10.37 21.13 14.03
CA ASP B 330 -10.04 21.27 12.61
C ASP B 330 -8.58 21.68 12.43
N LEU B 331 -8.19 22.76 13.09
CA LEU B 331 -6.83 23.26 13.01
C LEU B 331 -6.13 23.23 14.36
N TYR B 332 -4.99 22.54 14.42
CA TYR B 332 -4.23 22.43 15.65
C TYR B 332 -2.85 23.06 15.49
N LEU B 333 -2.27 23.50 16.60
CA LEU B 333 -0.96 24.15 16.58
C LEU B 333 -0.11 23.69 17.75
N ALA B 334 0.93 22.91 17.47
CA ALA B 334 1.84 22.45 18.50
C ALA B 334 3.16 23.21 18.43
N ILE B 335 3.49 23.91 19.52
CA ILE B 335 4.72 24.70 19.58
C ILE B 335 5.55 24.34 20.81
N GLU B 336 6.62 23.58 20.60
CA GLU B 336 7.55 23.27 21.67
C GLU B 336 8.90 23.92 21.39
N TRP B 337 9.86 23.73 22.30
CA TRP B 337 11.20 24.26 22.11
C TRP B 337 12.22 23.50 22.95
N GLU B 338 13.32 23.12 22.32
CA GLU B 338 14.39 22.40 23.01
C GLU B 338 15.56 23.32 23.31
N PRO B 339 15.99 23.36 24.58
CA PRO B 339 17.16 24.15 24.99
C PRO B 339 18.46 23.58 24.44
N VAL B 340 19.10 24.31 23.53
CA VAL B 340 20.34 23.85 22.93
C VAL B 340 21.54 24.63 23.45
N SER B 341 22.69 23.96 23.51
CA SER B 341 23.90 24.56 24.09
C SER B 341 24.58 25.50 23.11
N GLY B 342 25.78 25.95 23.49
CA GLY B 342 26.56 26.85 22.65
C GLY B 342 26.90 26.23 21.31
N ARG B 343 27.61 25.11 21.33
CA ARG B 343 27.94 24.42 20.10
C ARG B 343 27.13 23.13 19.97
N GLU B 344 25.82 23.24 20.20
CA GLU B 344 24.91 22.16 19.85
C GLU B 344 24.49 22.38 18.40
N PHE B 345 24.87 23.54 17.87
CA PHE B 345 24.68 23.86 16.47
C PHE B 345 25.71 23.14 15.62
N GLY B 346 26.94 23.07 16.12
CA GLY B 346 28.05 22.48 15.39
C GLY B 346 28.24 20.99 15.69
N ARG B 347 29.37 20.46 15.25
CA ARG B 347 29.70 19.06 15.50
C ARG B 347 30.66 18.90 16.67
N GLU B 348 30.50 17.82 17.42
CA GLU B 348 31.40 17.50 18.51
C GLU B 348 32.41 16.45 18.06
N GLY B 349 33.32 16.84 17.18
CA GLY B 349 34.33 15.94 16.65
C GLY B 349 33.71 14.85 15.79
N GLY B 350 32.90 15.25 14.83
CA GLY B 350 32.23 14.31 13.95
C GLY B 350 30.90 13.83 14.49
N LYS B 351 30.22 14.70 15.25
CA LYS B 351 28.94 14.34 15.84
C LYS B 351 27.88 15.41 15.56
N ASN B 352 26.93 15.09 14.69
CA ASN B 352 25.86 16.00 14.35
C ASN B 352 24.88 16.20 15.50
N LEU B 353 25.25 17.07 16.44
CA LEU B 353 24.42 17.33 17.60
C LEU B 353 23.17 18.16 17.25
N PHE B 354 23.23 18.86 16.12
CA PHE B 354 22.13 19.71 15.70
C PHE B 354 20.97 18.87 15.17
N ALA B 355 21.30 17.78 14.49
CA ALA B 355 20.27 16.87 13.98
C ALA B 355 19.68 16.06 15.13
N GLU B 356 20.51 15.73 16.12
CA GLU B 356 20.05 15.01 17.30
C GLU B 356 19.12 15.88 18.14
N ALA B 357 19.53 17.12 18.36
CA ALA B 357 18.74 18.07 19.15
C ALA B 357 17.43 18.40 18.46
N ARG B 358 17.47 18.50 17.13
CA ARG B 358 16.28 18.81 16.35
C ARG B 358 15.32 17.63 16.30
N LYS B 359 15.83 16.44 16.59
CA LYS B 359 14.99 15.26 16.66
C LYS B 359 14.25 15.21 18.00
N ARG B 360 14.86 15.78 19.03
CA ARG B 360 14.23 15.84 20.35
C ARG B 360 13.00 16.73 20.31
N LEU B 361 13.05 17.77 19.48
CA LEU B 361 11.98 18.76 19.43
C LEU B 361 10.97 18.49 18.32
N LYS B 362 11.44 17.91 17.21
CA LYS B 362 10.56 17.58 16.11
C LYS B 362 9.55 16.52 16.53
N HIS B 363 10.04 15.50 17.21
CA HIS B 363 9.19 14.42 17.69
C HIS B 363 8.30 14.89 18.83
N LYS B 364 8.74 15.91 19.55
CA LYS B 364 7.92 16.52 20.59
C LYS B 364 6.63 17.07 20.02
N LEU B 365 6.71 17.59 18.79
CA LEU B 365 5.54 18.07 18.09
C LEU B 365 4.72 16.90 17.54
N THR B 366 5.26 15.69 17.65
CA THR B 366 4.58 14.51 17.15
C THR B 366 3.92 13.73 18.28
N VAL B 367 4.39 13.93 19.51
CA VAL B 367 3.76 13.29 20.66
C VAL B 367 2.44 13.98 20.98
N ARG B 368 2.31 15.23 20.54
CA ARG B 368 1.09 15.99 20.77
C ARG B 368 0.33 16.17 19.45
N LYS B 369 0.78 15.45 18.43
CA LYS B 369 0.14 15.46 17.12
C LYS B 369 -1.07 14.54 17.12
N LEU B 370 -1.19 13.73 18.17
CA LEU B 370 -2.27 12.76 18.27
C LEU B 370 -3.09 12.91 19.54
N LYS B 371 -2.56 13.67 20.51
CA LYS B 371 -3.25 13.90 21.78
C LYS B 371 -4.62 14.53 21.56
N THR B 417 -17.64 29.73 7.72
CA THR B 417 -17.05 28.85 8.72
C THR B 417 -15.97 29.59 9.52
N CYS B 418 -14.89 29.96 8.85
CA CYS B 418 -13.80 30.68 9.49
C CYS B 418 -13.00 31.42 8.43
N ASN B 419 -13.28 32.72 8.29
CA ASN B 419 -12.61 33.58 7.32
C ASN B 419 -12.55 32.97 5.92
N ARG B 420 -13.71 32.78 5.31
CA ARG B 420 -13.79 32.20 3.97
C ARG B 420 -14.53 33.13 3.01
N LEU B 421 -15.28 34.06 3.57
CA LEU B 421 -16.08 34.98 2.76
C LEU B 421 -15.54 36.40 2.80
N VAL B 422 -14.26 36.55 3.12
CA VAL B 422 -13.67 37.87 3.25
C VAL B 422 -12.45 38.05 2.35
N SER B 423 -11.59 37.03 2.27
CA SER B 423 -10.37 37.13 1.50
C SER B 423 -10.59 36.80 0.02
N LEU B 424 -11.43 37.61 -0.63
CA LEU B 424 -11.73 37.41 -2.04
C LEU B 424 -11.58 38.71 -2.83
N GLY B 425 -12.34 39.73 -2.43
CA GLY B 425 -12.32 41.01 -3.12
C GLY B 425 -11.04 41.79 -2.87
N GLY B 426 -10.22 41.32 -1.93
CA GLY B 426 -8.98 41.99 -1.60
C GLY B 426 -7.76 41.13 -1.82
N ASN B 427 -7.71 40.45 -2.96
CA ASN B 427 -6.57 39.62 -3.30
C ASN B 427 -6.23 39.75 -4.78
N LEU B 428 -7.26 39.92 -5.60
CA LEU B 428 -7.07 40.02 -7.05
C LEU B 428 -6.91 41.47 -7.55
N PRO B 429 -7.75 42.42 -7.08
CA PRO B 429 -7.55 43.77 -7.60
C PRO B 429 -6.27 44.43 -7.12
N LYS B 430 -5.15 44.12 -7.77
CA LYS B 430 -3.90 44.86 -7.58
C LYS B 430 -3.43 44.78 -6.14
N LEU B 431 -3.05 43.57 -5.70
CA LEU B 431 -2.64 43.35 -4.31
C LEU B 431 -1.13 43.21 -4.17
N LEU B 432 -0.58 43.88 -3.17
CA LEU B 432 0.86 43.77 -2.87
C LEU B 432 1.08 42.90 -1.65
N GLY B 433 0.06 42.79 -0.80
CA GLY B 433 0.17 42.01 0.42
C GLY B 433 -0.86 42.43 1.45
N PHE B 434 -0.55 42.17 2.72
CA PHE B 434 -1.46 42.52 3.81
C PHE B 434 -0.71 43.17 4.96
N GLY B 435 -1.16 44.36 5.36
CA GLY B 435 -0.52 45.09 6.44
C GLY B 435 -0.90 44.55 7.80
N ARG B 436 0.10 44.26 8.62
CA ARG B 436 -0.12 43.69 9.95
C ARG B 436 -0.28 44.79 10.99
N THR B 437 -1.51 45.00 11.45
CA THR B 437 -1.78 45.99 12.48
C THR B 437 -2.78 45.44 13.49
N ALA B 438 -3.13 46.27 14.48
CA ALA B 438 -4.10 45.88 15.49
C ALA B 438 -5.45 45.57 14.85
N LYS B 439 -6.22 44.71 15.49
CA LYS B 439 -7.50 44.25 14.94
C LYS B 439 -8.52 45.39 14.83
N ASN B 440 -8.35 46.42 15.67
CA ASN B 440 -9.24 47.59 15.63
C ASN B 440 -8.47 48.86 15.29
N ASP B 441 -7.97 48.95 14.08
CA ASP B 441 -7.22 50.12 13.65
C ASP B 441 -7.93 50.88 12.53
N ALA B 442 -7.87 50.35 11.31
CA ALA B 442 -8.49 51.01 10.15
C ALA B 442 -8.56 50.08 8.94
N GLY B 443 -9.78 49.73 8.55
CA GLY B 443 -9.99 48.92 7.36
C GLY B 443 -9.49 47.49 7.47
N VAL B 444 -9.57 46.92 8.67
CA VAL B 444 -9.13 45.56 8.90
C VAL B 444 -10.08 44.53 8.26
N LEU B 445 -9.56 43.71 7.37
CA LEU B 445 -10.37 42.74 6.65
C LEU B 445 -10.24 41.35 7.31
N VAL B 446 -9.07 40.72 7.17
CA VAL B 446 -8.79 39.48 7.90
C VAL B 446 -7.98 39.73 9.17
N GLU B 447 -8.19 38.91 10.19
CA GLU B 447 -7.38 38.96 11.40
C GLU B 447 -6.86 37.58 11.80
N GLY B 448 -6.02 37.55 12.83
CA GLY B 448 -5.52 36.31 13.39
C GLY B 448 -5.61 36.34 14.91
N PRO B 449 -4.72 35.60 15.58
CA PRO B 449 -4.75 35.53 17.05
C PRO B 449 -4.22 36.79 17.72
N PHE B 450 -3.50 37.61 16.97
CA PHE B 450 -2.83 38.77 17.56
C PHE B 450 -3.15 40.06 16.82
N SER B 451 -3.18 39.99 15.49
CA SER B 451 -3.27 41.21 14.68
C SER B 451 -4.42 41.17 13.68
N GLY B 452 -4.64 42.32 13.04
CA GLY B 452 -5.59 42.45 11.96
C GLY B 452 -4.84 42.78 10.68
N PHE B 453 -5.30 42.26 9.56
CA PHE B 453 -4.58 42.41 8.30
C PHE B 453 -5.31 43.29 7.30
N VAL B 454 -4.71 44.42 6.97
CA VAL B 454 -5.27 45.31 5.96
C VAL B 454 -4.64 45.05 4.60
N PRO B 455 -5.47 44.83 3.58
CA PRO B 455 -5.02 44.53 2.23
C PRO B 455 -4.16 45.63 1.63
N TYR B 456 -2.88 45.34 1.39
CA TYR B 456 -1.97 46.30 0.78
C TYR B 456 -2.19 46.34 -0.74
N LEU B 457 -2.99 47.30 -1.18
CA LEU B 457 -3.20 47.51 -2.61
C LEU B 457 -2.17 48.51 -3.13
N GLN B 458 -1.63 48.23 -4.31
CA GLN B 458 -0.59 49.08 -4.88
C GLN B 458 -1.11 50.47 -5.20
N GLY B 459 -2.41 50.57 -5.44
CA GLY B 459 -3.04 51.85 -5.71
C GLY B 459 -3.57 52.51 -4.46
N GLY B 460 -2.90 52.30 -3.34
CA GLY B 460 -3.32 52.88 -2.08
C GLY B 460 -2.22 52.89 -1.02
N ARG B 461 -2.60 53.22 0.20
CA ARG B 461 -1.66 53.29 1.32
C ARG B 461 -2.32 52.88 2.64
N PRO B 462 -2.05 51.65 3.10
CA PRO B 462 -2.60 51.12 4.35
C PRO B 462 -1.73 51.41 5.57
N VAL B 463 -2.10 50.85 6.71
CA VAL B 463 -1.37 51.05 7.96
C VAL B 463 -1.01 49.73 8.66
N GLY B 464 0.14 49.70 9.33
CA GLY B 464 0.54 48.52 10.08
C GLY B 464 1.71 48.86 10.97
N GLU B 465 2.14 47.88 11.77
CA GLU B 465 3.33 48.04 12.58
C GLU B 465 4.33 47.36 11.66
N GLN B 466 4.07 46.08 11.37
CA GLN B 466 4.81 45.38 10.32
C GLN B 466 3.90 45.26 9.11
N ILE B 467 4.48 45.02 7.94
CA ILE B 467 3.69 44.86 6.74
C ILE B 467 4.40 43.97 5.73
N LEU B 468 3.67 43.00 5.19
CA LEU B 468 4.25 42.01 4.29
C LEU B 468 3.92 42.30 2.83
N VAL B 469 4.93 42.22 1.98
CA VAL B 469 4.73 42.33 0.54
C VAL B 469 4.79 40.93 -0.08
N LYS B 470 4.14 40.76 -1.22
CA LYS B 470 4.02 39.44 -1.83
C LYS B 470 4.95 39.26 -3.02
N ASN B 471 5.73 38.19 -2.98
CA ASN B 471 6.55 37.74 -4.11
C ASN B 471 7.53 38.78 -4.66
N THR B 472 8.23 39.48 -3.77
CA THR B 472 9.30 40.40 -4.17
C THR B 472 10.20 40.77 -2.99
N LEU B 473 11.44 41.13 -3.29
CA LEU B 473 12.39 41.54 -2.27
C LEU B 473 12.65 43.04 -2.35
N ASN B 474 11.77 43.75 -3.04
CA ASN B 474 11.91 45.19 -3.21
C ASN B 474 10.79 45.95 -2.52
N PRO B 475 11.13 46.73 -1.49
CA PRO B 475 10.18 47.55 -0.75
C PRO B 475 9.56 48.64 -1.62
N GLY B 476 8.43 49.19 -1.18
CA GLY B 476 7.75 50.24 -1.94
C GLY B 476 7.32 51.45 -1.13
N GLU B 477 7.15 51.35 0.15
CA GLU B 477 6.26 52.00 1.08
C GLU B 477 6.94 53.05 1.95
N ILE B 478 6.21 53.53 2.95
CA ILE B 478 6.72 54.56 3.86
C ILE B 478 7.56 53.93 4.97
N PRO B 479 8.72 54.54 5.28
CA PRO B 479 9.55 54.03 6.37
C PRO B 479 8.96 54.29 7.75
N GLU B 480 8.10 55.31 7.85
CA GLU B 480 7.50 55.68 9.14
C GLU B 480 6.48 54.64 9.60
N SER B 481 6.81 53.96 10.70
CA SER B 481 5.95 52.95 11.30
C SER B 481 5.55 51.86 10.30
N ALA B 482 6.55 51.22 9.70
CA ALA B 482 6.31 50.16 8.74
C ALA B 482 7.55 49.28 8.57
N GLN B 483 7.45 48.04 9.02
CA GLN B 483 8.56 47.11 8.94
C GLN B 483 8.42 46.21 7.71
N PHE B 484 9.56 45.90 7.08
CA PHE B 484 9.56 45.09 5.86
C PHE B 484 9.63 43.60 6.18
N VAL B 485 8.60 42.86 5.78
CA VAL B 485 8.57 41.42 5.97
C VAL B 485 8.14 40.72 4.69
N PRO B 486 9.10 40.43 3.80
CA PRO B 486 8.78 39.78 2.53
C PRO B 486 8.48 38.29 2.70
N TYR B 487 7.52 37.77 1.92
CA TYR B 487 7.21 36.36 1.93
C TYR B 487 6.90 35.89 0.51
N PHE B 488 7.22 34.64 0.21
CA PHE B 488 7.02 34.12 -1.15
C PHE B 488 5.99 33.00 -1.19
N VAL B 489 5.19 33.03 -2.25
CA VAL B 489 4.08 32.08 -2.39
C VAL B 489 3.86 31.74 -3.86
N ALA B 490 3.30 30.57 -4.13
CA ALA B 490 2.94 30.18 -5.48
C ALA B 490 1.44 30.30 -5.66
N ASP B 491 0.97 31.53 -5.86
CA ASP B 491 -0.45 31.80 -5.98
C ASP B 491 -0.89 31.97 -7.42
N TYR B 492 -0.27 31.20 -8.32
CA TYR B 492 -0.60 31.28 -9.74
C TYR B 492 -2.05 30.88 -9.99
N PHE B 493 -2.73 31.67 -10.81
CA PHE B 493 -4.11 31.38 -11.19
C PHE B 493 -4.37 31.83 -12.62
N LYS B 494 -5.56 31.51 -13.13
CA LYS B 494 -5.96 31.88 -14.48
C LYS B 494 -7.02 32.98 -14.45
N LYS B 495 -6.71 34.11 -15.09
CA LYS B 495 -7.61 35.26 -15.09
C LYS B 495 -8.61 35.19 -16.25
N ASP B 496 -9.76 35.85 -16.05
CA ASP B 496 -10.81 35.90 -17.06
C ASP B 496 -11.83 36.98 -16.71
N PRO B 497 -12.44 37.59 -17.75
CA PRO B 497 -13.45 38.63 -17.51
C PRO B 497 -14.73 38.07 -16.90
N GLY B 500 -11.99 37.26 -12.54
CA GLY B 500 -11.37 36.80 -11.31
C GLY B 500 -10.76 35.42 -11.43
N VAL B 501 -10.63 34.73 -10.30
CA VAL B 501 -10.09 33.38 -10.28
C VAL B 501 -11.02 32.42 -11.01
N ALA B 502 -10.45 31.64 -11.93
CA ALA B 502 -11.21 30.64 -12.67
C ALA B 502 -11.84 29.63 -11.73
N THR B 503 -12.89 28.96 -12.20
CA THR B 503 -13.63 28.03 -11.36
C THR B 503 -13.28 26.59 -11.68
N PHE B 504 -13.88 25.67 -10.92
CA PHE B 504 -13.66 24.24 -11.11
C PHE B 504 -14.35 23.71 -12.36
N GLU B 505 -14.90 24.61 -13.17
CA GLU B 505 -15.61 24.23 -14.38
C GLU B 505 -14.94 24.87 -15.61
N GLU B 506 -14.65 26.16 -15.50
CA GLU B 506 -14.01 26.90 -16.57
C GLU B 506 -12.66 26.31 -16.96
N LEU B 507 -11.91 25.86 -15.95
CA LEU B 507 -10.63 25.22 -16.18
C LEU B 507 -10.80 23.89 -16.91
N SER B 508 -11.81 23.13 -16.51
CA SER B 508 -12.08 21.82 -17.07
C SER B 508 -12.53 21.88 -18.52
N ALA B 510 -11.83 23.93 -20.63
CA ALA B 510 -10.78 24.50 -21.46
C ALA B 510 -9.76 23.44 -21.82
N SER B 511 -10.10 22.18 -21.54
CA SER B 511 -9.19 21.06 -21.78
C SER B 511 -9.15 20.67 -23.25
N THR B 512 -8.44 19.57 -23.54
CA THR B 512 -8.31 19.08 -24.89
C THR B 512 -9.11 17.78 -25.07
N GLY B 513 -10.22 17.86 -25.79
CA GLY B 513 -11.08 16.72 -26.01
C GLY B 513 -12.09 16.56 -24.89
N THR B 514 -11.86 15.59 -24.03
CA THR B 514 -12.76 15.31 -22.91
C THR B 514 -12.76 16.48 -21.91
N ARG B 515 -13.94 16.76 -21.36
CA ARG B 515 -14.08 17.86 -20.40
C ARG B 515 -13.86 17.36 -18.98
N ARG B 516 -12.62 17.42 -18.51
CA ARG B 516 -12.26 16.93 -17.19
C ARG B 516 -11.33 17.90 -16.46
N LEU B 517 -11.40 17.90 -15.13
CA LEU B 517 -10.52 18.74 -14.32
C LEU B 517 -9.32 17.94 -13.81
N GLY B 518 -8.14 18.29 -14.30
CA GLY B 518 -6.92 17.66 -13.86
C GLY B 518 -6.57 18.07 -12.45
N VAL B 519 -6.31 17.08 -11.60
CA VAL B 519 -5.95 17.34 -10.21
C VAL B 519 -4.65 16.62 -9.84
N LYS B 521 -1.41 16.01 -6.97
CA LYS B 521 -0.95 16.10 -5.59
C LYS B 521 0.33 15.30 -5.43
N GLY B 522 1.40 15.97 -4.98
CA GLY B 522 2.67 15.30 -4.80
C GLY B 522 3.55 15.98 -3.78
N ASP B 523 4.76 15.46 -3.62
CA ASP B 523 5.74 16.02 -2.71
C ASP B 523 7.12 15.43 -2.97
N VAL B 524 8.15 16.04 -2.40
CA VAL B 524 9.50 15.53 -2.51
C VAL B 524 9.65 14.25 -1.68
N ASP B 525 10.24 13.23 -2.27
CA ASP B 525 10.47 11.97 -1.57
C ASP B 525 11.51 12.14 -0.46
N ARG B 526 11.16 11.69 0.74
CA ARG B 526 12.07 11.67 1.88
C ARG B 526 12.73 13.02 2.13
N LEU B 527 11.93 14.08 2.07
CA LEU B 527 12.42 15.44 2.25
C LEU B 527 12.88 15.69 3.68
N GLY B 528 12.20 15.07 4.64
CA GLY B 528 12.54 15.21 6.04
C GLY B 528 13.92 14.68 6.38
N GLU B 529 14.26 13.53 5.81
CA GLU B 529 15.57 12.93 6.04
C GLU B 529 16.66 13.77 5.38
N PHE B 530 16.31 14.42 4.28
CA PHE B 530 17.24 15.28 3.56
C PHE B 530 17.65 16.48 4.41
N PHE B 531 16.68 17.10 5.07
CA PHE B 531 16.96 18.24 5.94
C PHE B 531 17.76 17.81 7.17
N SER B 532 17.42 16.66 7.72
CA SER B 532 18.07 16.15 8.91
C SER B 532 19.45 15.56 8.59
N SER B 533 19.81 15.57 7.32
CA SER B 533 21.09 15.01 6.88
C SER B 533 22.26 15.92 7.23
N ASP B 535 24.35 19.47 8.81
CA ASP B 535 24.83 19.76 10.15
C ASP B 535 24.41 21.12 10.71
N SER B 536 25.22 22.13 10.41
CA SER B 536 25.07 23.48 10.98
C SER B 536 23.78 24.16 10.54
N PRO B 537 23.27 25.09 11.35
CA PRO B 537 22.09 25.90 11.01
C PRO B 537 22.24 26.64 9.68
N SER B 538 23.47 27.01 9.33
CA SER B 538 23.73 27.67 8.06
C SER B 538 23.43 26.76 6.89
N LYS B 539 23.86 25.50 7.00
CA LYS B 539 23.54 24.48 6.01
C LYS B 539 22.03 24.35 5.88
N LEU B 540 21.36 24.34 7.01
CA LEU B 540 19.90 24.29 7.04
C LEU B 540 19.33 25.62 6.55
N ALA B 541 20.09 26.69 6.76
CA ALA B 541 19.69 28.01 6.28
C ALA B 541 19.93 28.13 4.77
N THR B 542 21.02 27.53 4.29
CA THR B 542 21.26 27.50 2.86
C THR B 542 20.15 26.70 2.20
N ALA B 543 19.69 25.67 2.88
CA ALA B 543 18.48 24.97 2.50
C ALA B 543 17.29 25.90 2.62
N SER B 544 17.23 26.61 3.75
CA SER B 544 16.05 27.37 4.16
C SER B 544 15.34 28.11 3.04
N ARG B 545 16.09 28.81 2.20
CA ARG B 545 15.47 29.54 1.10
C ARG B 545 15.22 28.59 -0.07
N PHE B 546 16.14 27.66 -0.27
CA PHE B 546 16.02 26.69 -1.35
C PHE B 546 14.90 25.68 -1.06
N ASP B 548 12.02 26.59 -0.23
CA ASP B 548 10.81 27.25 -0.71
C ASP B 548 11.00 27.92 -2.06
N TYR B 549 12.24 28.26 -2.39
CA TYR B 549 12.55 28.94 -3.64
C TYR B 549 11.99 28.20 -4.84
N PHE B 550 12.11 26.89 -4.84
CA PHE B 550 11.64 26.11 -5.98
C PHE B 550 10.12 25.98 -5.99
N PHE B 551 9.53 25.76 -4.83
CA PHE B 551 8.09 25.49 -4.75
C PHE B 551 7.25 26.71 -4.47
N LYS B 552 7.87 27.89 -4.44
CA LYS B 552 7.13 29.12 -4.22
C LYS B 552 7.58 30.21 -5.20
N GLY B 553 8.77 30.03 -5.78
CA GLY B 553 9.31 31.00 -6.71
C GLY B 553 9.37 30.47 -8.13
N TYR B 554 10.16 29.44 -8.35
CA TYR B 554 10.37 28.90 -9.69
C TYR B 554 9.16 28.12 -10.20
N ILE B 555 8.46 27.45 -9.30
CA ILE B 555 7.32 26.59 -9.66
C ILE B 555 6.24 27.37 -10.39
N GLY B 556 6.21 28.68 -10.21
CA GLY B 556 5.24 29.53 -10.89
C GLY B 556 5.69 29.87 -12.29
N ALA B 557 7.00 30.05 -12.46
CA ALA B 557 7.56 30.40 -13.77
C ALA B 557 7.54 29.21 -14.71
N ILE B 558 7.62 28.01 -14.13
CA ILE B 558 7.60 26.77 -14.92
C ILE B 558 6.29 26.63 -15.70
N ILE B 559 5.20 27.02 -15.05
CA ILE B 559 3.88 26.95 -15.67
C ILE B 559 3.81 27.84 -16.91
N GLU B 560 4.54 28.95 -16.88
CA GLU B 560 4.51 29.94 -17.95
C GLU B 560 5.24 29.48 -19.21
N GLY B 561 5.59 28.21 -19.27
CA GLY B 561 6.29 27.67 -20.42
C GLY B 561 7.75 28.12 -20.46
N LYS B 562 8.23 28.63 -19.34
CA LYS B 562 9.63 29.05 -19.23
C LYS B 562 10.53 27.85 -18.94
N PHE B 563 11.84 28.08 -19.05
CA PHE B 563 12.84 27.05 -18.77
C PHE B 563 12.67 25.82 -19.65
N GLY B 564 12.15 26.03 -20.85
CA GLY B 564 11.90 24.94 -21.78
C GLY B 564 13.17 24.39 -22.39
N TYR B 565 14.22 25.20 -22.38
CA TYR B 565 15.52 24.79 -22.89
C TYR B 565 16.12 23.71 -21.99
N ILE B 566 15.76 23.78 -20.70
CA ILE B 566 16.26 22.84 -19.71
C ILE B 566 15.38 21.61 -19.61
N ILE B 567 14.07 21.82 -19.58
CA ILE B 567 13.12 20.72 -19.47
C ILE B 567 13.14 19.84 -20.72
N GLY B 568 12.75 20.42 -21.85
CA GLY B 568 12.75 19.70 -23.12
C GLY B 568 11.47 18.93 -23.38
N ASP B 569 11.61 17.75 -23.95
CA ASP B 569 10.46 16.92 -24.32
C ASP B 569 9.67 16.43 -23.12
N VAL B 570 8.36 16.60 -23.19
CA VAL B 570 7.45 16.13 -22.15
C VAL B 570 6.20 15.53 -22.77
N PRO B 571 5.59 14.55 -22.08
CA PRO B 571 4.27 14.05 -22.50
C PRO B 571 3.26 15.18 -22.64
N SER B 572 2.88 15.48 -23.87
CA SER B 572 2.01 16.62 -24.14
C SER B 572 0.91 16.28 -25.14
N LEU B 573 -0.22 16.96 -25.03
CA LEU B 573 -1.34 16.75 -25.93
C LEU B 573 -1.57 17.98 -26.80
N ARG B 574 -0.89 19.07 -26.47
CA ARG B 574 -1.08 20.35 -27.16
C ARG B 574 0.10 21.28 -26.95
N ASP B 575 0.19 22.31 -27.79
CA ASP B 575 1.14 23.38 -27.59
C ASP B 575 0.78 24.14 -26.32
N TRP B 576 1.78 24.51 -25.54
CA TRP B 576 1.55 25.19 -24.27
C TRP B 576 0.91 26.57 -24.50
N PRO B 577 -0.26 26.80 -23.91
CA PRO B 577 -0.99 28.07 -24.06
C PRO B 577 -0.24 29.23 -23.44
N GLU B 578 -0.56 30.45 -23.88
CA GLU B 578 0.08 31.64 -23.32
C GLU B 578 -0.44 31.90 -21.92
N GLU B 579 -1.74 31.66 -21.72
CA GLU B 579 -2.35 31.75 -20.40
C GLU B 579 -2.90 30.38 -20.00
N PRO B 580 -2.04 29.53 -19.41
CA PRO B 580 -2.43 28.19 -18.99
C PRO B 580 -3.57 28.20 -17.98
N ASP B 581 -4.57 27.36 -18.21
CA ASP B 581 -5.68 27.23 -17.29
C ASP B 581 -5.25 26.45 -16.05
N ILE B 582 -4.47 27.13 -15.20
CA ILE B 582 -3.88 26.50 -14.04
C ILE B 582 -4.09 27.35 -12.79
N VAL B 583 -4.56 26.70 -11.72
CA VAL B 583 -4.70 27.37 -10.42
C VAL B 583 -4.07 26.54 -9.32
N VAL B 584 -3.01 27.08 -8.73
CA VAL B 584 -2.30 26.39 -7.65
C VAL B 584 -3.05 26.52 -6.33
N VAL B 585 -3.46 25.39 -5.77
CA VAL B 585 -4.11 25.37 -4.47
C VAL B 585 -3.08 25.59 -3.36
N TYR B 586 -2.13 24.67 -3.26
CA TYR B 586 -1.04 24.79 -2.29
C TYR B 586 0.26 24.30 -2.92
N ALA B 587 1.38 24.89 -2.50
CA ALA B 587 2.68 24.51 -3.02
C ALA B 587 3.77 24.61 -1.95
N GLY B 588 4.29 23.46 -1.55
CA GLY B 588 5.38 23.38 -0.60
C GLY B 588 6.24 22.17 -0.90
N GLY B 589 7.32 22.01 -0.13
CA GLY B 589 8.24 20.91 -0.36
C GLY B 589 7.62 19.56 -0.03
N ASP B 590 7.00 19.46 1.13
CA ASP B 590 6.44 18.20 1.59
C ASP B 590 4.99 18.03 1.15
N ASP B 591 4.51 18.95 0.32
CA ASP B 591 3.12 18.92 -0.15
C ASP B 591 2.88 20.02 -1.18
N PHE B 592 2.37 19.64 -2.35
CA PHE B 592 1.88 20.64 -3.30
C PHE B 592 0.63 20.13 -4.02
N PHE B 593 -0.25 21.06 -4.36
CA PHE B 593 -1.58 20.73 -4.87
C PHE B 593 -2.04 21.73 -5.90
N ILE B 594 -2.29 21.27 -7.13
CA ILE B 594 -2.72 22.14 -8.21
C ILE B 594 -3.90 21.54 -8.96
N VAL B 595 -4.78 22.39 -9.50
CA VAL B 595 -5.88 21.96 -10.34
C VAL B 595 -5.92 22.75 -11.65
N GLY B 596 -6.53 22.17 -12.67
CA GLY B 596 -6.65 22.81 -13.97
C GLY B 596 -7.08 21.85 -15.05
N ALA B 597 -7.03 22.30 -16.31
CA ALA B 597 -7.37 21.45 -17.45
C ALA B 597 -6.53 20.18 -17.43
N TRP B 598 -7.16 19.05 -17.72
CA TRP B 598 -6.53 17.74 -17.50
C TRP B 598 -5.24 17.58 -18.30
N ASP B 599 -5.25 18.05 -19.55
CA ASP B 599 -4.11 17.86 -20.44
C ASP B 599 -2.92 18.71 -20.01
N GLN B 600 -3.22 19.85 -19.40
CA GLN B 600 -2.17 20.73 -18.90
C GLN B 600 -1.65 20.22 -17.56
N ILE B 601 -2.56 19.78 -16.71
CA ILE B 601 -2.21 19.16 -15.44
C ILE B 601 -1.38 17.90 -15.66
N PHE B 602 -1.83 17.07 -16.60
CA PHE B 602 -1.09 15.87 -16.99
C PHE B 602 0.33 16.20 -17.42
N GLU B 603 0.47 17.25 -18.21
CA GLU B 603 1.77 17.65 -18.76
C GLU B 603 2.64 18.38 -17.73
N LEU B 604 2.02 19.22 -16.91
CA LEU B 604 2.74 20.03 -15.93
C LEU B 604 3.52 19.17 -14.93
N ALA B 605 2.97 17.99 -14.62
CA ALA B 605 3.61 17.08 -13.68
C ALA B 605 5.00 16.66 -14.17
N PHE B 606 5.13 16.54 -15.48
CA PHE B 606 6.41 16.19 -16.08
C PHE B 606 7.30 17.42 -16.20
N ARG B 607 6.68 18.60 -16.30
CA ARG B 607 7.42 19.85 -16.30
C ARG B 607 8.07 20.07 -14.93
N VAL B 608 7.27 19.90 -13.88
CA VAL B 608 7.74 20.07 -12.51
C VAL B 608 8.83 19.05 -12.16
N ARG B 609 8.64 17.82 -12.60
CA ARG B 609 9.59 16.75 -12.29
C ARG B 609 10.95 16.99 -12.93
N ARG B 610 10.95 17.29 -14.23
CA ARG B 610 12.19 17.50 -14.96
C ARG B 610 12.87 18.79 -14.51
N ALA B 611 12.08 19.76 -14.08
CA ALA B 611 12.65 21.00 -13.55
C ALA B 611 13.31 20.75 -12.20
N PHE B 612 12.63 19.97 -11.35
CA PHE B 612 13.15 19.65 -10.02
C PHE B 612 14.37 18.76 -10.11
N ASN B 613 14.38 17.86 -11.09
CA ASN B 613 15.54 17.02 -11.34
C ASN B 613 16.73 17.86 -11.76
N ALA B 614 16.47 18.89 -12.56
CA ALA B 614 17.51 19.79 -13.03
C ALA B 614 17.91 20.78 -11.94
N TYR B 615 16.93 21.23 -11.18
CA TYR B 615 17.17 22.16 -10.08
C TYR B 615 18.09 21.54 -9.04
N THR B 616 17.90 20.24 -8.81
CA THR B 616 18.76 19.48 -7.92
C THR B 616 19.91 18.87 -8.73
N GLY B 617 20.57 17.87 -8.16
CA GLY B 617 21.66 17.20 -8.84
C GLY B 617 21.36 15.75 -9.12
N GLY B 618 20.08 15.45 -9.31
CA GLY B 618 19.65 14.09 -9.60
C GLY B 618 19.62 13.20 -8.37
N LYS B 619 19.71 13.82 -7.19
CA LYS B 619 19.71 13.07 -5.93
C LYS B 619 18.32 13.07 -5.29
N LEU B 620 17.61 14.19 -5.41
CA LEU B 620 16.26 14.29 -4.87
C LEU B 620 15.21 13.95 -5.92
N THR B 621 14.22 13.16 -5.52
CA THR B 621 13.18 12.70 -6.44
C THR B 621 11.79 13.16 -6.00
N LEU B 622 10.79 12.85 -6.83
CA LEU B 622 9.41 13.27 -6.55
C LEU B 622 8.41 12.13 -6.73
N SER B 623 7.38 12.15 -5.92
CA SER B 623 6.22 11.27 -6.13
C SER B 623 5.01 12.14 -6.42
N VAL B 624 4.17 11.71 -7.37
CA VAL B 624 3.03 12.51 -7.80
C VAL B 624 1.81 11.64 -8.08
N GLY B 625 0.64 12.11 -7.65
CA GLY B 625 -0.62 11.50 -8.03
C GLY B 625 -1.36 12.43 -8.98
N LEU B 626 -1.98 11.85 -10.01
CA LEU B 626 -2.74 12.63 -10.99
C LEU B 626 -4.17 12.14 -11.08
N GLY B 627 -5.10 13.06 -11.32
CA GLY B 627 -6.50 12.72 -11.42
C GLY B 627 -7.27 13.63 -12.36
N TYR B 628 -8.16 13.04 -13.14
CA TYR B 628 -8.97 13.80 -14.10
C TYR B 628 -10.46 13.55 -13.84
N PHE B 629 -11.10 14.53 -13.20
CA PHE B 629 -12.44 14.35 -12.67
C PHE B 629 -13.51 15.14 -13.42
N ASP B 630 -14.77 14.81 -13.14
CA ASP B 630 -15.89 15.55 -13.70
C ASP B 630 -16.02 16.90 -13.01
N GLU B 631 -16.63 17.86 -13.70
CA GLU B 631 -16.79 19.21 -13.15
C GLU B 631 -17.65 19.23 -11.89
N ARG B 632 -18.58 18.29 -11.80
CA ARG B 632 -19.50 18.23 -10.67
C ARG B 632 -18.94 17.42 -9.51
N THR B 633 -17.78 16.80 -9.72
CA THR B 633 -17.12 16.01 -8.68
C THR B 633 -16.71 16.90 -7.52
N PRO B 634 -17.17 16.57 -6.31
CA PRO B 634 -16.84 17.34 -5.09
C PRO B 634 -15.34 17.40 -4.82
N ILE B 635 -14.93 18.31 -3.95
CA ILE B 635 -13.52 18.52 -3.67
C ILE B 635 -12.95 17.41 -2.79
N TYR B 636 -13.80 16.82 -1.93
CA TYR B 636 -13.34 15.80 -1.00
C TYR B 636 -13.06 14.49 -1.74
N ARG B 637 -13.76 14.27 -2.84
CA ARG B 637 -13.57 13.05 -3.62
C ARG B 637 -12.25 13.10 -4.38
N ALA B 639 -9.68 14.98 -3.91
CA ALA B 639 -8.54 15.11 -3.02
C ALA B 639 -8.17 13.77 -2.40
N ASP B 640 -9.17 12.97 -2.07
CA ASP B 640 -8.95 11.67 -1.46
C ASP B 640 -8.47 10.65 -2.49
N VAL B 641 -9.02 10.73 -3.70
CA VAL B 641 -8.62 9.86 -4.79
C VAL B 641 -7.16 10.06 -5.17
N VAL B 642 -6.77 11.33 -5.28
CA VAL B 642 -5.41 11.66 -5.70
C VAL B 642 -4.40 11.43 -4.57
N SER B 643 -4.89 11.42 -3.33
CA SER B 643 -4.02 11.19 -2.18
C SER B 643 -3.61 9.71 -2.12
N GLU B 644 -4.56 8.84 -2.45
CA GLU B 644 -4.27 7.41 -2.50
C GLU B 644 -3.33 7.10 -3.65
N ARG B 645 -3.57 7.74 -4.80
CA ARG B 645 -2.71 7.59 -5.96
C ARG B 645 -1.31 8.08 -5.67
N LEU B 646 -1.21 9.11 -4.82
CA LEU B 646 0.08 9.60 -4.38
C LEU B 646 0.74 8.60 -3.46
N ASP B 647 -0.05 8.02 -2.55
CA ASP B 647 0.45 7.01 -1.64
C ASP B 647 0.68 5.68 -2.36
N THR B 648 0.00 5.50 -3.49
CA THR B 648 0.22 4.34 -4.34
C THR B 648 1.57 4.51 -5.05
N ALA B 649 1.87 5.76 -5.41
CA ALA B 649 3.14 6.07 -6.04
C ALA B 649 4.30 5.93 -5.06
N LYS B 650 4.00 6.10 -3.78
CA LYS B 650 5.01 6.02 -2.73
C LYS B 650 5.42 4.58 -2.43
N ASP B 651 4.45 3.76 -2.02
CA ASP B 651 4.70 2.40 -1.58
C ASP B 651 5.28 1.53 -2.70
N GLU B 652 5.04 1.93 -3.94
CA GLU B 652 5.53 1.18 -5.08
C GLU B 652 6.97 1.55 -5.45
N GLY B 653 7.65 2.26 -4.55
CA GLY B 653 9.08 2.52 -4.70
C GLY B 653 9.50 3.97 -4.72
N ARG B 654 8.52 4.88 -4.74
CA ARG B 654 8.77 6.32 -4.85
C ARG B 654 9.14 7.58 -5.63
N ASN B 655 9.66 7.39 -6.84
CA ASN B 655 10.20 8.47 -7.65
C ASN B 655 9.32 8.00 -8.80
N ARG B 656 8.02 7.99 -8.56
CA ARG B 656 7.06 7.51 -9.55
C ARG B 656 5.89 8.48 -9.70
N VAL B 657 4.96 8.15 -10.58
CA VAL B 657 3.80 8.99 -10.81
C VAL B 657 2.58 8.18 -11.25
N PHE B 658 1.50 8.31 -10.49
CA PHE B 658 0.22 7.73 -10.88
C PHE B 658 -0.35 8.60 -11.99
N VAL B 659 -0.30 8.10 -13.22
CA VAL B 659 -0.64 8.92 -14.38
C VAL B 659 -2.12 8.84 -14.73
N VAL B 660 -2.71 7.65 -14.63
CA VAL B 660 -4.11 7.45 -14.98
C VAL B 660 -4.62 6.15 -14.34
N GLY B 661 -5.93 6.06 -14.17
CA GLY B 661 -6.55 4.84 -13.68
C GLY B 661 -6.32 3.68 -14.63
N ARG B 662 -5.79 2.58 -14.12
CA ARG B 662 -5.39 1.46 -14.96
C ARG B 662 -6.03 0.14 -14.53
N SER B 663 -6.21 -0.76 -15.49
CA SER B 663 -6.60 -2.13 -15.19
C SER B 663 -5.38 -2.84 -14.61
N ARG B 664 -5.62 -3.92 -13.87
CA ARG B 664 -4.53 -4.53 -13.12
C ARG B 664 -4.71 -6.02 -12.87
N PRO B 665 -3.73 -6.82 -13.31
CA PRO B 665 -3.65 -8.22 -12.88
C PRO B 665 -3.29 -8.29 -11.40
N LEU B 666 -3.96 -9.14 -10.65
CA LEU B 666 -3.76 -9.21 -9.21
C LEU B 666 -2.80 -10.35 -8.83
N ASP B 667 -1.51 -10.05 -8.81
CA ASP B 667 -0.50 -11.07 -8.51
C ASP B 667 0.63 -10.51 -7.65
N GLY B 668 0.53 -9.25 -7.27
CA GLY B 668 1.55 -8.61 -6.46
C GLY B 668 2.84 -8.38 -7.23
N LYS B 669 2.74 -8.41 -8.55
CA LYS B 669 3.90 -8.21 -9.41
C LYS B 669 3.64 -7.13 -10.44
N HIS B 670 2.46 -6.50 -10.36
CA HIS B 670 2.08 -5.47 -11.31
C HIS B 670 1.77 -4.14 -10.63
N LYS B 671 2.70 -3.20 -10.71
CA LYS B 671 2.53 -1.86 -10.15
C LYS B 671 1.44 -1.08 -10.89
N LEU B 672 1.02 0.03 -10.32
CA LEU B 672 0.00 0.87 -10.94
C LEU B 672 0.58 2.22 -11.38
N SER B 673 1.63 2.67 -10.71
CA SER B 673 2.26 3.93 -11.05
C SER B 673 3.44 3.71 -12.00
N TYR B 674 3.78 4.75 -12.74
CA TYR B 674 4.92 4.70 -13.66
C TYR B 674 6.14 5.39 -13.06
N GLU B 675 7.32 4.85 -13.34
CA GLU B 675 8.53 5.61 -13.12
C GLU B 675 8.52 6.78 -14.09
N TRP B 676 9.04 7.93 -13.66
CA TRP B 676 9.02 9.13 -14.49
C TRP B 676 9.67 8.88 -15.85
N ASN B 677 10.96 8.55 -15.85
CA ASN B 677 11.70 8.31 -17.08
C ASN B 677 11.09 7.21 -17.95
N HIS B 678 10.59 6.16 -17.31
CA HIS B 678 10.00 5.04 -18.02
C HIS B 678 8.74 5.44 -18.78
N TYR B 679 7.87 6.23 -18.15
CA TYR B 679 6.67 6.71 -18.82
C TYR B 679 7.03 7.67 -19.95
N GLU B 680 8.02 8.51 -19.70
CA GLU B 680 8.48 9.45 -20.71
C GLU B 680 8.99 8.71 -21.94
N GLU B 681 9.73 7.64 -21.70
CA GLU B 681 10.28 6.82 -22.78
C GLU B 681 9.16 6.13 -23.55
N LEU B 682 8.13 5.69 -22.84
CA LEU B 682 6.94 5.13 -23.47
C LEU B 682 6.25 6.19 -24.32
N TRP B 683 6.23 7.43 -23.84
CA TRP B 683 5.62 8.52 -24.58
C TRP B 683 6.45 8.88 -25.80
N ARG B 684 7.75 8.58 -25.72
CA ARG B 684 8.63 8.79 -26.87
C ARG B 684 8.55 7.62 -27.84
N THR B 685 7.82 6.59 -27.45
CA THR B 685 7.68 5.39 -28.27
C THR B 685 6.37 5.38 -29.06
N TYR B 686 5.26 5.31 -28.35
CA TYR B 686 3.96 5.06 -28.97
C TYR B 686 3.26 6.33 -29.46
N ALA B 687 3.39 7.42 -28.70
CA ALA B 687 2.66 8.65 -28.98
C ALA B 687 2.89 9.25 -30.38
N PRO B 688 4.16 9.37 -30.83
CA PRO B 688 4.34 9.97 -32.16
C PRO B 688 3.80 9.13 -33.31
N ARG B 689 3.39 7.90 -33.02
CA ARG B 689 2.89 7.00 -34.06
C ARG B 689 1.36 6.94 -34.07
N ILE B 690 0.73 7.57 -33.08
CA ILE B 690 -0.73 7.55 -32.99
C ILE B 690 -1.32 8.93 -32.70
N TYR B 691 -0.44 9.91 -32.46
CA TYR B 691 -0.90 11.23 -32.07
C TYR B 691 -0.10 12.33 -32.74
N ALA B 692 -0.78 13.19 -33.48
CA ALA B 692 -0.13 14.29 -34.19
C ALA B 692 -0.16 15.58 -33.38
N GLY B 693 -0.67 15.50 -32.15
CA GLY B 693 -0.73 16.64 -31.27
C GLY B 693 -1.96 17.50 -31.45
N ASN B 694 -2.19 18.38 -30.49
CA ASN B 694 -3.26 19.37 -30.55
C ASN B 694 -4.65 18.77 -30.79
N GLY B 695 -4.89 17.60 -30.22
CA GLY B 695 -6.20 16.97 -30.27
C GLY B 695 -6.52 16.29 -31.58
N ARG B 696 -5.50 15.90 -32.33
CA ARG B 696 -5.70 15.22 -33.60
C ARG B 696 -4.99 13.87 -33.64
N LEU B 697 -5.69 12.85 -34.14
CA LEU B 697 -5.13 11.50 -34.23
C LEU B 697 -4.20 11.37 -35.44
N LYS B 698 -3.17 10.55 -35.30
CA LYS B 698 -2.21 10.33 -36.37
C LYS B 698 -2.90 9.94 -37.67
N GLY B 699 -2.17 10.02 -38.77
CA GLY B 699 -2.71 9.66 -40.08
C GLY B 699 -3.11 8.21 -40.20
N LYS B 700 -4.02 7.92 -41.13
CA LYS B 700 -4.47 6.55 -41.36
C LYS B 700 -5.34 6.18 -40.15
N LEU B 701 -4.77 6.32 -38.95
CA LEU B 701 -5.48 6.00 -37.72
C LEU B 701 -6.80 6.77 -37.64
N GLU B 702 -6.80 7.99 -38.17
CA GLU B 702 -7.99 8.83 -38.16
C GLU B 702 -9.21 8.06 -38.65
N SER B 703 -10.39 8.47 -38.16
CA SER B 703 -11.63 7.81 -38.54
C SER B 703 -11.74 6.42 -37.93
N LYS B 704 -10.63 5.94 -37.36
CA LYS B 704 -10.60 4.63 -36.73
C LYS B 704 -10.21 4.72 -35.26
N LYS B 705 -10.81 5.67 -34.55
CA LYS B 705 -10.51 5.87 -33.15
C LYS B 705 -10.89 4.65 -32.33
N GLY B 706 -11.81 3.84 -32.86
CA GLY B 706 -12.26 2.64 -32.18
C GLY B 706 -11.21 1.55 -32.17
N LEU B 707 -10.23 1.66 -33.07
CA LEU B 707 -9.15 0.68 -33.16
C LEU B 707 -8.32 0.66 -31.89
N LEU B 708 -7.97 1.84 -31.39
CA LEU B 708 -7.17 1.96 -30.18
C LEU B 708 -7.92 1.46 -28.95
N TRP B 709 -9.25 1.50 -29.02
CA TRP B 709 -10.09 1.00 -27.94
C TRP B 709 -10.04 -0.53 -27.89
N LYS B 710 -9.87 -1.15 -29.06
CA LYS B 710 -9.78 -2.60 -29.15
C LYS B 710 -8.52 -3.09 -28.43
N LEU B 711 -7.43 -2.36 -28.64
CA LEU B 711 -6.15 -2.67 -27.99
C LEU B 711 -6.30 -2.75 -26.47
N LEU B 712 -7.07 -1.82 -25.91
CA LEU B 712 -7.34 -1.83 -24.49
C LEU B 712 -8.25 -3.00 -24.10
N GLU B 713 -9.21 -3.31 -24.97
CA GLU B 713 -10.11 -4.43 -24.74
C GLU B 713 -9.37 -5.76 -24.83
N ILE B 714 -8.47 -5.86 -25.79
CA ILE B 714 -7.63 -7.05 -25.92
C ILE B 714 -6.65 -7.12 -24.74
N ARG B 715 -6.24 -5.96 -24.26
CA ARG B 715 -5.31 -5.88 -23.14
C ARG B 715 -5.90 -6.50 -21.87
N GLU B 716 -7.23 -6.49 -21.75
CA GLU B 716 -7.91 -7.08 -20.61
C GLU B 716 -7.66 -8.58 -20.51
N LEU B 717 -7.34 -9.21 -21.64
CA LEU B 717 -7.00 -10.62 -21.66
C LEU B 717 -5.69 -10.85 -20.90
N TYR B 718 -4.80 -9.86 -20.95
CA TYR B 718 -3.58 -9.90 -20.16
C TYR B 718 -3.92 -9.64 -18.69
N VAL B 719 -4.97 -8.85 -18.47
CA VAL B 719 -5.46 -8.59 -17.12
C VAL B 719 -6.18 -9.83 -16.59
N ARG B 720 -6.97 -10.45 -17.47
CA ARG B 720 -7.72 -11.65 -17.10
C ARG B 720 -6.79 -12.86 -17.00
N ASP B 721 -5.77 -12.89 -17.85
CA ASP B 721 -4.82 -14.00 -17.88
C ASP B 721 -3.50 -13.56 -18.50
N PRO B 722 -2.56 -13.13 -17.64
CA PRO B 722 -1.23 -12.65 -18.06
C PRO B 722 -0.43 -13.69 -18.85
N ASN B 723 -0.49 -14.94 -18.42
CA ASN B 723 0.28 -16.00 -19.05
C ASN B 723 -0.27 -16.42 -20.42
N ASP B 724 -1.50 -15.99 -20.71
CA ASP B 724 -2.13 -16.30 -22.00
C ASP B 724 -1.59 -15.28 -22.98
N VAL B 725 -1.11 -15.76 -24.12
CA VAL B 725 -0.57 -14.87 -25.17
C VAL B 725 -1.69 -14.63 -26.16
N ARG B 726 -2.93 -14.77 -25.72
CA ARG B 726 -4.08 -14.56 -26.59
C ARG B 726 -4.22 -13.09 -26.99
N TRP B 727 -3.30 -12.26 -26.51
CA TRP B 727 -3.32 -10.83 -26.82
C TRP B 727 -2.47 -10.53 -28.05
N ALA B 728 -1.45 -11.34 -28.28
CA ALA B 728 -0.56 -11.15 -29.42
C ALA B 728 -1.17 -11.74 -30.68
N TYR B 729 -2.36 -12.30 -30.56
CA TYR B 729 -3.04 -12.92 -31.68
C TYR B 729 -4.14 -12.01 -32.23
N LEU B 730 -5.07 -11.64 -31.36
CA LEU B 730 -6.17 -10.75 -31.74
C LEU B 730 -5.62 -9.41 -32.21
N THR B 731 -4.62 -8.90 -31.50
CA THR B 731 -3.97 -7.65 -31.84
C THR B 731 -3.31 -7.73 -33.21
N ALA B 732 -2.55 -8.80 -33.44
CA ALA B 732 -1.93 -9.02 -34.73
C ALA B 732 -2.99 -9.18 -35.82
N TYR B 733 -4.13 -9.75 -35.43
CA TYR B 733 -5.25 -9.88 -36.34
C TYR B 733 -6.01 -8.56 -36.45
N LEU B 734 -5.96 -7.77 -35.38
CA LEU B 734 -6.57 -6.45 -35.37
C LEU B 734 -5.83 -5.50 -36.31
N LEU B 735 -4.51 -5.58 -36.28
CA LEU B 735 -3.65 -4.70 -37.06
C LEU B 735 -3.58 -5.13 -38.52
N GLY B 736 -3.64 -6.43 -38.76
CA GLY B 736 -3.54 -6.97 -40.11
C GLY B 736 -4.84 -6.84 -40.90
N ARG B 737 -5.96 -7.03 -40.21
CA ARG B 737 -7.28 -6.91 -40.84
C ARG B 737 -7.57 -5.46 -41.21
N HIS B 738 -7.10 -4.53 -40.39
CA HIS B 738 -7.38 -3.12 -40.58
C HIS B 738 -6.30 -2.39 -41.37
N GLY B 739 -5.16 -3.06 -41.55
CA GLY B 739 -4.10 -2.53 -42.39
C GLY B 739 -3.05 -1.73 -41.65
N LEU B 740 -2.58 -2.26 -40.52
CA LEU B 740 -1.52 -1.63 -39.75
C LEU B 740 -0.62 -2.70 -39.13
N SER B 741 -0.15 -3.62 -39.98
CA SER B 741 0.59 -4.80 -39.54
C SER B 741 1.81 -4.50 -38.67
N ASP B 742 2.78 -3.80 -39.24
CA ASP B 742 4.05 -3.54 -38.55
C ASP B 742 3.91 -2.47 -37.48
N LEU B 743 2.71 -1.92 -37.33
CA LEU B 743 2.44 -0.98 -36.26
C LEU B 743 2.45 -1.72 -34.93
N PHE B 744 3.10 -1.13 -33.92
CA PHE B 744 3.26 -1.75 -32.60
C PHE B 744 3.87 -3.15 -32.66
N PRO B 745 5.18 -3.25 -32.95
CA PRO B 745 5.85 -4.55 -32.90
C PRO B 745 5.96 -5.08 -31.48
N GLU B 746 5.78 -4.19 -30.51
CA GLU B 746 5.93 -4.54 -29.09
C GLU B 746 4.67 -5.22 -28.55
N LEU B 747 3.57 -5.10 -29.28
CA LEU B 747 2.29 -5.65 -28.83
C LEU B 747 1.96 -6.97 -29.52
N VAL B 748 2.71 -7.28 -30.57
CA VAL B 748 2.47 -8.51 -31.35
C VAL B 748 3.59 -9.52 -31.14
N GLY B 749 4.32 -9.38 -30.03
CA GLY B 749 5.42 -10.28 -29.73
C GLY B 749 5.62 -10.42 -28.23
N ILE B 750 6.22 -11.52 -27.82
CA ILE B 750 6.52 -11.76 -26.41
C ILE B 750 7.90 -11.18 -26.08
N ASP B 751 8.00 -10.53 -24.92
CA ASP B 751 9.27 -9.95 -24.50
C ASP B 751 9.97 -10.87 -23.51
N THR B 752 10.90 -11.67 -24.01
CA THR B 752 11.63 -12.63 -23.18
C THR B 752 12.50 -11.94 -22.14
N LYS B 753 12.85 -10.68 -22.41
CA LYS B 753 13.65 -9.89 -21.48
C LYS B 753 12.80 -9.49 -20.28
N ALA B 754 11.48 -9.48 -20.45
CA ALA B 754 10.57 -9.20 -19.35
C ALA B 754 10.27 -10.47 -18.58
N VAL B 755 10.43 -11.61 -19.24
CA VAL B 755 10.24 -12.91 -18.60
C VAL B 755 11.42 -13.24 -17.69
N GLU B 756 12.61 -12.84 -18.13
CA GLU B 756 13.82 -13.05 -17.34
C GLU B 756 13.84 -12.11 -16.13
N ARG B 757 13.44 -10.86 -16.36
CA ARG B 757 13.41 -9.85 -15.31
C ARG B 757 12.17 -10.01 -14.44
N LYS B 758 11.34 -11.00 -14.77
CA LYS B 758 10.10 -11.29 -14.04
C LYS B 758 9.17 -10.08 -14.02
N GLU B 759 9.22 -9.28 -15.08
CA GLU B 759 8.41 -8.07 -15.16
C GLU B 759 7.29 -8.21 -16.18
N PRO B 760 6.20 -7.43 -16.02
CA PRO B 760 5.05 -7.48 -16.93
C PRO B 760 5.39 -7.16 -18.38
N GLN B 761 4.64 -7.77 -19.29
CA GLN B 761 4.82 -7.56 -20.73
C GLN B 761 4.50 -6.10 -21.12
N PRO B 762 5.15 -5.61 -22.20
CA PRO B 762 4.99 -4.23 -22.66
C PRO B 762 3.54 -3.80 -22.87
N VAL B 763 2.67 -4.75 -23.20
CA VAL B 763 1.26 -4.45 -23.45
C VAL B 763 0.58 -3.96 -22.18
N TYR B 764 1.14 -4.32 -21.03
CA TYR B 764 0.62 -3.86 -19.74
C TYR B 764 0.96 -2.39 -19.50
N TRP B 765 2.11 -1.96 -20.01
CA TRP B 765 2.58 -0.59 -19.79
C TRP B 765 2.01 0.40 -20.79
N VAL B 766 1.60 -0.10 -21.95
CA VAL B 766 1.18 0.77 -23.05
C VAL B 766 -0.15 1.46 -22.77
N ASP B 767 -0.88 0.98 -21.77
CA ASP B 767 -2.19 1.53 -21.43
C ASP B 767 -2.11 2.97 -20.94
N GLY B 768 -0.98 3.32 -20.33
CA GLY B 768 -0.77 4.66 -19.80
C GLY B 768 -0.58 5.67 -20.91
N VAL B 769 -0.42 5.19 -22.15
CA VAL B 769 -0.28 6.06 -23.30
C VAL B 769 -1.56 6.06 -24.12
N LEU B 770 -2.12 4.88 -24.36
CA LEU B 770 -3.34 4.73 -25.14
C LEU B 770 -4.50 5.48 -24.52
N LYS B 771 -4.57 5.47 -23.19
CA LYS B 771 -5.66 6.14 -22.48
C LYS B 771 -5.57 7.66 -22.59
N ILE B 772 -4.35 8.18 -22.53
CA ILE B 772 -4.14 9.63 -22.61
C ILE B 772 -4.43 10.16 -24.00
N VAL B 773 -3.96 9.43 -25.02
CA VAL B 773 -4.16 9.83 -26.41
C VAL B 773 -5.64 9.79 -26.79
N LEU B 774 -6.31 8.71 -26.41
CA LEU B 774 -7.72 8.52 -26.76
C LEU B 774 -8.63 9.58 -26.14
N ALA B 776 -7.75 12.47 -25.30
CA ALA B 776 -7.35 13.77 -25.84
C ALA B 776 -8.11 14.10 -27.12
N VAL B 777 -8.63 13.07 -27.78
CA VAL B 777 -9.40 13.25 -29.00
C VAL B 777 -10.87 12.88 -28.76
N ARG B 778 -11.29 12.93 -27.50
CA ARG B 778 -12.63 12.55 -27.11
C ARG B 778 -13.70 13.44 -27.76
N ARG B 779 -14.35 12.89 -28.79
CA ARG B 779 -15.44 13.56 -29.49
C ARG B 779 -15.07 14.96 -29.98
N ALA C 502 57.06 8.14 45.92
CA ALA C 502 55.97 8.92 46.47
C ALA C 502 55.51 9.99 45.48
N THR C 503 56.21 10.09 44.35
CA THR C 503 55.86 11.06 43.33
C THR C 503 54.59 10.64 42.60
N PHE C 504 53.96 11.58 41.92
CA PHE C 504 52.74 11.32 41.16
C PHE C 504 52.97 10.25 40.10
N GLU C 505 54.16 10.25 39.52
CA GLU C 505 54.55 9.25 38.53
C GLU C 505 54.72 7.88 39.17
N GLU C 506 55.34 7.84 40.34
CA GLU C 506 55.61 6.59 41.03
C GLU C 506 54.32 5.94 41.54
N LEU C 507 53.36 6.78 41.93
CA LEU C 507 52.08 6.29 42.38
C LEU C 507 51.24 5.76 41.21
N SER C 508 51.54 6.28 40.02
CA SER C 508 50.79 5.91 38.82
C SER C 508 51.13 4.50 38.34
N ALA C 510 51.99 2.01 40.04
CA ALA C 510 51.65 0.99 41.03
C ALA C 510 50.22 0.50 40.80
N SER C 511 49.58 1.06 39.78
CA SER C 511 48.20 0.70 39.45
C SER C 511 48.10 -0.69 38.84
N THR C 512 46.88 -1.17 38.69
CA THR C 512 46.62 -2.47 38.10
C THR C 512 46.03 -2.32 36.70
N GLY C 513 46.65 -2.97 35.72
CA GLY C 513 46.20 -2.88 34.35
C GLY C 513 46.58 -1.56 33.72
N THR C 514 45.59 -0.73 33.43
CA THR C 514 45.83 0.59 32.85
C THR C 514 46.52 1.47 33.87
N ARG C 515 47.81 1.73 33.65
CA ARG C 515 48.59 2.58 34.52
C ARG C 515 48.08 4.02 34.50
N ARG C 516 47.47 4.43 35.61
CA ARG C 516 46.89 5.77 35.71
C ARG C 516 47.09 6.36 37.11
N LEU C 517 47.11 7.69 37.18
CA LEU C 517 47.16 8.39 38.45
C LEU C 517 45.79 8.97 38.79
N GLY C 518 45.06 8.28 39.66
CA GLY C 518 43.71 8.68 40.02
C GLY C 518 43.68 9.85 40.97
N VAL C 519 42.68 10.72 40.79
CA VAL C 519 42.50 11.88 41.64
C VAL C 519 41.07 11.92 42.18
N LYS C 521 38.26 14.04 44.92
CA LYS C 521 37.99 15.30 45.60
C LYS C 521 36.53 15.41 46.01
N GLY C 522 36.29 16.05 47.16
CA GLY C 522 34.94 16.24 47.65
C GLY C 522 34.86 17.31 48.72
N ASP C 548 35.36 16.75 62.12
CA ASP C 548 36.37 17.02 63.14
C ASP C 548 37.48 15.97 63.08
N TYR C 549 37.16 14.75 63.52
CA TYR C 549 38.15 13.69 63.62
C TYR C 549 38.02 12.68 62.48
N PHE C 550 36.95 12.79 61.70
CA PHE C 550 36.73 11.88 60.58
C PHE C 550 37.77 12.09 59.49
N PHE C 551 37.79 13.30 58.93
CA PHE C 551 38.71 13.61 57.83
C PHE C 551 40.12 13.88 58.35
N LYS C 552 40.23 14.13 59.65
CA LYS C 552 41.53 14.34 60.28
C LYS C 552 41.71 13.38 61.46
N GLY C 553 42.12 12.16 61.16
CA GLY C 553 42.34 11.16 62.19
C GLY C 553 41.79 9.79 61.84
N TYR C 554 40.70 9.76 61.09
CA TYR C 554 40.05 8.51 60.75
C TYR C 554 40.27 8.10 59.29
N ILE C 555 40.68 9.05 58.46
CA ILE C 555 40.95 8.76 57.05
C ILE C 555 42.11 7.77 56.91
N GLY C 556 43.16 7.98 57.71
CA GLY C 556 44.31 7.08 57.71
C GLY C 556 43.93 5.66 58.06
N ALA C 557 42.87 5.49 58.83
CA ALA C 557 42.36 4.17 59.17
C ALA C 557 41.59 3.58 58.00
N ILE C 558 41.03 4.44 57.16
CA ILE C 558 40.29 4.02 55.98
C ILE C 558 41.26 3.63 54.87
N ILE C 559 42.38 4.34 54.78
CA ILE C 559 43.41 4.09 53.79
C ILE C 559 43.92 2.65 53.86
N GLU C 560 44.22 2.18 55.07
CA GLU C 560 44.72 0.83 55.27
C GLU C 560 43.59 -0.19 55.26
N GLY C 561 42.36 0.28 55.33
CA GLY C 561 41.19 -0.58 55.27
C GLY C 561 41.09 -1.54 56.44
N LYS C 562 40.87 -0.99 57.64
CA LYS C 562 40.79 -1.81 58.84
C LYS C 562 39.37 -2.26 59.12
N PHE C 563 38.43 -1.32 59.06
CA PHE C 563 37.03 -1.60 59.36
C PHE C 563 36.41 -2.56 58.35
N GLY C 564 36.73 -3.84 58.47
CA GLY C 564 36.19 -4.85 57.58
C GLY C 564 34.68 -4.99 57.72
N TYR C 565 34.22 -4.96 58.96
CA TYR C 565 32.78 -5.03 59.26
C TYR C 565 32.06 -3.79 58.75
N GLY C 568 32.29 -4.19 54.96
CA GLY C 568 31.63 -5.11 54.05
C GLY C 568 32.31 -5.18 52.70
N ASP C 569 31.52 -5.32 51.64
CA ASP C 569 32.06 -5.41 50.29
C ASP C 569 31.99 -4.06 49.58
N VAL C 570 32.94 -3.83 48.69
CA VAL C 570 33.09 -2.56 48.00
C VAL C 570 33.63 -2.81 46.59
N PRO C 571 33.14 -2.06 45.58
CA PRO C 571 33.68 -2.13 44.22
C PRO C 571 35.19 -2.16 44.45
N SER C 572 35.84 -3.19 43.92
CA SER C 572 37.27 -3.39 44.13
C SER C 572 37.82 -4.07 42.88
N LEU C 573 39.11 -3.94 42.65
CA LEU C 573 39.77 -4.52 41.48
C LEU C 573 41.03 -5.28 41.87
N ARG C 574 41.42 -5.17 43.14
CA ARG C 574 42.61 -5.84 43.64
C ARG C 574 42.58 -5.96 45.15
N ASP C 575 43.39 -6.86 45.69
CA ASP C 575 43.45 -7.09 47.14
C ASP C 575 44.16 -5.92 47.83
N TRP C 576 43.63 -5.54 49.00
CA TRP C 576 44.20 -4.45 49.78
C TRP C 576 45.67 -4.70 50.10
N PRO C 577 46.55 -3.66 49.77
CA PRO C 577 47.95 -3.95 50.11
C PRO C 577 48.38 -3.28 51.40
N GLU C 578 49.63 -3.48 51.79
CA GLU C 578 50.16 -2.89 53.01
C GLU C 578 50.39 -1.39 52.92
N GLU C 579 51.09 -0.97 51.88
CA GLU C 579 51.40 0.41 51.68
C GLU C 579 50.43 0.84 50.55
N PRO C 580 49.24 1.33 50.90
CA PRO C 580 48.32 1.77 49.88
C PRO C 580 48.95 3.01 49.23
N ASP C 581 49.08 3.01 47.90
CA ASP C 581 49.79 4.09 47.22
C ASP C 581 48.84 5.27 47.28
N ILE C 582 48.84 5.96 48.41
CA ILE C 582 47.92 7.07 48.65
C ILE C 582 48.62 8.21 49.37
N VAL C 583 48.44 9.43 48.86
CA VAL C 583 49.00 10.61 49.50
C VAL C 583 47.92 11.66 49.76
N VAL C 584 47.73 12.00 51.03
CA VAL C 584 46.75 13.01 51.41
C VAL C 584 47.38 14.39 51.42
N VAL C 585 47.07 15.18 50.40
CA VAL C 585 47.60 16.53 50.29
C VAL C 585 47.05 17.42 51.41
N TYR C 586 45.74 17.50 51.49
CA TYR C 586 45.07 18.24 52.56
C TYR C 586 43.64 17.75 52.74
N ALA C 587 43.22 17.62 53.99
CA ALA C 587 41.87 17.15 54.30
C ALA C 587 41.00 18.27 54.85
N GLY C 588 39.70 18.16 54.62
CA GLY C 588 38.76 19.17 55.10
C GLY C 588 37.33 18.67 55.05
N GLY C 589 36.43 19.43 55.68
CA GLY C 589 35.02 19.06 55.73
C GLY C 589 34.32 19.25 54.40
N ASP C 590 34.40 20.45 53.85
CA ASP C 590 33.75 20.76 52.59
C ASP C 590 34.67 20.53 51.40
N ASP C 591 35.94 20.28 51.67
CA ASP C 591 36.92 20.07 50.62
C ASP C 591 38.12 19.24 51.08
N PHE C 592 38.24 18.03 50.53
CA PHE C 592 39.42 17.20 50.78
C PHE C 592 40.02 16.78 49.43
N PHE C 593 41.31 16.47 49.43
CA PHE C 593 42.02 16.17 48.19
C PHE C 593 43.06 15.07 48.37
N ILE C 594 42.87 13.96 47.68
CA ILE C 594 43.78 12.82 47.76
C ILE C 594 44.18 12.36 46.36
N VAL C 595 45.40 11.86 46.22
CA VAL C 595 45.88 11.32 44.94
C VAL C 595 46.50 9.94 45.12
N GLY C 596 46.65 9.21 44.03
CA GLY C 596 47.26 7.89 44.07
C GLY C 596 46.95 7.00 42.87
N ALA C 597 47.17 5.70 43.04
CA ALA C 597 46.92 4.72 41.99
C ALA C 597 45.42 4.58 41.74
N TRP C 598 45.02 4.65 40.47
CA TRP C 598 43.62 4.73 40.09
C TRP C 598 42.77 3.57 40.62
N ASP C 599 43.34 2.37 40.63
CA ASP C 599 42.61 1.20 41.12
C ASP C 599 42.44 1.29 42.63
N GLN C 600 43.39 1.97 43.28
CA GLN C 600 43.31 2.21 44.71
C GLN C 600 42.50 3.49 44.98
N ILE C 601 42.40 4.33 43.95
CA ILE C 601 41.59 5.54 44.03
C ILE C 601 40.11 5.21 43.93
N PHE C 602 39.79 4.35 42.97
CA PHE C 602 38.42 3.95 42.70
C PHE C 602 37.75 3.34 43.93
N GLU C 603 38.45 2.43 44.59
CA GLU C 603 37.88 1.71 45.73
C GLU C 603 37.79 2.56 47.00
N LEU C 604 38.77 3.43 47.20
CA LEU C 604 38.85 4.22 48.42
C LEU C 604 37.73 5.25 48.52
N ALA C 605 37.22 5.69 47.38
CA ALA C 605 36.13 6.67 47.35
C ALA C 605 34.89 6.14 48.06
N PHE C 606 34.52 4.90 47.75
CA PHE C 606 33.38 4.27 48.39
C PHE C 606 33.70 3.96 49.85
N ARG C 607 34.97 3.62 50.11
CA ARG C 607 35.42 3.33 51.47
C ARG C 607 35.24 4.54 52.38
N VAL C 608 35.40 5.73 51.82
CA VAL C 608 35.23 6.96 52.57
C VAL C 608 33.76 7.31 52.74
N ARG C 609 33.00 7.20 51.66
CA ARG C 609 31.59 7.60 51.65
C ARG C 609 30.69 6.67 52.46
N ARG C 610 30.79 5.37 52.19
CA ARG C 610 29.99 4.38 52.88
C ARG C 610 30.31 4.35 54.38
N ALA C 611 31.54 4.73 54.72
CA ALA C 611 31.97 4.74 56.11
C ALA C 611 31.65 6.08 56.77
N PHE C 612 31.26 7.06 55.96
CA PHE C 612 30.93 8.39 56.46
C PHE C 612 29.50 8.44 56.99
N ASN C 613 28.53 8.30 56.08
CA ASN C 613 27.13 8.33 56.45
C ASN C 613 26.81 7.37 57.60
N ALA C 614 27.60 6.31 57.70
CA ALA C 614 27.41 5.31 58.76
C ALA C 614 28.18 5.69 60.02
N TYR C 615 28.84 6.84 59.98
CA TYR C 615 29.62 7.31 61.12
C TYR C 615 28.80 8.23 62.02
N PHE C 629 40.93 7.67 34.85
CA PHE C 629 41.79 8.51 35.70
C PHE C 629 42.81 9.28 34.85
N ASP C 630 43.52 10.20 35.49
CA ASP C 630 44.47 11.05 34.79
C ASP C 630 45.72 10.29 34.36
N GLU C 631 46.35 10.75 33.29
CA GLU C 631 47.55 10.10 32.76
C GLU C 631 48.78 10.98 33.02
N ARG C 632 49.11 11.11 34.30
CA ARG C 632 50.23 11.95 34.79
C ARG C 632 50.38 13.26 34.02
N THR C 633 49.31 14.06 34.04
CA THR C 633 49.31 15.40 33.48
C THR C 633 49.93 16.35 34.51
N PRO C 634 50.06 17.65 34.19
CA PRO C 634 50.52 18.52 35.29
C PRO C 634 49.52 18.61 36.43
N ILE C 635 49.99 19.00 37.61
CA ILE C 635 49.15 19.09 38.80
C ILE C 635 48.33 20.38 38.84
N TYR C 636 47.91 20.82 37.67
CA TYR C 636 47.11 22.05 37.55
C TYR C 636 45.76 21.83 36.88
N ARG C 637 45.75 21.08 35.80
CA ARG C 637 44.52 20.80 35.07
C ARG C 637 43.83 19.54 35.60
N ALA C 639 43.68 18.65 38.58
CA ALA C 639 42.97 19.06 39.78
C ALA C 639 41.76 19.90 39.41
N ASP C 640 41.82 20.51 38.23
CA ASP C 640 40.72 21.35 37.76
C ASP C 640 39.60 20.49 37.20
N VAL C 641 39.96 19.54 36.33
CA VAL C 641 38.98 18.65 35.69
C VAL C 641 38.19 17.84 36.72
N VAL C 642 38.90 17.33 37.74
CA VAL C 642 38.27 16.52 38.77
C VAL C 642 37.46 17.38 39.74
N SER C 643 37.56 18.70 39.57
CA SER C 643 36.88 19.63 40.46
C SER C 643 35.84 20.47 39.72
N GLU C 644 36.10 20.76 38.45
CA GLU C 644 35.23 21.61 37.64
C GLU C 644 33.84 21.00 37.50
N ARG C 645 33.80 19.68 37.35
CA ARG C 645 32.53 18.98 37.18
C ARG C 645 32.17 18.15 38.41
N LEU C 646 32.69 18.57 39.56
CA LEU C 646 32.24 17.99 40.82
C LEU C 646 30.86 18.55 41.11
N ASP C 647 30.69 19.84 40.83
CA ASP C 647 29.40 20.51 40.94
C ASP C 647 28.32 19.76 40.18
N THR C 648 28.71 19.21 39.03
CA THR C 648 27.81 18.39 38.21
C THR C 648 27.12 17.32 39.05
N ALA C 649 27.89 16.66 39.90
CA ALA C 649 27.36 15.61 40.77
C ALA C 649 26.50 16.19 41.90
N LYS C 650 26.57 17.50 42.10
CA LYS C 650 25.80 18.15 43.16
C LYS C 650 24.57 18.88 42.64
N ASP C 651 24.55 19.18 41.35
CA ASP C 651 23.38 19.80 40.75
C ASP C 651 22.33 18.73 40.45
N GLU C 652 22.80 17.52 40.20
CA GLU C 652 21.93 16.38 39.98
C GLU C 652 21.58 15.69 41.30
N GLY C 653 21.03 16.46 42.23
CA GLY C 653 20.72 15.94 43.55
C GLY C 653 21.94 16.03 44.47
N ARG C 654 22.33 14.88 45.01
CA ARG C 654 23.50 14.76 45.88
C ARG C 654 23.62 13.28 46.23
N ASN C 655 24.60 12.92 47.06
CA ASN C 655 24.92 11.52 47.37
C ASN C 655 25.22 10.79 46.07
N ARG C 656 26.13 11.38 45.30
CA ARG C 656 26.55 10.83 44.02
C ARG C 656 28.06 10.73 43.93
N VAL C 657 28.53 9.81 43.08
CA VAL C 657 29.97 9.68 42.83
C VAL C 657 30.27 9.85 41.34
N PHE C 658 31.41 10.47 41.05
CA PHE C 658 31.88 10.63 39.69
C PHE C 658 33.36 10.29 39.65
N VAL C 659 33.79 9.60 38.58
CA VAL C 659 35.19 9.24 38.46
C VAL C 659 35.91 10.01 37.35
N VAL C 660 35.61 9.72 36.08
CA VAL C 660 36.36 10.41 35.01
C VAL C 660 35.51 11.04 33.89
N GLY C 661 34.44 10.38 33.42
CA GLY C 661 33.62 10.97 32.37
C GLY C 661 32.98 10.03 31.36
N ARG C 662 31.88 10.47 30.77
CA ARG C 662 31.09 9.65 29.86
C ARG C 662 30.35 10.48 28.80
N SER C 663 29.80 9.80 27.79
CA SER C 663 29.00 10.45 26.76
C SER C 663 27.69 10.97 27.34
N ARG C 664 27.09 11.94 26.66
CA ARG C 664 25.87 12.56 27.14
C ARG C 664 25.13 13.33 26.03
N PRO C 665 23.87 12.93 25.77
CA PRO C 665 22.93 13.67 24.91
C PRO C 665 22.12 14.66 25.75
N LEU C 666 22.02 15.90 25.30
CA LEU C 666 21.47 16.95 26.15
C LEU C 666 19.97 17.16 25.99
N ASP C 667 19.22 16.13 26.35
CA ASP C 667 17.76 16.20 26.45
C ASP C 667 17.39 16.65 27.86
N GLY C 668 18.24 16.33 28.82
CA GLY C 668 18.06 16.78 30.19
C GLY C 668 17.73 15.67 31.18
N LYS C 669 17.61 14.44 30.68
CA LYS C 669 17.26 13.32 31.55
C LYS C 669 18.47 12.40 31.77
N HIS C 670 19.55 12.66 31.04
CA HIS C 670 20.76 11.85 31.16
C HIS C 670 21.77 12.51 32.08
N LYS C 671 21.65 12.25 33.38
CA LYS C 671 22.56 12.82 34.37
C LYS C 671 23.96 12.24 34.23
N LEU C 672 24.96 13.05 34.53
CA LEU C 672 26.35 12.62 34.43
C LEU C 672 26.93 12.32 35.80
N SER C 673 26.55 11.18 36.37
CA SER C 673 27.03 10.79 37.69
C SER C 673 26.52 9.39 38.05
N TYR C 674 26.90 8.93 39.24
CA TYR C 674 26.48 7.61 39.71
C TYR C 674 26.17 7.64 41.21
N GLU C 675 24.96 7.21 41.57
CA GLU C 675 24.54 7.19 42.95
C GLU C 675 25.25 6.09 43.73
N TRP C 676 25.76 6.43 44.91
CA TRP C 676 26.47 5.47 45.75
C TRP C 676 25.71 4.15 45.84
N ASN C 677 24.44 4.22 46.20
CA ASN C 677 23.61 3.03 46.32
C ASN C 677 23.39 2.38 44.96
N HIS C 678 23.34 3.20 43.92
CA HIS C 678 23.07 2.72 42.57
C HIS C 678 24.28 2.06 41.94
N TYR C 679 25.45 2.70 42.09
CA TYR C 679 26.67 2.19 41.46
C TYR C 679 27.11 0.86 42.06
N GLU C 680 27.06 0.75 43.39
CA GLU C 680 27.47 -0.48 44.07
C GLU C 680 26.50 -1.62 43.73
N GLU C 681 25.28 -1.26 43.40
CA GLU C 681 24.30 -2.23 42.96
C GLU C 681 24.69 -2.78 41.59
N LEU C 682 25.22 -1.89 40.74
CA LEU C 682 25.68 -2.27 39.41
C LEU C 682 26.93 -3.15 39.49
N TRP C 683 27.86 -2.77 40.37
CA TRP C 683 29.10 -3.51 40.51
C TRP C 683 28.85 -4.92 41.05
N ARG C 684 27.88 -5.03 41.95
CA ARG C 684 27.53 -6.33 42.52
C ARG C 684 26.78 -7.17 41.48
N THR C 685 26.21 -6.50 40.49
CA THR C 685 25.43 -7.17 39.46
C THR C 685 26.29 -7.59 38.26
N TYR C 686 27.15 -6.70 37.80
CA TYR C 686 27.87 -6.92 36.55
C TYR C 686 29.30 -7.45 36.70
N ALA C 687 30.06 -6.85 37.60
CA ALA C 687 31.47 -7.19 37.77
C ALA C 687 31.76 -8.69 38.01
N PRO C 688 30.96 -9.38 38.85
CA PRO C 688 31.29 -10.79 39.01
C PRO C 688 30.85 -11.68 37.84
N ARG C 689 30.49 -11.06 36.72
CA ARG C 689 30.16 -11.82 35.51
C ARG C 689 31.29 -11.72 34.50
N ILE C 690 32.10 -10.68 34.63
CA ILE C 690 33.17 -10.40 33.68
C ILE C 690 34.55 -10.38 34.35
N TYR C 691 34.64 -9.71 35.50
CA TYR C 691 35.91 -9.52 36.17
C TYR C 691 36.10 -10.51 37.32
N ALA C 692 37.18 -11.27 37.27
CA ALA C 692 37.47 -12.26 38.29
C ALA C 692 38.15 -11.62 39.49
N GLY C 693 39.29 -10.99 39.26
CA GLY C 693 40.04 -10.34 40.32
C GLY C 693 41.51 -10.14 40.00
N ASN C 694 42.06 -9.04 40.52
CA ASN C 694 43.48 -8.72 40.38
C ASN C 694 43.96 -8.67 38.93
N GLY C 695 43.36 -7.77 38.15
CA GLY C 695 43.80 -7.51 36.79
C GLY C 695 43.56 -8.63 35.80
N ARG C 696 42.56 -9.46 36.07
CA ARG C 696 42.24 -10.56 35.17
C ARG C 696 40.74 -10.84 35.11
N LEU C 697 40.23 -11.03 33.90
CA LEU C 697 38.83 -11.35 33.68
C LEU C 697 38.56 -12.82 34.03
N LYS C 698 37.38 -13.31 33.62
CA LYS C 698 36.99 -14.68 33.91
C LYS C 698 37.90 -15.69 33.20
N GLY C 699 37.85 -16.94 33.64
CA GLY C 699 38.59 -18.01 33.00
C GLY C 699 37.98 -18.32 31.65
N LYS C 700 36.71 -17.98 31.49
CA LYS C 700 36.00 -18.21 30.25
C LYS C 700 36.24 -17.10 29.25
N LEU C 701 36.72 -15.96 29.75
CA LEU C 701 36.99 -14.80 28.88
C LEU C 701 38.48 -14.49 28.86
N GLU C 702 39.11 -14.74 27.72
CA GLU C 702 40.53 -14.49 27.56
C GLU C 702 40.83 -13.86 26.19
N SER C 703 40.11 -14.32 25.17
CA SER C 703 40.30 -13.80 23.82
C SER C 703 39.02 -13.17 23.30
N LYS C 704 37.97 -13.18 24.11
CA LYS C 704 36.69 -12.61 23.74
C LYS C 704 36.47 -11.25 24.41
N LYS C 705 37.55 -10.48 24.53
CA LYS C 705 37.48 -9.16 25.15
C LYS C 705 36.70 -8.16 24.30
N GLY C 706 36.55 -8.49 23.02
CA GLY C 706 35.84 -7.63 22.09
C GLY C 706 34.40 -7.34 22.50
N LEU C 707 33.73 -8.37 23.01
CA LEU C 707 32.33 -8.27 23.42
C LEU C 707 32.07 -7.09 24.36
N LEU C 708 33.10 -6.71 25.11
CA LEU C 708 32.98 -5.64 26.11
C LEU C 708 33.25 -4.27 25.49
N TRP C 709 33.72 -4.25 24.25
CA TRP C 709 33.97 -3.00 23.56
C TRP C 709 32.83 -2.67 22.59
N LYS C 710 31.95 -3.64 22.37
CA LYS C 710 30.78 -3.43 21.52
C LYS C 710 29.76 -2.56 22.20
N LEU C 711 29.67 -2.70 23.52
CA LEU C 711 28.68 -1.97 24.32
C LEU C 711 28.96 -0.47 24.33
N LEU C 712 30.23 -0.12 24.49
CA LEU C 712 30.64 1.28 24.58
C LEU C 712 30.90 1.88 23.20
N PRO C 722 19.05 7.73 20.64
CA PRO C 722 18.48 6.64 21.43
C PRO C 722 17.10 6.23 20.93
N ASN C 723 16.47 7.11 20.14
CA ASN C 723 15.14 6.84 19.60
C ASN C 723 15.20 5.90 18.40
N ASP C 724 16.42 5.52 18.02
CA ASP C 724 16.63 4.60 16.92
C ASP C 724 17.11 3.27 17.50
N VAL C 725 16.76 2.17 16.84
CA VAL C 725 17.09 0.85 17.36
C VAL C 725 18.58 0.73 17.06
N ARG C 726 19.40 1.42 17.84
CA ARG C 726 20.84 1.41 17.66
C ARG C 726 21.48 0.29 18.49
N TRP C 727 21.24 0.32 19.79
CA TRP C 727 21.79 -0.69 20.69
C TRP C 727 20.90 -1.92 20.79
N ALA C 728 21.53 -3.09 20.90
CA ALA C 728 20.79 -4.35 20.99
C ALA C 728 21.05 -5.04 22.32
N LEU C 743 23.60 -10.94 25.72
CA LEU C 743 22.54 -11.70 26.37
C LEU C 743 22.36 -11.18 27.79
N PHE C 744 21.89 -9.94 27.91
CA PHE C 744 21.52 -9.39 29.20
C PHE C 744 20.01 -9.50 29.38
N PRO C 745 19.56 -10.33 30.32
CA PRO C 745 18.14 -10.43 30.65
C PRO C 745 17.62 -9.10 31.19
N GLU C 746 18.57 -8.25 31.55
CA GLU C 746 18.34 -6.93 32.10
C GLU C 746 18.25 -5.88 30.98
N LEU C 747 18.43 -6.33 29.75
CA LEU C 747 18.52 -5.41 28.61
C LEU C 747 17.60 -5.81 27.45
N VAL C 748 17.11 -7.05 27.49
CA VAL C 748 16.20 -7.54 26.46
C VAL C 748 14.93 -6.70 26.38
N GLY C 749 14.66 -6.16 25.20
CA GLY C 749 13.49 -5.31 25.00
C GLY C 749 13.69 -3.94 25.62
N ILE C 750 12.63 -3.44 26.27
CA ILE C 750 12.69 -2.12 26.89
C ILE C 750 12.45 -2.22 28.40
N TRP C 765 23.75 1.00 31.51
CA TRP C 765 23.93 0.91 32.96
C TRP C 765 25.36 0.55 33.34
N VAL C 766 26.00 -0.27 32.51
CA VAL C 766 27.39 -0.67 32.73
C VAL C 766 28.32 0.30 32.05
N ASP C 767 27.80 1.48 31.73
CA ASP C 767 28.57 2.51 31.04
C ASP C 767 29.65 3.09 31.96
N GLY C 768 29.51 2.85 33.25
CA GLY C 768 30.49 3.32 34.23
C GLY C 768 31.13 2.20 35.01
N VAL C 769 30.79 0.96 34.66
CA VAL C 769 31.36 -0.22 35.32
C VAL C 769 32.23 -1.01 34.35
N LEU C 770 31.78 -1.09 33.10
CA LEU C 770 32.52 -1.82 32.07
C LEU C 770 33.85 -1.15 31.74
N LYS C 771 33.87 0.17 31.78
CA LYS C 771 35.09 0.94 31.55
C LYS C 771 36.12 0.64 32.63
N ILE C 772 35.68 0.74 33.89
CA ILE C 772 36.55 0.49 35.03
C ILE C 772 37.13 -0.91 34.98
N VAL C 773 36.31 -1.87 34.58
CA VAL C 773 36.75 -3.26 34.47
C VAL C 773 37.68 -3.47 33.29
N LEU C 774 37.31 -2.90 32.14
CA LEU C 774 38.11 -3.05 30.92
C LEU C 774 39.49 -2.43 31.06
N ALA C 776 41.01 -1.89 33.91
CA ALA C 776 41.71 -2.62 34.94
C ALA C 776 42.39 -3.87 34.36
N VAL C 777 41.85 -4.35 33.24
CA VAL C 777 42.42 -5.50 32.55
C VAL C 777 43.06 -5.06 31.24
N ARG C 778 44.35 -4.74 31.29
CA ARG C 778 45.06 -4.26 30.11
C ARG C 778 46.02 -5.33 29.60
N ARG C 779 46.07 -5.47 28.27
CA ARG C 779 46.96 -6.41 27.60
C ARG C 779 46.75 -7.85 28.09
N GLY D 518 9.08 -47.46 -47.86
CA GLY D 518 8.04 -46.44 -47.97
C GLY D 518 6.82 -47.00 -48.66
N VAL D 519 5.67 -46.80 -48.04
CA VAL D 519 4.43 -47.32 -48.56
C VAL D 519 3.44 -46.14 -48.62
N LYS D 521 -0.23 -44.51 -50.98
CA LYS D 521 -1.52 -44.95 -51.49
C LYS D 521 -2.00 -44.03 -52.62
N GLY D 522 -2.50 -44.62 -53.69
CA GLY D 522 -2.99 -43.86 -54.82
C GLY D 522 -4.48 -43.98 -55.00
N ASP D 523 -5.07 -43.08 -55.79
CA ASP D 523 -6.50 -43.08 -56.04
C ASP D 523 -6.84 -43.92 -57.27
N VAL D 524 -8.05 -43.73 -57.79
CA VAL D 524 -8.51 -44.46 -58.96
C VAL D 524 -7.55 -44.28 -60.13
N ASP D 525 -7.78 -45.04 -61.20
CA ASP D 525 -6.93 -44.95 -62.39
C ASP D 525 -6.68 -43.51 -62.78
N LEU D 604 8.23 -41.11 -50.99
CA LEU D 604 9.38 -41.85 -51.50
C LEU D 604 10.09 -41.08 -52.62
N ALA D 605 9.31 -40.48 -53.50
CA ALA D 605 9.87 -39.72 -54.62
C ALA D 605 9.01 -38.51 -54.97
N PHE D 606 9.62 -37.32 -54.89
CA PHE D 606 8.94 -36.09 -55.31
C PHE D 606 9.18 -35.84 -56.80
N ARG D 607 9.94 -36.73 -57.42
CA ARG D 607 10.15 -36.67 -58.87
C ARG D 607 8.87 -37.09 -59.58
N VAL D 608 8.09 -37.95 -58.95
CA VAL D 608 6.81 -38.39 -59.49
C VAL D 608 5.84 -37.20 -59.55
N ARG D 609 5.83 -36.39 -58.49
CA ARG D 609 4.93 -35.25 -58.40
C ARG D 609 5.12 -34.24 -59.53
N ARG D 610 6.31 -33.64 -59.60
CA ARG D 610 6.59 -32.60 -60.58
C ARG D 610 6.61 -33.16 -62.00
N ALA D 611 6.89 -34.46 -62.13
CA ALA D 611 6.87 -35.10 -63.43
C ALA D 611 5.72 -36.13 -63.51
N PHE D 612 4.49 -35.63 -63.44
CA PHE D 612 3.32 -36.50 -63.54
C PHE D 612 2.45 -36.08 -64.73
N ASN D 613 1.79 -34.94 -64.60
CA ASN D 613 0.97 -34.39 -65.67
C ASN D 613 1.55 -33.04 -66.12
N ALA D 614 2.87 -33.01 -66.28
CA ALA D 614 3.55 -31.80 -66.74
C ALA D 614 3.21 -31.55 -68.20
N TYR D 615 3.16 -32.63 -68.98
CA TYR D 615 2.79 -32.55 -70.38
C TYR D 615 1.43 -33.19 -70.63
N VAL D 642 -2.27 -45.59 -43.94
CA VAL D 642 -1.97 -44.80 -45.12
C VAL D 642 -3.20 -44.62 -45.99
N SER D 643 -4.18 -45.50 -45.81
CA SER D 643 -5.44 -45.42 -46.54
C SER D 643 -6.24 -44.21 -46.10
N GLU D 644 -6.25 -43.95 -44.79
CA GLU D 644 -6.95 -42.81 -44.24
C GLU D 644 -6.07 -41.56 -44.32
N ARG D 645 -4.79 -41.76 -44.61
CA ARG D 645 -3.87 -40.65 -44.79
C ARG D 645 -4.05 -40.01 -46.16
N LEU D 646 -4.43 -40.83 -47.15
CA LEU D 646 -4.77 -40.30 -48.46
C LEU D 646 -6.09 -39.54 -48.39
N ASP D 647 -7.02 -40.08 -47.60
CA ASP D 647 -8.29 -39.41 -47.35
C ASP D 647 -8.06 -38.09 -46.63
N THR D 648 -7.01 -38.05 -45.80
CA THR D 648 -6.65 -36.86 -45.05
C THR D 648 -6.14 -35.77 -46.00
N ALA D 649 -5.59 -36.20 -47.14
CA ALA D 649 -5.07 -35.27 -48.13
C ALA D 649 -6.20 -34.56 -48.87
N LYS D 650 -7.42 -35.05 -48.71
CA LYS D 650 -8.59 -34.43 -49.32
C LYS D 650 -9.55 -33.87 -48.27
N VAL D 657 0.55 -33.21 -48.90
CA VAL D 657 1.25 -34.48 -48.79
C VAL D 657 1.35 -34.94 -47.35
N PHE D 658 0.74 -36.09 -47.04
CA PHE D 658 0.87 -36.68 -45.72
C PHE D 658 2.24 -37.31 -45.58
N VAL D 659 3.26 -36.47 -45.36
CA VAL D 659 4.64 -36.92 -45.30
C VAL D 659 4.89 -37.90 -44.15
N VAL D 660 4.54 -37.47 -42.95
CA VAL D 660 4.77 -38.27 -41.75
C VAL D 660 3.70 -37.99 -40.71
N GLY D 661 3.49 -38.92 -39.79
CA GLY D 661 2.53 -38.74 -38.72
C GLY D 661 2.93 -37.61 -37.80
N ARG D 662 2.03 -36.65 -37.61
CA ARG D 662 2.34 -35.45 -36.85
C ARG D 662 1.31 -35.17 -35.75
N SER D 663 1.76 -34.52 -34.69
CA SER D 663 0.88 -34.13 -33.60
C SER D 663 0.30 -32.74 -33.85
N ARG D 664 -1.01 -32.60 -33.68
CA ARG D 664 -1.69 -31.35 -33.99
C ARG D 664 -2.77 -31.01 -32.96
N PRO D 665 -3.09 -29.72 -32.82
CA PRO D 665 -4.23 -29.30 -32.00
C PRO D 665 -5.54 -29.79 -32.61
N LEU D 666 -6.54 -30.05 -31.75
CA LEU D 666 -7.83 -30.54 -32.21
C LEU D 666 -8.92 -29.50 -32.00
N HIS D 670 -4.33 -26.00 -39.04
CA HIS D 670 -3.42 -26.99 -38.46
C HIS D 670 -3.63 -28.37 -39.08
N LYS D 671 -3.59 -28.42 -40.40
CA LYS D 671 -3.78 -29.68 -41.13
C LYS D 671 -2.61 -30.64 -40.91
N LEU D 672 -2.88 -31.93 -41.03
CA LEU D 672 -1.84 -32.94 -40.92
C LEU D 672 -0.96 -32.94 -42.17
N SER D 673 -1.60 -32.93 -43.33
CA SER D 673 -0.88 -32.98 -44.61
C SER D 673 -0.32 -31.60 -44.97
N TYR D 674 0.28 -31.52 -46.15
CA TYR D 674 0.93 -30.30 -46.60
C TYR D 674 0.46 -29.88 -47.99
N GLU D 675 0.76 -28.64 -48.36
CA GLU D 675 0.61 -28.20 -49.74
C GLU D 675 1.67 -28.88 -50.59
N TRP D 676 1.26 -29.43 -51.72
CA TRP D 676 2.18 -30.18 -52.59
C TRP D 676 3.35 -29.32 -53.04
N ASN D 677 3.12 -28.02 -53.16
CA ASN D 677 4.18 -27.09 -53.54
C ASN D 677 4.74 -26.37 -52.31
N LEU D 711 13.93 -29.17 -30.72
CA LEU D 711 12.88 -28.17 -30.92
C LEU D 711 11.52 -28.81 -30.99
N LEU D 712 11.44 -30.08 -30.60
CA LEU D 712 10.22 -30.86 -30.74
C LEU D 712 9.33 -30.80 -29.50
N GLU D 713 9.96 -30.85 -28.32
CA GLU D 713 9.22 -30.72 -27.07
C GLU D 713 8.62 -29.34 -26.94
N ILE D 714 9.37 -28.33 -27.37
CA ILE D 714 8.88 -26.97 -27.43
C ILE D 714 7.70 -26.89 -28.38
N ARG D 715 7.79 -27.65 -29.47
CA ARG D 715 6.71 -27.74 -30.44
C ARG D 715 5.52 -28.49 -29.86
N GLU D 716 5.80 -29.41 -28.94
CA GLU D 716 4.76 -30.16 -28.25
C GLU D 716 3.97 -29.26 -27.31
N LEU D 717 4.62 -28.20 -26.84
CA LEU D 717 3.95 -27.22 -25.98
C LEU D 717 2.92 -26.43 -26.78
N TYR D 718 3.25 -26.13 -28.03
CA TYR D 718 2.33 -25.44 -28.93
C TYR D 718 1.15 -26.33 -29.26
N VAL D 719 1.42 -27.62 -29.46
CA VAL D 719 0.36 -28.58 -29.77
C VAL D 719 -0.60 -28.72 -28.59
N ARG D 720 -0.05 -28.72 -27.38
CA ARG D 720 -0.87 -28.77 -26.18
C ARG D 720 -1.72 -27.50 -26.05
N ASP D 721 -1.10 -26.35 -26.30
CA ASP D 721 -1.79 -25.07 -26.23
C ASP D 721 -1.11 -24.03 -27.10
N PRO D 722 -1.75 -23.69 -28.24
CA PRO D 722 -1.24 -22.70 -29.19
C PRO D 722 -1.38 -21.26 -28.68
N ASN D 723 -2.17 -21.08 -27.63
CA ASN D 723 -2.38 -19.76 -27.06
C ASN D 723 -1.87 -19.67 -25.62
N ASP D 724 -0.59 -19.98 -25.43
CA ASP D 724 0.02 -19.93 -24.11
C ASP D 724 1.50 -19.55 -24.21
N VAL D 725 2.02 -18.96 -23.13
CA VAL D 725 3.41 -18.54 -23.09
C VAL D 725 4.33 -19.76 -22.92
N ARG D 726 5.60 -19.50 -22.70
CA ARG D 726 6.59 -20.56 -22.52
C ARG D 726 6.72 -21.34 -23.83
N TRP D 727 6.57 -20.63 -24.95
CA TRP D 727 6.68 -21.25 -26.26
C TRP D 727 7.77 -20.58 -27.09
N ALA D 728 7.79 -19.26 -27.08
CA ALA D 728 8.78 -18.50 -27.83
C ALA D 728 10.19 -18.75 -27.30
N TYR D 729 11.04 -19.32 -28.14
CA TYR D 729 12.42 -19.61 -27.77
C TYR D 729 13.39 -19.34 -28.92
N LEU D 730 14.53 -20.01 -28.89
CA LEU D 730 15.55 -19.84 -29.93
C LEU D 730 15.77 -21.14 -30.69
N LEU D 743 20.70 -19.19 -35.99
CA LEU D 743 20.18 -20.49 -35.59
C LEU D 743 18.68 -20.58 -35.83
N PHE D 744 18.31 -21.18 -36.96
CA PHE D 744 16.90 -21.34 -37.32
C PHE D 744 15.93 -20.20 -37.59
N PRO D 745 16.19 -19.35 -38.58
CA PRO D 745 15.36 -18.16 -38.83
C PRO D 745 13.84 -18.39 -38.99
N GLU D 746 13.06 -17.33 -38.84
CA GLU D 746 11.62 -17.34 -39.06
C GLU D 746 10.90 -18.14 -37.98
N LEU D 747 11.63 -18.47 -36.92
CA LEU D 747 11.07 -19.24 -35.82
C LEU D 747 11.54 -18.71 -34.47
N VAL D 748 12.44 -17.73 -34.51
CA VAL D 748 12.98 -17.12 -33.30
C VAL D 748 11.86 -16.56 -32.43
N GLY D 749 10.81 -16.05 -33.06
CA GLY D 749 9.69 -15.47 -32.34
C GLY D 749 8.35 -15.84 -32.96
N ILE D 750 7.45 -14.87 -33.04
CA ILE D 750 6.12 -15.08 -33.59
C ILE D 750 5.95 -14.43 -34.95
N ASP D 751 5.43 -15.20 -35.92
CA ASP D 751 5.22 -14.68 -37.26
C ASP D 751 3.90 -13.94 -37.37
N THR D 752 3.96 -12.62 -37.25
CA THR D 752 2.76 -11.79 -37.33
C THR D 752 2.01 -12.03 -38.64
N LYS D 753 2.75 -12.11 -39.73
CA LYS D 753 2.16 -12.34 -41.04
C LYS D 753 2.90 -13.43 -41.80
N ALA D 754 4.05 -13.83 -41.27
CA ALA D 754 4.86 -14.88 -41.90
C ALA D 754 5.52 -14.37 -43.18
N GLU D 756 -3.00 -16.40 -44.16
CA GLU D 756 -4.21 -16.74 -44.89
C GLU D 756 -5.33 -17.15 -43.94
N ARG D 757 -6.10 -18.16 -44.33
CA ARG D 757 -7.24 -18.62 -43.55
C ARG D 757 -6.79 -19.21 -42.21
N LYS D 758 -6.46 -18.35 -41.26
CA LYS D 758 -6.02 -18.76 -39.95
C LYS D 758 -4.79 -19.65 -40.00
N GLU D 759 -3.77 -19.22 -40.73
CA GLU D 759 -2.53 -19.97 -40.85
C GLU D 759 -1.89 -20.20 -39.49
N PRO D 760 -1.54 -21.47 -39.20
CA PRO D 760 -0.87 -21.84 -37.94
C PRO D 760 0.50 -21.20 -37.80
N GLN D 761 1.12 -21.33 -36.64
CA GLN D 761 2.47 -20.84 -36.43
C GLN D 761 3.46 -21.76 -37.14
N PRO D 762 4.59 -21.19 -37.60
CA PRO D 762 5.61 -21.95 -38.34
C PRO D 762 6.19 -23.11 -37.54
N VAL D 763 6.09 -23.05 -36.21
CA VAL D 763 6.62 -24.10 -35.35
C VAL D 763 5.76 -25.35 -35.42
N TYR D 764 4.68 -25.29 -36.20
CA TYR D 764 3.77 -26.41 -36.35
C TYR D 764 4.14 -27.26 -37.57
N TRP D 765 4.71 -26.60 -38.57
CA TRP D 765 5.12 -27.28 -39.81
C TRP D 765 6.63 -27.41 -39.89
N VAL D 766 7.30 -27.24 -38.76
CA VAL D 766 8.76 -27.33 -38.70
C VAL D 766 9.21 -28.75 -38.36
N ASP D 767 8.31 -29.71 -38.54
CA ASP D 767 8.62 -31.11 -38.26
C ASP D 767 8.43 -31.98 -39.48
N GLY D 768 7.89 -31.38 -40.54
CA GLY D 768 7.66 -32.10 -41.79
C GLY D 768 8.94 -32.64 -42.40
#